data_8OHS
#
_entry.id   8OHS
#
_cell.length_a   1.00
_cell.length_b   1.00
_cell.length_c   1.00
_cell.angle_alpha   90.00
_cell.angle_beta   90.00
_cell.angle_gamma   90.00
#
_symmetry.space_group_name_H-M   'P 1'
#
loop_
_entity.id
_entity.type
_entity.pdbx_description
1 polymer 'Dihydrolipoyllysine-residue acetyltransferase component of pyruvate dehydrogenase complex, mitochondrial'
2 polymer 'Pyruvate dehydrogenase X component'
#
loop_
_entity_poly.entity_id
_entity_poly.type
_entity_poly.pdbx_seq_one_letter_code
_entity_poly.pdbx_strand_id
1 'polypeptide(L)'
;MIVPVLSRQALRHASVARVALPSLTRWYASYPPHTVVKMPALSPTMTSGGIGAWQKKPGDKIEPGEVLVEIETDKAQMDF
EFQEEGVLAKILKDSGEKDVAVGNPIAILVEEGTDVNAFKDFTLKDAGGETSPAVPKDEPKNESTASAPTPAPTPAPEPE
NTSFTGRFQTALEREPNALPAAKRLAREKGIDLRNVKGSGPGGKITEEDVKKALASAPAAGAAAAAYTDVPISGMRKTIA
ARLKESVTENPHFFVSTNLSVSKLLKLRQALNSSADGRYKLSVNDFLIKAMGIASKRVPTVNSSWRDGVIRQFETVDVSV
AVATPNGLITPIVKGVEGKGLESISAAVKELAKKARDGKLKPEEYQGGSISISNMGMNPAVQSFTAIINPPQAAILAVGA
PQKVAVPVENEDGTTGVSWDEQIIVTASFDHKVVDGAVGAEWIRELKKVIENPLELLL
;
A,B,D,F,G,I
2 'polypeptide(L)'
;MASLTAACRISARMAGRSVRGFRTSAAALAAQNFTMPALSPTMTEGNIATWRVKEGDKFSAGDVLLEIETDKATMDVEAQ
DDGVMVKIMKNDGAKGVAVGARIAVIAEEGDDISSLEIPADAAPQSKPAESAPSAPPPPTTADQSNVAVPESAPQNASSK
SAPKPPKRQYPHYPSVAHLLKVNGIDAAAVKDITPTGPGGRLLKGDVLAYLGKINAQTPSTVSERFEKQSHLDLSNIKVA
KSTEAVKATTEKAQSKKLDAPAPPPVAVVTAPISLSAAIDVQNKLHKTIGVFLPLSTFITRATEIANQKLPLPANYQPTA
DELFNQVLGLDKVTRKESRGSYTPTFGSFVAPQRAARKADIIDILAAPSTRVAASAQSKSAAPGLTTSGPNVFSLQVPKS
EEKRAQAFLQKMKLVLEQEPDKLVRA
;
C,E,H
#
# COMPACT_ATOMS: atom_id res chain seq x y z
N ALA A 226 -5.32 -44.78 -2.64
CA ALA A 226 -5.89 -44.49 -1.31
C ALA A 226 -6.72 -43.21 -1.35
N TYR A 227 -7.99 -43.30 -0.97
CA TYR A 227 -8.88 -42.12 -0.99
C TYR A 227 -10.20 -42.50 -0.33
N THR A 228 -11.11 -41.55 -0.20
CA THR A 228 -12.46 -41.84 0.36
C THR A 228 -13.51 -41.12 -0.48
N ASP A 229 -14.74 -41.61 -0.44
CA ASP A 229 -15.84 -40.99 -1.23
C ASP A 229 -17.02 -40.69 -0.33
N VAL A 230 -17.68 -39.55 -0.56
CA VAL A 230 -18.88 -39.18 0.24
C VAL A 230 -20.00 -38.86 -0.76
N PRO A 231 -21.23 -39.40 -0.62
CA PRO A 231 -22.28 -39.09 -1.58
C PRO A 231 -22.63 -37.61 -1.60
N ILE A 232 -22.93 -37.10 -2.79
CA ILE A 232 -23.28 -35.65 -2.91
C ILE A 232 -24.63 -35.41 -2.22
N SER A 233 -24.72 -34.31 -1.48
CA SER A 233 -25.97 -34.01 -0.73
C SER A 233 -27.07 -33.54 -1.69
N GLY A 234 -28.33 -33.71 -1.30
CA GLY A 234 -29.43 -33.20 -2.12
C GLY A 234 -29.41 -31.69 -2.22
N MET A 235 -29.03 -31.02 -1.13
CA MET A 235 -29.01 -29.55 -1.12
C MET A 235 -27.77 -29.00 -1.86
N ARG A 236 -26.75 -29.83 -2.07
CA ARG A 236 -25.50 -29.32 -2.68
C ARG A 236 -25.71 -29.13 -4.19
N LYS A 237 -26.55 -29.96 -4.83
CA LYS A 237 -26.86 -29.78 -6.27
C LYS A 237 -27.86 -28.63 -6.43
N THR A 238 -28.81 -28.53 -5.50
CA THR A 238 -29.72 -27.36 -5.63
C THR A 238 -28.93 -26.06 -5.72
N ILE A 239 -27.80 -26.00 -5.02
CA ILE A 239 -26.94 -24.79 -5.09
C ILE A 239 -25.92 -24.91 -6.25
N ALA A 240 -25.47 -26.13 -6.55
CA ALA A 240 -24.51 -26.31 -7.65
C ALA A 240 -25.14 -25.88 -8.97
N ALA A 241 -26.36 -26.35 -9.23
CA ALA A 241 -27.04 -25.98 -10.49
C ALA A 241 -27.24 -24.46 -10.55
N ARG A 242 -27.64 -23.85 -9.43
CA ARG A 242 -27.91 -22.40 -9.40
C ARG A 242 -26.62 -21.62 -9.69
N LEU A 243 -25.53 -21.96 -9.01
CA LEU A 243 -24.22 -21.30 -9.26
C LEU A 243 -23.80 -21.52 -10.71
N LYS A 244 -24.04 -22.71 -11.25
CA LYS A 244 -23.61 -22.98 -12.64
C LYS A 244 -24.48 -22.19 -13.62
N GLU A 245 -25.72 -21.90 -13.24
CA GLU A 245 -26.61 -21.10 -14.10
C GLU A 245 -26.23 -19.62 -14.05
N SER A 246 -25.78 -19.14 -12.90
CA SER A 246 -25.47 -17.70 -12.77
C SER A 246 -24.30 -17.31 -13.68
N VAL A 247 -23.24 -18.10 -13.69
CA VAL A 247 -22.04 -17.73 -14.48
C VAL A 247 -22.37 -17.69 -15.98
N THR A 248 -23.13 -18.67 -16.45
CA THR A 248 -23.45 -18.73 -17.90
C THR A 248 -24.59 -17.80 -18.28
N GLU A 249 -25.20 -17.10 -17.32
CA GLU A 249 -26.37 -16.23 -17.61
C GLU A 249 -26.03 -14.76 -17.37
N ASN A 250 -25.03 -14.47 -16.54
CA ASN A 250 -24.70 -13.08 -16.18
C ASN A 250 -23.22 -12.83 -16.43
N PRO A 251 -22.83 -12.04 -17.45
CA PRO A 251 -21.43 -11.64 -17.56
C PRO A 251 -21.05 -10.81 -16.33
N HIS A 252 -19.81 -10.96 -15.89
CA HIS A 252 -19.37 -10.29 -14.64
C HIS A 252 -18.25 -9.29 -14.91
N PHE A 253 -18.29 -8.16 -14.22
CA PHE A 253 -17.13 -7.24 -14.25
C PHE A 253 -17.01 -6.64 -12.85
N PHE A 254 -15.77 -6.58 -12.36
CA PHE A 254 -15.59 -6.15 -10.96
C PHE A 254 -14.98 -4.75 -10.86
N VAL A 255 -15.18 -4.11 -9.73
CA VAL A 255 -14.64 -2.76 -9.41
C VAL A 255 -14.15 -2.82 -7.98
N SER A 256 -13.02 -2.16 -7.71
CA SER A 256 -12.41 -2.21 -6.36
C SER A 256 -12.17 -0.79 -5.86
N THR A 257 -12.19 -0.65 -4.55
CA THR A 257 -11.90 0.67 -3.95
C THR A 257 -11.36 0.47 -2.55
N ASN A 258 -10.73 1.53 -2.04
CA ASN A 258 -10.20 1.52 -0.67
C ASN A 258 -10.90 2.60 0.14
N LEU A 259 -11.37 2.24 1.33
CA LEU A 259 -12.10 3.20 2.19
C LEU A 259 -11.37 3.39 3.51
N SER A 260 -11.30 4.63 3.97
CA SER A 260 -10.73 4.93 5.30
C SER A 260 -11.88 4.94 6.30
N VAL A 261 -11.69 4.22 7.41
CA VAL A 261 -12.81 4.02 8.37
C VAL A 261 -12.38 4.42 9.78
N SER A 262 -11.41 5.32 9.90
CA SER A 262 -11.03 5.80 11.25
C SER A 262 -12.18 6.61 11.84
N LYS A 263 -12.75 7.53 11.06
CA LYS A 263 -13.83 8.39 11.61
C LYS A 263 -15.03 7.53 11.97
N LEU A 264 -15.33 6.52 11.15
CA LEU A 264 -16.47 5.62 11.47
C LEU A 264 -16.21 4.88 12.79
N LEU A 265 -14.99 4.41 13.01
CA LEU A 265 -14.69 3.74 14.29
C LEU A 265 -14.83 4.72 15.45
N LYS A 266 -14.35 5.96 15.28
CA LYS A 266 -14.51 6.95 16.37
C LYS A 266 -16.00 7.18 16.64
N LEU A 267 -16.79 7.31 15.58
CA LEU A 267 -18.25 7.53 15.75
C LEU A 267 -18.83 6.35 16.52
N ARG A 268 -18.53 5.13 16.07
CA ARG A 268 -19.09 3.92 16.72
C ARG A 268 -18.70 3.89 18.20
N GLN A 269 -17.44 4.21 18.51
CA GLN A 269 -17.03 4.22 19.92
C GLN A 269 -17.80 5.30 20.69
N ALA A 270 -18.06 6.43 20.05
CA ALA A 270 -18.79 7.51 20.73
C ALA A 270 -20.25 7.09 20.98
N LEU A 271 -20.83 6.32 20.05
CA LEU A 271 -22.26 5.96 20.17
C LEU A 271 -22.48 4.64 20.92
N ASN A 272 -21.43 3.88 21.18
CA ASN A 272 -21.54 2.60 21.94
C ASN A 272 -21.21 2.80 23.42
N SER A 273 -20.87 4.02 23.84
CA SER A 273 -20.57 4.30 25.27
C SER A 273 -21.65 5.17 25.92
N SER A 274 -22.41 5.93 25.13
CA SER A 274 -23.51 6.76 25.67
C SER A 274 -24.78 5.92 25.90
N ALA A 275 -24.71 4.61 25.68
CA ALA A 275 -25.88 3.73 25.92
C ALA A 275 -25.75 3.01 27.26
N ASP A 276 -26.87 2.48 27.75
CA ASP A 276 -26.91 1.79 29.06
C ASP A 276 -27.07 0.28 28.90
N GLY A 277 -27.12 -0.22 27.66
CA GLY A 277 -27.36 -1.67 27.42
C GLY A 277 -28.44 -1.91 26.39
N ARG A 278 -29.05 -0.86 25.87
CA ARG A 278 -30.17 -1.03 24.92
C ARG A 278 -29.69 -1.70 23.63
N TYR A 279 -28.51 -1.31 23.14
CA TYR A 279 -28.07 -1.80 21.81
C TYR A 279 -26.55 -1.91 21.77
N LYS A 280 -26.05 -2.37 20.63
CA LYS A 280 -24.59 -2.40 20.39
C LYS A 280 -24.42 -2.50 18.88
N LEU A 281 -23.62 -1.60 18.31
CA LEU A 281 -23.55 -1.47 16.85
C LEU A 281 -22.33 -2.17 16.26
N SER A 282 -22.25 -2.16 14.94
CA SER A 282 -21.13 -2.80 14.22
C SER A 282 -20.97 -2.12 12.87
N VAL A 283 -19.88 -2.43 12.17
CA VAL A 283 -19.57 -1.73 10.89
C VAL A 283 -20.60 -2.13 9.83
N ASN A 284 -21.07 -3.36 9.87
CA ASN A 284 -21.98 -3.86 8.80
C ASN A 284 -23.23 -2.99 8.69
N ASP A 285 -23.76 -2.55 9.82
CA ASP A 285 -24.98 -1.70 9.80
C ASP A 285 -24.69 -0.38 9.08
N PHE A 286 -23.53 0.22 9.38
CA PHE A 286 -23.16 1.47 8.70
C PHE A 286 -23.05 1.23 7.20
N LEU A 287 -22.41 0.14 6.81
CA LEU A 287 -22.23 -0.14 5.37
C LEU A 287 -23.59 -0.39 4.72
N ILE A 288 -24.49 -1.07 5.42
CA ILE A 288 -25.85 -1.34 4.87
C ILE A 288 -26.57 -0.01 4.63
N LYS A 289 -26.54 0.88 5.61
CA LYS A 289 -27.26 2.16 5.46
C LYS A 289 -26.64 2.99 4.33
N ALA A 290 -25.31 3.04 4.28
CA ALA A 290 -24.63 3.80 3.21
C ALA A 290 -24.96 3.19 1.85
N MET A 291 -25.04 1.85 1.81
CA MET A 291 -25.42 1.16 0.56
C MET A 291 -26.80 1.67 0.14
N GLY A 292 -27.75 1.70 1.08
CA GLY A 292 -29.10 2.15 0.75
C GLY A 292 -29.11 3.56 0.19
N ILE A 293 -28.35 4.46 0.80
CA ILE A 293 -28.30 5.86 0.31
C ILE A 293 -27.71 5.88 -1.10
N ALA A 294 -26.61 5.17 -1.31
CA ALA A 294 -25.96 5.16 -2.64
C ALA A 294 -26.92 4.56 -3.67
N SER A 295 -27.64 3.51 -3.30
CA SER A 295 -28.67 2.95 -4.22
C SER A 295 -29.70 4.01 -4.57
N LYS A 296 -30.10 4.81 -3.58
CA LYS A 296 -31.13 5.84 -3.85
C LYS A 296 -30.60 6.88 -4.82
N ARG A 297 -29.33 7.28 -4.67
CA ARG A 297 -28.79 8.34 -5.55
C ARG A 297 -28.63 7.81 -6.97
N VAL A 298 -28.19 6.55 -7.11
CA VAL A 298 -28.04 5.93 -8.44
C VAL A 298 -29.01 4.76 -8.52
N PRO A 299 -30.22 4.92 -9.07
CA PRO A 299 -31.20 3.83 -9.02
C PRO A 299 -31.01 2.73 -10.08
N THR A 300 -30.12 2.93 -11.05
CA THR A 300 -29.95 1.95 -12.13
C THR A 300 -29.45 0.59 -11.60
N VAL A 301 -28.81 0.59 -10.43
CA VAL A 301 -28.31 -0.68 -9.86
C VAL A 301 -29.43 -1.39 -9.11
N ASN A 302 -30.32 -0.60 -8.51
CA ASN A 302 -31.48 -1.19 -7.79
C ASN A 302 -32.48 -1.70 -8.83
N SER A 303 -32.01 -2.61 -9.69
CA SER A 303 -32.87 -3.09 -10.80
C SER A 303 -32.70 -4.59 -10.97
N SER A 304 -33.38 -5.14 -11.98
CA SER A 304 -33.29 -6.60 -12.24
C SER A 304 -33.57 -6.87 -13.71
N TRP A 305 -33.09 -8.02 -14.19
CA TRP A 305 -33.29 -8.41 -15.60
C TRP A 305 -34.28 -9.58 -15.65
N ARG A 306 -35.45 -9.34 -16.23
CA ARG A 306 -36.47 -10.41 -16.36
C ARG A 306 -36.46 -10.96 -17.78
N ASP A 307 -37.45 -11.78 -18.13
CA ASP A 307 -37.46 -12.47 -19.46
C ASP A 307 -37.33 -11.48 -20.61
N GLY A 308 -38.20 -10.46 -20.64
CA GLY A 308 -38.17 -9.51 -21.77
C GLY A 308 -38.50 -8.09 -21.32
N VAL A 309 -38.19 -7.78 -20.07
CA VAL A 309 -38.48 -6.41 -19.54
C VAL A 309 -37.50 -6.13 -18.40
N ILE A 310 -37.16 -4.85 -18.22
CA ILE A 310 -36.27 -4.47 -17.07
C ILE A 310 -37.16 -4.11 -15.89
N ARG A 311 -36.74 -4.53 -14.69
CA ARG A 311 -37.52 -4.21 -13.47
C ARG A 311 -36.76 -3.15 -12.67
N GLN A 312 -37.43 -2.06 -12.35
CA GLN A 312 -36.81 -0.98 -11.55
C GLN A 312 -37.62 -0.81 -10.27
N PHE A 313 -36.93 -0.86 -9.13
CA PHE A 313 -37.63 -0.77 -7.83
C PHE A 313 -37.55 0.64 -7.26
N GLU A 314 -38.17 0.84 -6.10
CA GLU A 314 -38.12 2.17 -5.42
C GLU A 314 -37.87 1.91 -3.93
N THR A 315 -37.85 0.64 -3.55
CA THR A 315 -37.55 0.31 -2.13
C THR A 315 -36.30 -0.55 -2.13
N VAL A 316 -35.44 -0.33 -1.13
CA VAL A 316 -34.14 -1.04 -1.09
C VAL A 316 -34.23 -2.19 -0.09
N ASP A 317 -34.04 -3.41 -0.58
CA ASP A 317 -33.97 -4.60 0.29
C ASP A 317 -32.58 -5.19 0.12
N VAL A 318 -31.93 -5.45 1.25
CA VAL A 318 -30.53 -5.93 1.22
C VAL A 318 -30.47 -7.37 1.73
N SER A 319 -29.65 -8.18 1.06
CA SER A 319 -29.50 -9.60 1.46
C SER A 319 -28.16 -9.78 2.17
N VAL A 320 -28.22 -10.25 3.41
CA VAL A 320 -26.99 -10.50 4.21
C VAL A 320 -26.72 -12.00 4.22
N ALA A 321 -25.43 -12.36 4.24
CA ALA A 321 -25.05 -13.79 4.17
C ALA A 321 -24.69 -14.30 5.56
N VAL A 322 -25.28 -15.44 5.93
CA VAL A 322 -24.97 -16.09 7.24
C VAL A 322 -24.45 -17.50 6.95
N ALA A 323 -23.30 -17.84 7.53
CA ALA A 323 -22.69 -19.16 7.29
C ALA A 323 -23.04 -20.12 8.44
N THR A 324 -23.46 -21.33 8.08
CA THR A 324 -23.80 -22.36 9.09
C THR A 324 -23.20 -23.67 8.60
N PRO A 325 -22.99 -24.69 9.47
CA PRO A 325 -22.46 -25.97 9.00
C PRO A 325 -23.33 -26.62 7.91
N ASN A 326 -24.64 -26.35 7.94
CA ASN A 326 -25.55 -26.89 6.89
C ASN A 326 -25.46 -26.00 5.65
N GLY A 327 -24.41 -25.19 5.56
CA GLY A 327 -24.22 -24.29 4.39
C GLY A 327 -24.56 -22.85 4.72
N LEU A 328 -24.35 -21.94 3.76
CA LEU A 328 -24.62 -20.50 3.99
C LEU A 328 -26.12 -20.21 3.84
N ILE A 329 -26.59 -19.08 4.35
CA ILE A 329 -28.01 -18.69 4.19
C ILE A 329 -28.06 -17.18 3.98
N THR A 330 -29.19 -16.65 3.52
CA THR A 330 -29.25 -15.20 3.19
C THR A 330 -30.46 -14.54 3.84
N PRO A 331 -30.41 -14.16 5.14
CA PRO A 331 -31.51 -13.43 5.77
C PRO A 331 -31.72 -12.12 5.01
N ILE A 332 -32.93 -11.54 5.08
CA ILE A 332 -33.21 -10.31 4.27
C ILE A 332 -33.68 -9.18 5.20
N VAL A 333 -33.28 -7.94 4.90
CA VAL A 333 -33.68 -6.75 5.71
C VAL A 333 -34.49 -5.85 4.79
N LYS A 334 -35.62 -5.36 5.29
CA LYS A 334 -36.54 -4.56 4.45
C LYS A 334 -36.66 -3.12 4.96
N GLY A 335 -36.94 -2.21 4.05
CA GLY A 335 -37.14 -0.81 4.44
C GLY A 335 -35.89 -0.18 5.04
N VAL A 336 -34.75 -0.44 4.44
CA VAL A 336 -33.47 0.09 4.98
C VAL A 336 -33.41 1.62 4.80
N GLU A 337 -33.90 2.12 3.66
CA GLU A 337 -33.82 3.58 3.37
C GLU A 337 -34.45 4.36 4.53
N GLY A 338 -35.67 3.99 4.92
CA GLY A 338 -36.37 4.66 6.03
C GLY A 338 -36.23 3.92 7.34
N LYS A 339 -35.00 3.83 7.84
CA LYS A 339 -34.76 3.07 9.08
C LYS A 339 -33.51 3.60 9.77
N GLY A 340 -33.33 3.17 11.01
CA GLY A 340 -32.15 3.57 11.79
C GLY A 340 -31.24 2.39 12.08
N LEU A 341 -30.10 2.67 12.69
CA LEU A 341 -29.10 1.60 12.92
C LEU A 341 -29.64 0.57 13.92
N GLU A 342 -30.34 1.02 14.95
CA GLU A 342 -30.81 0.09 16.00
C GLU A 342 -31.74 -0.99 15.41
N SER A 343 -32.71 -0.57 14.61
CA SER A 343 -33.65 -1.56 14.02
C SER A 343 -32.90 -2.52 13.11
N ILE A 344 -31.96 -2.00 12.33
CA ILE A 344 -31.19 -2.86 11.39
C ILE A 344 -30.42 -3.90 12.19
N SER A 345 -29.77 -3.47 13.26
CA SER A 345 -28.98 -4.43 14.09
C SER A 345 -29.90 -5.48 14.70
N ALA A 346 -31.03 -5.04 15.26
CA ALA A 346 -31.95 -5.99 15.91
C ALA A 346 -32.47 -7.01 14.90
N ALA A 347 -32.84 -6.54 13.71
CA ALA A 347 -33.34 -7.47 12.67
C ALA A 347 -32.23 -8.44 12.25
N VAL A 348 -31.04 -7.91 11.98
CA VAL A 348 -29.93 -8.78 11.51
C VAL A 348 -29.59 -9.83 12.57
N LYS A 349 -29.77 -9.50 13.85
CA LYS A 349 -29.37 -10.47 14.89
C LYS A 349 -30.48 -11.47 15.15
N GLU A 350 -31.74 -11.02 15.15
CA GLU A 350 -32.86 -11.97 15.29
C GLU A 350 -32.80 -12.97 14.13
N LEU A 351 -32.62 -12.47 12.91
CA LEU A 351 -32.61 -13.38 11.75
C LEU A 351 -31.37 -14.29 11.80
N ALA A 352 -30.23 -13.77 12.24
CA ALA A 352 -29.03 -14.63 12.34
C ALA A 352 -29.30 -15.76 13.35
N LYS A 353 -29.92 -15.43 14.47
CA LYS A 353 -30.23 -16.46 15.49
C LYS A 353 -31.17 -17.51 14.90
N LYS A 354 -32.24 -17.08 14.23
CA LYS A 354 -33.19 -18.06 13.68
C LYS A 354 -32.54 -18.88 12.56
N ALA A 355 -31.66 -18.25 11.78
CA ALA A 355 -30.95 -19.01 10.73
C ALA A 355 -30.05 -20.07 11.37
N ARG A 356 -29.37 -19.73 12.46
CA ARG A 356 -28.51 -20.72 13.13
C ARG A 356 -29.34 -21.83 13.76
N ASP A 357 -30.53 -21.48 14.25
CA ASP A 357 -31.39 -22.49 14.94
C ASP A 357 -32.26 -23.27 13.96
N GLY A 358 -32.21 -22.95 12.67
CA GLY A 358 -32.93 -23.76 11.67
C GLY A 358 -34.43 -23.73 11.78
N LYS A 359 -35.03 -22.55 11.95
CA LYS A 359 -36.51 -22.43 11.94
C LYS A 359 -36.88 -21.23 11.07
N LEU A 360 -36.25 -21.13 9.90
CA LEU A 360 -36.47 -19.95 9.02
C LEU A 360 -37.56 -20.26 8.01
N LYS A 361 -38.52 -19.35 7.91
CA LYS A 361 -39.61 -19.52 6.92
C LYS A 361 -39.06 -19.27 5.51
N PRO A 362 -39.68 -19.84 4.45
CA PRO A 362 -39.13 -19.65 3.11
C PRO A 362 -39.26 -18.20 2.60
N GLU A 363 -40.42 -17.57 2.82
CA GLU A 363 -40.65 -16.18 2.33
C GLU A 363 -39.54 -15.25 2.82
N GLU A 364 -38.94 -15.54 3.98
CA GLU A 364 -37.95 -14.61 4.58
C GLU A 364 -36.63 -14.60 3.81
N TYR A 365 -36.33 -15.60 2.97
CA TYR A 365 -35.10 -15.57 2.13
C TYR A 365 -35.43 -15.89 0.67
N GLN A 366 -36.14 -14.99 -0.01
CA GLN A 366 -36.57 -15.28 -1.40
C GLN A 366 -35.98 -14.26 -2.38
N GLY A 367 -36.09 -12.96 -2.10
CA GLY A 367 -35.64 -11.97 -3.09
C GLY A 367 -35.22 -10.66 -2.49
N GLY A 368 -34.25 -10.02 -3.13
CA GLY A 368 -33.79 -8.68 -2.72
C GLY A 368 -33.36 -7.92 -3.95
N SER A 369 -32.59 -6.85 -3.74
CA SER A 369 -32.06 -6.05 -4.86
C SER A 369 -30.53 -6.08 -4.87
N ILE A 370 -29.92 -6.11 -3.68
CA ILE A 370 -28.43 -6.12 -3.57
C ILE A 370 -28.07 -7.12 -2.49
N SER A 371 -26.87 -7.69 -2.61
CA SER A 371 -26.38 -8.68 -1.62
C SER A 371 -25.03 -8.22 -1.10
N ILE A 372 -24.80 -8.51 0.19
CA ILE A 372 -23.53 -8.08 0.85
C ILE A 372 -22.87 -9.30 1.48
N SER A 373 -21.54 -9.31 1.47
CA SER A 373 -20.77 -10.37 2.15
C SER A 373 -19.64 -9.70 2.90
N ASN A 374 -19.40 -10.14 4.15
CA ASN A 374 -18.33 -9.57 4.97
C ASN A 374 -17.47 -10.72 5.49
N MET A 375 -16.15 -10.50 5.57
CA MET A 375 -15.22 -11.54 6.09
C MET A 375 -14.23 -10.88 7.05
N GLY A 376 -14.61 -9.77 7.68
CA GLY A 376 -13.69 -9.04 8.56
C GLY A 376 -13.42 -9.81 9.85
N MET A 377 -14.07 -10.96 10.06
CA MET A 377 -13.75 -11.76 11.26
C MET A 377 -12.40 -12.46 11.10
N ASN A 378 -11.94 -12.63 9.87
CA ASN A 378 -10.64 -13.31 9.60
C ASN A 378 -9.63 -12.26 9.17
N PRO A 379 -8.54 -11.96 9.90
CA PRO A 379 -7.64 -10.89 9.47
C PRO A 379 -6.82 -11.25 8.22
N ALA A 380 -6.88 -12.50 7.75
CA ALA A 380 -6.01 -12.93 6.62
C ALA A 380 -6.67 -12.69 5.26
N VAL A 381 -7.87 -12.09 5.24
CA VAL A 381 -8.59 -11.85 3.96
C VAL A 381 -8.54 -10.35 3.69
N GLN A 382 -7.73 -9.95 2.72
CA GLN A 382 -7.61 -8.50 2.40
C GLN A 382 -8.71 -8.11 1.42
N SER A 383 -8.90 -8.91 0.37
CA SER A 383 -9.96 -8.62 -0.63
C SER A 383 -10.35 -9.93 -1.29
N PHE A 384 -11.60 -10.04 -1.71
CA PHE A 384 -12.03 -11.28 -2.37
C PHE A 384 -13.21 -11.01 -3.29
N THR A 385 -13.59 -12.01 -4.07
CA THR A 385 -14.69 -11.84 -5.06
C THR A 385 -15.87 -12.71 -4.65
N ALA A 386 -17.05 -12.44 -5.18
CA ALA A 386 -18.27 -13.20 -4.89
C ALA A 386 -19.10 -13.36 -6.16
N ILE A 387 -19.97 -14.35 -6.16
CA ILE A 387 -20.85 -14.61 -7.35
C ILE A 387 -22.18 -13.89 -7.12
N ILE A 388 -22.75 -13.39 -8.22
CA ILE A 388 -24.04 -12.66 -8.13
C ILE A 388 -25.19 -13.67 -8.07
N ASN A 389 -26.22 -13.34 -7.30
CA ASN A 389 -27.41 -14.21 -7.23
C ASN A 389 -28.19 -14.15 -8.54
N PRO A 390 -29.04 -15.14 -8.86
CA PRO A 390 -29.67 -15.19 -10.18
C PRO A 390 -30.50 -13.96 -10.53
N PRO A 391 -31.50 -13.55 -9.71
CA PRO A 391 -32.36 -12.46 -10.14
C PRO A 391 -31.76 -11.07 -9.88
N GLN A 392 -30.63 -11.01 -9.18
CA GLN A 392 -30.05 -9.70 -8.80
C GLN A 392 -28.98 -9.28 -9.79
N ALA A 393 -28.57 -8.01 -9.72
CA ALA A 393 -27.61 -7.45 -10.72
C ALA A 393 -26.40 -6.82 -10.04
N ALA A 394 -26.14 -7.12 -8.78
CA ALA A 394 -24.93 -6.59 -8.12
C ALA A 394 -24.68 -7.34 -6.82
N ILE A 395 -23.43 -7.33 -6.39
CA ILE A 395 -23.08 -7.91 -5.07
C ILE A 395 -21.85 -7.17 -4.55
N LEU A 396 -21.79 -7.01 -3.22
CA LEU A 396 -20.64 -6.32 -2.59
C LEU A 396 -19.91 -7.28 -1.65
N ALA A 397 -18.59 -7.20 -1.69
CA ALA A 397 -17.73 -8.03 -0.81
C ALA A 397 -16.83 -7.11 -0.01
N VAL A 398 -16.80 -7.34 1.30
CA VAL A 398 -15.99 -6.50 2.20
C VAL A 398 -14.86 -7.34 2.78
N GLY A 399 -13.68 -6.74 2.87
CA GLY A 399 -12.53 -7.44 3.44
C GLY A 399 -12.26 -7.07 4.87
N ALA A 400 -11.04 -7.36 5.34
CA ALA A 400 -10.64 -7.09 6.73
C ALA A 400 -9.81 -5.81 6.78
N PRO A 401 -9.76 -5.09 7.92
CA PRO A 401 -9.00 -3.85 7.93
C PRO A 401 -7.49 -4.09 7.92
N GLN A 402 -6.77 -3.04 7.53
CA GLN A 402 -5.30 -3.10 7.50
C GLN A 402 -4.79 -1.68 7.70
N LYS A 403 -3.46 -1.54 7.85
CA LYS A 403 -2.87 -0.20 8.13
C LYS A 403 -1.92 0.21 6.99
N VAL A 404 -2.01 1.47 6.59
CA VAL A 404 -1.15 2.01 5.51
C VAL A 404 -0.66 3.41 5.86
N ALA A 405 0.43 3.84 5.21
CA ALA A 405 0.98 5.18 5.43
C ALA A 405 0.31 6.20 4.52
N VAL A 406 0.05 7.39 5.06
CA VAL A 406 -0.57 8.49 4.28
C VAL A 406 0.18 9.79 4.58
N PRO A 407 0.14 10.80 3.69
CA PRO A 407 0.78 12.07 3.96
C PRO A 407 -0.09 13.03 4.76
N VAL A 408 0.53 13.67 5.77
CA VAL A 408 -0.19 14.66 6.61
C VAL A 408 0.58 15.98 6.56
N GLU A 409 -0.16 17.08 6.36
CA GLU A 409 0.48 18.42 6.32
C GLU A 409 0.58 18.94 7.75
N ASN A 410 1.72 18.69 8.37
CA ASN A 410 1.95 19.14 9.76
C ASN A 410 1.87 20.66 9.84
N GLU A 411 1.33 21.17 10.94
CA GLU A 411 1.14 22.63 11.09
C GLU A 411 2.45 23.41 10.98
N ASP A 412 3.59 22.76 11.23
CA ASP A 412 4.89 23.45 11.13
C ASP A 412 5.22 23.84 9.69
N GLY A 413 4.52 23.28 8.70
CA GLY A 413 4.77 23.62 7.29
C GLY A 413 5.60 22.58 6.56
N THR A 414 5.37 21.31 6.89
CA THR A 414 6.13 20.20 6.26
C THR A 414 5.15 19.07 5.96
N THR A 415 5.70 17.93 5.54
CA THR A 415 4.87 16.74 5.25
C THR A 415 5.38 15.58 6.11
N GLY A 416 4.45 14.89 6.76
CA GLY A 416 4.82 13.79 7.64
C GLY A 416 4.03 12.53 7.35
N VAL A 417 4.40 11.47 8.06
CA VAL A 417 3.77 10.14 7.82
C VAL A 417 2.74 9.90 8.90
N SER A 418 1.54 9.51 8.47
CA SER A 418 0.47 9.13 9.43
C SER A 418 0.03 7.72 9.08
N TRP A 419 -0.46 7.01 10.08
CA TRP A 419 -0.87 5.60 9.89
C TRP A 419 -2.39 5.51 9.90
N ASP A 420 -2.94 5.35 8.72
CA ASP A 420 -4.41 5.27 8.58
C ASP A 420 -4.81 3.82 8.49
N GLU A 421 -6.05 3.54 8.88
CA GLU A 421 -6.61 2.18 8.78
C GLU A 421 -7.60 2.15 7.63
N GLN A 422 -7.46 1.15 6.76
CA GLN A 422 -8.29 1.09 5.54
C GLN A 422 -8.88 -0.30 5.35
N ILE A 423 -9.95 -0.34 4.57
CA ILE A 423 -10.55 -1.63 4.15
C ILE A 423 -10.63 -1.56 2.62
N ILE A 424 -10.59 -2.74 1.99
CA ILE A 424 -10.70 -2.82 0.51
C ILE A 424 -12.05 -3.44 0.19
N VAL A 425 -12.83 -2.74 -0.59
CA VAL A 425 -14.21 -3.19 -0.93
C VAL A 425 -14.25 -3.53 -2.42
N THR A 426 -14.80 -4.70 -2.71
CA THR A 426 -14.95 -5.14 -4.11
C THR A 426 -16.43 -5.24 -4.45
N ALA A 427 -16.80 -4.79 -5.65
CA ALA A 427 -18.19 -4.86 -6.11
C ALA A 427 -18.22 -5.58 -7.45
N SER A 428 -19.10 -6.56 -7.56
CA SER A 428 -19.27 -7.32 -8.82
C SER A 428 -20.59 -6.91 -9.45
N PHE A 429 -20.55 -6.59 -10.74
CA PHE A 429 -21.74 -6.07 -11.44
C PHE A 429 -21.98 -6.84 -12.73
N ASP A 430 -23.25 -6.91 -13.11
CA ASP A 430 -23.61 -7.50 -14.42
C ASP A 430 -23.56 -6.39 -15.47
N HIS A 431 -23.18 -6.74 -16.68
CA HIS A 431 -22.98 -5.74 -17.76
C HIS A 431 -24.17 -5.64 -18.70
N LYS A 432 -25.27 -6.35 -18.43
CA LYS A 432 -26.50 -6.17 -19.24
C LYS A 432 -27.39 -5.08 -18.64
N VAL A 433 -27.34 -4.89 -17.33
CA VAL A 433 -28.20 -3.87 -16.66
C VAL A 433 -27.36 -2.68 -16.21
N VAL A 434 -26.04 -2.84 -16.07
CA VAL A 434 -25.18 -1.76 -15.53
C VAL A 434 -24.01 -1.57 -16.49
N ASP A 435 -23.43 -0.38 -16.49
CA ASP A 435 -22.23 -0.07 -17.29
C ASP A 435 -21.10 0.35 -16.35
N GLY A 436 -19.91 0.53 -16.91
CA GLY A 436 -18.75 0.87 -16.08
C GLY A 436 -18.93 2.20 -15.37
N ALA A 437 -19.42 3.20 -16.08
CA ALA A 437 -19.56 4.55 -15.47
C ALA A 437 -20.55 4.50 -14.32
N VAL A 438 -21.64 3.75 -14.49
CA VAL A 438 -22.67 3.67 -13.42
C VAL A 438 -22.06 3.04 -12.17
N GLY A 439 -21.31 1.95 -12.35
CA GLY A 439 -20.66 1.32 -11.19
C GLY A 439 -19.63 2.24 -10.55
N ALA A 440 -18.89 2.98 -11.37
CA ALA A 440 -17.88 3.92 -10.81
C ALA A 440 -18.59 5.00 -9.99
N GLU A 441 -19.70 5.53 -10.50
CA GLU A 441 -20.45 6.55 -9.74
C GLU A 441 -21.00 5.93 -8.45
N TRP A 442 -21.51 4.71 -8.52
CA TRP A 442 -22.02 4.02 -7.31
C TRP A 442 -20.92 3.92 -6.25
N ILE A 443 -19.73 3.51 -6.68
CA ILE A 443 -18.60 3.39 -5.72
C ILE A 443 -18.27 4.78 -5.16
N ARG A 444 -18.33 5.80 -6.00
CA ARG A 444 -18.03 7.17 -5.51
C ARG A 444 -19.03 7.59 -4.43
N GLU A 445 -20.33 7.33 -4.65
CA GLU A 445 -21.31 7.76 -3.63
C GLU A 445 -21.09 6.97 -2.33
N LEU A 446 -20.84 5.67 -2.44
CA LEU A 446 -20.57 4.86 -1.23
C LEU A 446 -19.35 5.42 -0.49
N LYS A 447 -18.28 5.71 -1.23
CA LYS A 447 -17.04 6.21 -0.58
C LYS A 447 -17.32 7.55 0.11
N LYS A 448 -17.96 8.47 -0.60
CA LYS A 448 -18.26 9.80 -0.02
C LYS A 448 -19.09 9.64 1.27
N VAL A 449 -20.05 8.73 1.26
CA VAL A 449 -20.89 8.55 2.46
C VAL A 449 -20.08 7.92 3.60
N ILE A 450 -19.13 7.05 3.27
CA ILE A 450 -18.39 6.33 4.35
C ILE A 450 -17.31 7.23 4.96
N GLU A 451 -16.44 7.81 4.12
CA GLU A 451 -15.33 8.64 4.64
C GLU A 451 -15.87 9.80 5.48
N ASN A 452 -16.96 10.44 5.03
CA ASN A 452 -17.64 11.46 5.86
C ASN A 452 -18.83 10.78 6.50
N PRO A 453 -18.80 10.38 7.79
CA PRO A 453 -19.90 9.57 8.34
C PRO A 453 -21.13 10.38 8.73
N LEU A 454 -20.94 11.66 9.03
CA LEU A 454 -22.07 12.51 9.48
C LEU A 454 -23.13 12.56 8.37
N GLU A 455 -22.70 12.44 7.12
CA GLU A 455 -23.64 12.50 5.96
C GLU A 455 -24.60 11.31 5.97
N LEU A 456 -24.39 10.34 6.87
CA LEU A 456 -25.32 9.19 6.97
C LEU A 456 -26.68 9.74 7.39
N LEU A 457 -26.68 10.78 8.22
CA LEU A 457 -27.96 11.43 8.62
C LEU A 457 -28.62 11.99 7.35
N LEU A 458 -27.86 12.73 6.54
CA LEU A 458 -28.40 13.31 5.29
C LEU A 458 -28.84 12.19 4.35
N PRO B 264 -6.43 41.89 -3.46
CA PRO B 264 -5.83 41.48 -2.18
C PRO B 264 -5.07 42.62 -1.47
N PRO B 265 -5.77 43.45 -0.68
CA PRO B 265 -5.09 44.53 0.03
C PRO B 265 -4.04 43.98 0.99
N VAL B 266 -2.96 44.75 1.15
CA VAL B 266 -1.84 44.39 2.01
C VAL B 266 -1.48 45.57 2.90
N ALA B 267 -0.90 45.28 4.07
CA ALA B 267 -0.50 46.31 5.01
C ALA B 267 0.78 45.90 5.72
N VAL B 268 1.47 46.89 6.29
CA VAL B 268 2.77 46.69 6.93
C VAL B 268 2.69 47.12 8.40
N VAL B 269 3.56 46.51 9.21
CA VAL B 269 3.68 46.80 10.64
C VAL B 269 5.17 46.99 10.92
N THR B 270 5.49 47.91 11.84
CA THR B 270 6.87 48.29 12.14
C THR B 270 7.06 48.46 13.64
N ALA B 271 8.31 48.29 14.09
CA ALA B 271 8.67 48.48 15.50
C ALA B 271 10.17 48.77 15.66
N PRO B 272 10.59 49.86 16.40
CA PRO B 272 12.02 50.08 16.64
C PRO B 272 12.72 48.97 17.40
N ILE B 273 14.04 49.09 17.56
CA ILE B 273 14.83 48.05 18.21
C ILE B 273 16.15 48.66 18.68
N SER B 274 16.71 48.09 19.74
CA SER B 274 18.03 48.45 20.28
C SER B 274 18.82 47.15 20.48
N LEU B 275 20.02 47.09 19.91
CA LEU B 275 20.83 45.86 19.89
C LEU B 275 22.06 45.96 20.80
N SER B 276 22.06 46.90 21.76
CA SER B 276 23.23 47.08 22.61
C SER B 276 23.51 45.85 23.48
N ALA B 277 22.45 45.26 24.06
CA ALA B 277 22.63 44.15 24.98
C ALA B 277 23.26 42.93 24.30
N ALA B 278 22.82 42.64 23.07
CA ALA B 278 23.40 41.54 22.31
C ALA B 278 24.89 41.78 22.05
N ILE B 279 25.26 43.02 21.74
CA ILE B 279 26.67 43.36 21.57
C ILE B 279 27.45 43.08 22.85
N ASP B 280 26.89 43.50 24.00
CA ASP B 280 27.56 43.28 25.28
C ASP B 280 27.79 41.80 25.54
N VAL B 281 26.76 40.97 25.33
CA VAL B 281 26.89 39.53 25.54
C VAL B 281 27.94 38.94 24.63
N GLN B 282 27.95 39.34 23.34
CA GLN B 282 28.94 38.81 22.40
C GLN B 282 30.35 39.16 22.83
N ASN B 283 30.60 40.45 23.09
CA ASN B 283 31.92 40.89 23.54
C ASN B 283 32.37 40.12 24.77
N LYS B 284 31.49 40.04 25.79
CA LYS B 284 31.87 39.40 27.05
C LYS B 284 32.20 37.93 26.84
N LEU B 285 31.36 37.24 26.06
CA LEU B 285 31.62 35.83 25.77
C LEU B 285 32.96 35.66 25.07
N HIS B 286 33.28 36.56 24.13
CA HIS B 286 34.57 36.52 23.46
C HIS B 286 35.77 36.69 24.41
N LYS B 287 35.59 37.33 25.57
CA LYS B 287 36.72 37.63 26.44
C LYS B 287 36.98 36.55 27.48
N THR B 288 35.98 35.73 27.79
CA THR B 288 36.06 34.74 28.85
C THR B 288 36.27 33.31 28.36
N ILE B 289 35.96 33.00 27.09
CA ILE B 289 36.08 31.65 26.57
C ILE B 289 36.83 31.68 25.24
N GLY B 290 36.37 32.53 24.32
CA GLY B 290 36.93 32.61 22.98
C GLY B 290 35.85 32.52 21.92
N VAL B 291 34.64 32.12 22.30
CA VAL B 291 33.56 31.96 21.32
C VAL B 291 33.17 33.33 20.80
N PHE B 292 33.08 33.44 19.47
CA PHE B 292 32.58 34.63 18.80
C PHE B 292 31.58 34.15 17.76
N LEU B 293 30.38 34.72 17.80
CA LEU B 293 29.29 34.39 16.90
C LEU B 293 28.61 35.66 16.39
N PRO B 294 27.93 35.59 15.24
CA PRO B 294 27.33 36.81 14.67
C PRO B 294 25.97 37.11 15.29
N LEU B 295 25.51 38.33 15.04
CA LEU B 295 24.16 38.73 15.45
C LEU B 295 23.09 37.85 14.81
N SER B 296 23.37 37.26 13.65
CA SER B 296 22.37 36.54 12.86
C SER B 296 21.73 35.41 13.67
N THR B 297 22.54 34.62 14.38
CA THR B 297 22.02 33.50 15.14
C THR B 297 21.09 33.98 16.26
N PHE B 298 21.45 35.08 16.94
CA PHE B 298 20.53 35.72 17.87
C PHE B 298 19.20 36.05 17.19
N ILE B 299 19.23 36.55 15.95
CA ILE B 299 18.00 36.93 15.27
C ILE B 299 17.15 35.70 14.99
N THR B 300 17.77 34.65 14.44
CA THR B 300 17.00 33.44 14.13
C THR B 300 16.50 32.75 15.39
N ARG B 301 17.33 32.66 16.43
CA ARG B 301 16.92 31.98 17.66
C ARG B 301 15.77 32.71 18.34
N ALA B 302 15.80 34.05 18.31
CA ALA B 302 14.68 34.82 18.81
C ALA B 302 13.43 34.54 17.98
N THR B 303 13.58 34.48 16.66
CA THR B 303 12.46 34.16 15.79
C THR B 303 11.89 32.77 16.07
N GLU B 304 12.74 31.80 16.46
CA GLU B 304 12.21 30.47 16.76
C GLU B 304 11.40 30.47 18.04
N ILE B 305 11.92 31.07 19.11
CA ILE B 305 11.17 31.10 20.37
C ILE B 305 9.90 31.93 20.25
N ALA B 306 9.84 32.86 19.28
CA ALA B 306 8.67 33.71 19.15
C ALA B 306 7.50 32.97 18.53
N ASN B 307 7.73 32.29 17.40
CA ASN B 307 6.66 31.60 16.66
C ASN B 307 6.31 30.29 17.38
N GLN B 308 5.74 30.43 18.57
CA GLN B 308 5.25 29.32 19.39
C GLN B 308 3.81 29.53 19.87
N LYS B 309 3.43 30.77 20.19
CA LYS B 309 2.13 31.06 20.81
C LYS B 309 1.66 32.40 20.27
N LEU B 310 0.89 32.36 19.17
CA LEU B 310 0.40 33.55 18.48
C LEU B 310 -1.09 33.38 18.27
N PRO B 311 -1.93 34.42 18.55
CA PRO B 311 -3.38 34.24 18.37
C PRO B 311 -3.76 34.00 16.91
N LEU B 312 -5.05 33.73 16.66
CA LEU B 312 -5.57 33.38 15.34
C LEU B 312 -6.40 34.52 14.79
N PRO B 313 -6.52 34.67 13.47
CA PRO B 313 -7.42 35.69 12.92
C PRO B 313 -8.86 35.46 13.34
N ALA B 314 -9.58 36.57 13.56
CA ALA B 314 -10.97 36.49 13.95
C ALA B 314 -11.87 35.89 12.87
N ASN B 315 -11.42 35.87 11.62
CA ASN B 315 -12.16 35.31 10.49
C ASN B 315 -11.60 33.95 10.05
N TYR B 316 -11.22 33.13 11.03
CA TYR B 316 -10.68 31.80 10.78
C TYR B 316 -11.84 30.82 10.56
N GLN B 317 -11.75 30.02 9.49
CA GLN B 317 -12.75 29.00 9.17
C GLN B 317 -12.20 27.60 9.47
N PRO B 318 -12.84 26.76 10.32
CA PRO B 318 -12.26 25.43 10.60
C PRO B 318 -12.36 24.44 9.44
N THR B 319 -11.82 23.23 9.63
CA THR B 319 -11.83 22.15 8.65
C THR B 319 -12.77 21.04 9.11
N ALA B 320 -12.90 20.00 8.27
CA ALA B 320 -13.86 18.93 8.55
C ALA B 320 -13.50 18.15 9.80
N ASP B 321 -12.21 17.81 9.97
CA ASP B 321 -11.79 16.99 11.10
C ASP B 321 -12.07 17.70 12.41
N GLU B 322 -11.75 18.99 12.47
CA GLU B 322 -11.96 19.80 13.66
C GLU B 322 -13.43 19.80 14.07
N LEU B 323 -14.34 20.07 13.12
CA LEU B 323 -15.77 20.11 13.44
C LEU B 323 -16.28 18.74 13.85
N PHE B 324 -15.83 17.69 13.16
CA PHE B 324 -16.23 16.33 13.49
C PHE B 324 -15.82 15.98 14.91
N ASN B 325 -14.57 16.29 15.28
CA ASN B 325 -14.10 15.99 16.64
C ASN B 325 -14.87 16.78 17.69
N GLN B 326 -15.24 18.02 17.37
CA GLN B 326 -16.08 18.79 18.32
C GLN B 326 -17.45 18.11 18.40
N VAL B 327 -18.14 17.94 17.26
CA VAL B 327 -19.50 17.33 17.24
C VAL B 327 -19.50 16.06 18.08
N LEU B 328 -18.35 15.38 18.15
CA LEU B 328 -18.26 14.10 18.92
C LEU B 328 -18.09 14.41 20.41
N GLY B 329 -16.91 14.89 20.81
CA GLY B 329 -16.66 15.19 22.21
C GLY B 329 -15.24 14.88 22.68
N LEU B 330 -14.27 14.79 21.77
CA LEU B 330 -12.89 14.49 22.14
C LEU B 330 -12.10 15.74 22.50
N ASP B 331 -12.36 16.83 21.78
CA ASP B 331 -11.68 18.10 21.96
C ASP B 331 -12.68 19.20 22.25
N LYS B 332 -13.56 18.95 23.24
CA LYS B 332 -14.60 19.91 23.61
C LYS B 332 -14.02 21.28 23.96
N VAL B 333 -12.80 21.31 24.48
CA VAL B 333 -12.08 22.56 24.67
C VAL B 333 -11.39 22.91 23.36
N THR B 334 -11.74 24.06 22.79
CA THR B 334 -11.19 24.48 21.51
C THR B 334 -9.82 25.12 21.72
N ARG B 335 -9.19 25.52 20.62
CA ARG B 335 -7.86 26.11 20.61
C ARG B 335 -7.95 27.58 20.25
N LYS B 336 -6.99 28.35 20.77
CA LYS B 336 -6.89 29.79 20.50
C LYS B 336 -5.46 30.20 20.17
N GLU B 337 -4.61 29.23 19.79
CA GLU B 337 -3.21 29.47 19.46
C GLU B 337 -2.86 28.62 18.25
N SER B 338 -1.83 29.06 17.52
CA SER B 338 -1.35 28.32 16.36
C SER B 338 0.02 28.86 15.96
N ARG B 339 0.93 27.95 15.62
CA ARG B 339 2.28 28.31 15.24
C ARG B 339 2.29 29.05 13.91
N GLY B 340 3.48 29.49 13.49
CA GLY B 340 3.64 30.21 12.24
C GLY B 340 5.07 30.13 11.77
N SER B 341 5.32 30.75 10.61
CA SER B 341 6.64 30.78 9.97
C SER B 341 6.83 32.17 9.39
N TYR B 342 7.37 33.08 10.21
CA TYR B 342 7.67 34.44 9.83
C TYR B 342 9.17 34.62 9.66
N THR B 343 9.55 35.66 8.91
CA THR B 343 10.94 36.05 8.71
C THR B 343 11.02 37.58 8.73
N PRO B 344 11.69 38.23 9.73
CA PRO B 344 11.66 39.70 9.75
C PRO B 344 12.48 40.32 8.63
N THR B 345 12.49 41.66 8.59
CA THR B 345 13.29 42.44 7.64
C THR B 345 14.31 43.23 8.43
N PHE B 346 15.52 43.33 7.88
CA PHE B 346 16.64 43.91 8.61
C PHE B 346 16.39 45.41 8.87
N GLY B 347 17.17 45.95 9.81
CA GLY B 347 17.14 47.37 10.15
C GLY B 347 17.12 47.64 11.64
N SER B 348 17.61 48.82 12.01
CA SER B 348 17.57 49.32 13.38
C SER B 348 17.48 50.84 13.32
N PHE B 349 17.68 51.50 14.46
CA PHE B 349 17.63 52.97 14.60
C PHE B 349 18.37 53.71 13.49
N VAL B 392 13.93 50.24 11.01
CA VAL B 392 13.37 49.47 12.12
C VAL B 392 12.81 48.15 11.62
N PHE B 393 12.51 47.23 12.54
CA PHE B 393 12.02 45.92 12.14
C PHE B 393 10.62 46.07 11.56
N SER B 394 10.44 45.59 10.33
CA SER B 394 9.22 45.79 9.56
C SER B 394 8.78 44.45 9.00
N LEU B 395 7.47 44.30 8.82
CA LEU B 395 6.92 43.13 8.17
C LEU B 395 5.75 43.57 7.30
N GLN B 396 5.55 42.84 6.20
CA GLN B 396 4.50 43.08 5.22
C GLN B 396 3.65 41.82 5.17
N VAL B 397 2.34 41.97 5.39
CA VAL B 397 1.41 40.85 5.46
C VAL B 397 0.01 41.35 5.05
N PRO B 398 -0.92 40.48 4.62
CA PRO B 398 -2.30 40.92 4.35
C PRO B 398 -3.00 41.48 5.58
N LYS B 399 -4.21 42.00 5.36
CA LYS B 399 -4.94 42.65 6.44
C LYS B 399 -5.40 41.63 7.49
N SER B 400 -5.91 40.47 7.06
CA SER B 400 -6.46 39.49 8.01
C SER B 400 -5.49 39.11 9.13
N GLU B 401 -4.23 38.84 8.78
CA GLU B 401 -3.23 38.36 9.77
C GLU B 401 -2.45 39.53 10.36
N GLU B 402 -2.50 40.71 9.73
CA GLU B 402 -1.74 41.90 10.19
C GLU B 402 -1.66 41.90 11.72
N LYS B 403 -2.77 41.69 12.42
CA LYS B 403 -2.82 41.72 13.90
C LYS B 403 -1.93 40.62 14.50
N ARG B 404 -1.98 39.41 13.94
CA ARG B 404 -1.19 38.27 14.45
C ARG B 404 0.30 38.60 14.26
N ALA B 405 0.64 39.15 13.09
CA ALA B 405 2.05 39.49 12.80
C ALA B 405 2.59 40.46 13.85
N GLN B 406 1.72 41.24 14.51
CA GLN B 406 2.14 42.25 15.52
C GLN B 406 2.57 41.53 16.80
N ALA B 407 1.79 40.56 17.30
CA ALA B 407 2.12 39.77 18.51
C ALA B 407 3.55 39.26 18.37
N PHE B 408 3.95 38.89 17.15
CA PHE B 408 5.30 38.41 16.83
C PHE B 408 6.33 39.51 17.04
N LEU B 409 6.09 40.70 16.49
CA LEU B 409 7.04 41.80 16.64
C LEU B 409 7.27 42.16 18.10
N GLN B 410 6.20 42.29 18.89
CA GLN B 410 6.38 42.69 20.27
C GLN B 410 7.03 41.58 21.11
N LYS B 411 6.70 40.31 20.82
CA LYS B 411 7.30 39.20 21.54
C LYS B 411 8.81 39.18 21.36
N MET B 412 9.26 39.31 20.11
CA MET B 412 10.70 39.41 19.85
C MET B 412 11.28 40.70 20.43
N LYS B 413 10.53 41.80 20.33
CA LYS B 413 10.94 43.08 20.91
C LYS B 413 11.16 43.00 22.42
N LEU B 414 10.45 42.11 23.10
CA LEU B 414 10.62 41.96 24.54
C LEU B 414 11.78 41.03 24.85
N VAL B 415 11.84 39.87 24.20
CA VAL B 415 12.85 38.86 24.51
C VAL B 415 14.25 39.41 24.25
N LEU B 416 14.42 40.12 23.13
CA LEU B 416 15.74 40.59 22.72
C LEU B 416 16.28 41.75 23.56
N GLU B 417 15.40 42.35 24.37
CA GLU B 417 15.79 43.54 25.17
C GLU B 417 15.86 43.15 26.64
N GLN B 418 15.10 42.13 27.06
CA GLN B 418 15.10 41.68 28.48
C GLN B 418 15.63 40.25 28.60
N GLU B 419 15.72 39.52 27.50
CA GLU B 419 16.23 38.12 27.53
C GLU B 419 17.21 37.92 26.39
N PRO B 420 18.35 38.63 26.29
CA PRO B 420 19.32 38.34 25.24
C PRO B 420 20.12 37.09 25.65
N ASP B 421 20.44 36.99 26.94
CA ASP B 421 21.21 35.84 27.47
C ASP B 421 20.51 34.52 27.12
N LYS B 422 19.18 34.53 27.08
CA LYS B 422 18.42 33.30 26.80
C LYS B 422 18.87 32.67 25.48
N LEU B 423 19.26 33.51 24.51
CA LEU B 423 19.67 32.99 23.18
C LEU B 423 21.17 32.65 23.19
N VAL B 424 21.58 31.86 24.18
CA VAL B 424 23.00 31.43 24.26
C VAL B 424 23.02 29.96 24.69
N ARG B 425 23.25 29.06 23.74
CA ARG B 425 23.30 27.61 24.07
C ARG B 425 21.94 27.16 24.62
N ALA C 226 -64.90 59.36 17.29
CA ALA C 226 -64.15 59.10 16.05
C ALA C 226 -63.57 57.69 16.07
N TYR C 227 -63.88 56.91 15.05
CA TYR C 227 -63.43 55.53 14.94
C TYR C 227 -63.83 55.03 13.55
N THR C 228 -63.44 53.80 13.24
CA THR C 228 -63.77 53.14 11.98
C THR C 228 -64.18 51.70 12.26
N ASP C 229 -64.99 51.15 11.36
CA ASP C 229 -65.49 49.80 11.44
C ASP C 229 -65.30 49.10 10.09
N VAL C 230 -64.89 47.83 10.15
CA VAL C 230 -64.63 47.00 8.96
C VAL C 230 -65.44 45.71 9.11
N PRO C 231 -66.21 45.27 8.10
CA PRO C 231 -66.98 44.02 8.27
C PRO C 231 -66.08 42.81 8.49
N ILE C 232 -66.54 41.90 9.34
CA ILE C 232 -65.78 40.68 9.63
C ILE C 232 -65.71 39.80 8.40
N SER C 233 -64.54 39.24 8.14
CA SER C 233 -64.32 38.39 6.98
C SER C 233 -65.00 37.04 7.14
N GLY C 234 -65.33 36.42 6.00
CA GLY C 234 -65.91 35.10 6.04
C GLY C 234 -64.97 34.05 6.60
N MET C 235 -63.68 34.18 6.27
CA MET C 235 -62.68 33.24 6.77
C MET C 235 -62.29 33.48 8.21
N ARG C 236 -62.60 34.64 8.77
CA ARG C 236 -62.19 34.97 10.15
C ARG C 236 -63.09 34.23 11.15
N LYS C 237 -64.38 34.01 10.84
CA LYS C 237 -65.26 33.23 11.71
C LYS C 237 -64.94 31.75 11.70
N THR C 238 -64.49 31.22 10.55
CA THR C 238 -64.14 29.80 10.46
C THR C 238 -63.03 29.42 11.43
N ILE C 239 -62.09 30.33 11.67
CA ILE C 239 -61.03 30.10 12.65
C ILE C 239 -61.44 30.52 14.06
N ALA C 240 -62.28 31.56 14.18
CA ALA C 240 -62.73 32.00 15.50
C ALA C 240 -63.53 30.90 16.18
N ALA C 241 -64.49 30.31 15.47
CA ALA C 241 -65.30 29.22 16.02
C ALA C 241 -64.43 28.05 16.44
N ARG C 242 -63.45 27.70 15.59
CA ARG C 242 -62.56 26.54 15.84
C ARG C 242 -61.74 26.81 17.11
N LEU C 243 -61.09 27.97 17.21
CA LEU C 243 -60.34 28.35 18.41
C LEU C 243 -61.22 28.34 19.64
N LYS C 244 -62.46 28.81 19.51
CA LYS C 244 -63.36 28.86 20.66
C LYS C 244 -63.79 27.45 21.07
N GLU C 245 -63.83 26.52 20.11
CA GLU C 245 -64.19 25.14 20.40
C GLU C 245 -63.03 24.40 21.07
N SER C 246 -61.80 24.71 20.68
CA SER C 246 -60.65 23.99 21.23
C SER C 246 -60.50 24.22 22.73
N VAL C 247 -60.63 25.47 23.18
CA VAL C 247 -60.41 25.80 24.59
C VAL C 247 -61.45 25.11 25.46
N THR C 248 -62.71 25.12 25.05
CA THR C 248 -63.79 24.52 25.82
C THR C 248 -63.87 23.01 25.68
N GLU C 249 -63.04 22.39 24.82
CA GLU C 249 -63.07 20.95 24.58
C GLU C 249 -61.82 20.24 25.08
N ASN C 250 -60.70 20.94 25.20
CA ASN C 250 -59.42 20.35 25.60
C ASN C 250 -58.83 21.11 26.78
N PRO C 251 -58.82 20.54 27.99
CA PRO C 251 -58.02 21.15 29.06
C PRO C 251 -56.55 21.16 28.69
N HIS C 252 -55.85 22.21 29.11
CA HIS C 252 -54.46 22.46 28.72
C HIS C 252 -53.56 22.41 29.94
N PHE C 253 -52.37 21.82 29.76
CA PHE C 253 -51.29 21.98 30.74
C PHE C 253 -49.96 22.02 30.01
N PHE C 254 -49.07 22.88 30.51
CA PHE C 254 -47.82 23.22 29.84
C PHE C 254 -46.62 22.60 30.53
N VAL C 255 -45.55 22.45 29.77
CA VAL C 255 -44.26 21.99 30.26
C VAL C 255 -43.18 22.77 29.50
N SER C 256 -42.10 23.14 30.20
CA SER C 256 -41.04 23.95 29.62
C SER C 256 -39.70 23.29 29.88
N THR C 257 -38.75 23.58 28.98
CA THR C 257 -37.39 23.05 29.14
C THR C 257 -36.42 23.95 28.39
N ASN C 258 -35.14 23.80 28.71
CA ASN C 258 -34.05 24.52 28.06
C ASN C 258 -33.11 23.52 27.41
N LEU C 259 -32.73 23.79 26.15
CA LEU C 259 -31.89 22.91 25.36
C LEU C 259 -30.64 23.68 24.93
N SER C 260 -29.49 23.00 25.02
CA SER C 260 -28.23 23.51 24.48
C SER C 260 -28.04 22.99 23.07
N VAL C 261 -27.70 23.90 22.15
CA VAL C 261 -27.70 23.61 20.72
C VAL C 261 -26.38 23.99 20.06
N SER C 262 -25.29 24.04 20.84
CA SER C 262 -24.00 24.37 20.27
C SER C 262 -23.52 23.25 19.35
N LYS C 263 -23.60 22.01 19.83
CA LYS C 263 -23.16 20.86 19.05
C LYS C 263 -23.97 20.72 17.77
N LEU C 264 -25.29 20.97 17.86
CA LEU C 264 -26.14 20.93 16.66
C LEU C 264 -25.71 21.95 15.63
N LEU C 265 -25.37 23.17 16.07
CA LEU C 265 -24.88 24.19 15.14
C LEU C 265 -23.56 23.76 14.50
N LYS C 266 -22.65 23.18 15.29
CA LYS C 266 -21.40 22.70 14.73
C LYS C 266 -21.64 21.62 13.68
N LEU C 267 -22.55 20.70 13.99
CA LEU C 267 -22.89 19.61 13.03
C LEU C 267 -23.43 20.25 11.75
N ARG C 268 -24.40 21.14 11.87
CA ARG C 268 -25.00 21.78 10.71
C ARG C 268 -23.94 22.49 9.86
N GLN C 269 -23.02 23.20 10.51
CA GLN C 269 -21.95 23.86 9.77
C GLN C 269 -21.07 22.83 9.06
N ALA C 270 -20.83 21.69 9.70
CA ALA C 270 -20.00 20.66 9.08
C ALA C 270 -20.69 20.06 7.87
N LEU C 271 -22.02 19.93 7.92
CA LEU C 271 -22.78 19.27 6.85
C LEU C 271 -23.28 20.24 5.78
N ASN C 272 -23.19 21.55 6.00
CA ASN C 272 -23.58 22.55 5.00
C ASN C 272 -22.40 23.10 4.20
N SER C 273 -21.17 22.59 4.45
CA SER C 273 -19.99 22.98 3.70
C SER C 273 -19.43 21.87 2.82
N SER C 274 -19.73 20.60 3.13
CA SER C 274 -19.32 19.48 2.30
C SER C 274 -20.21 19.27 1.09
N ALA C 275 -21.20 20.14 0.87
CA ALA C 275 -22.11 20.07 -0.28
C ALA C 275 -21.69 21.07 -1.36
N ASP C 276 -22.19 20.83 -2.57
CA ASP C 276 -21.87 21.64 -3.74
C ASP C 276 -23.02 22.54 -4.19
N GLY C 277 -24.16 22.51 -3.49
CA GLY C 277 -25.35 23.25 -3.88
C GLY C 277 -26.62 22.41 -3.90
N ARG C 278 -26.50 21.11 -3.57
CA ARG C 278 -27.65 20.22 -3.62
C ARG C 278 -28.73 20.64 -2.61
N TYR C 279 -28.32 21.02 -1.40
CA TYR C 279 -29.25 21.24 -0.30
C TYR C 279 -28.72 22.33 0.62
N LYS C 280 -29.53 22.65 1.63
CA LYS C 280 -29.13 23.54 2.72
C LYS C 280 -30.09 23.31 3.86
N LEU C 281 -29.55 23.05 5.05
CA LEU C 281 -30.31 22.57 6.19
C LEU C 281 -30.65 23.70 7.16
N SER C 282 -31.44 23.36 8.17
CA SER C 282 -31.85 24.33 9.19
C SER C 282 -32.19 23.56 10.46
N VAL C 283 -32.41 24.31 11.54
CA VAL C 283 -32.64 23.71 12.86
C VAL C 283 -33.97 22.97 12.89
N ASN C 284 -34.97 23.51 12.18
CA ASN C 284 -36.33 22.96 12.23
C ASN C 284 -36.37 21.51 11.79
N ASP C 285 -35.58 21.15 10.77
CA ASP C 285 -35.53 19.76 10.32
C ASP C 285 -35.00 18.84 11.41
N PHE C 286 -33.94 19.27 12.10
CA PHE C 286 -33.40 18.49 13.20
C PHE C 286 -34.44 18.29 14.29
N LEU C 287 -35.16 19.37 14.63
CA LEU C 287 -36.17 19.28 15.67
C LEU C 287 -37.31 18.35 15.24
N ILE C 288 -37.70 18.41 13.96
CA ILE C 288 -38.75 17.54 13.44
C ILE C 288 -38.35 16.07 13.56
N LYS C 289 -37.12 15.74 13.15
CA LYS C 289 -36.66 14.36 13.22
C LYS C 289 -36.58 13.88 14.67
N ALA C 290 -36.02 14.72 15.55
CA ALA C 290 -35.94 14.36 16.96
C ALA C 290 -37.33 14.17 17.56
N MET C 291 -38.26 15.01 17.12
CA MET C 291 -39.66 14.87 17.58
C MET C 291 -40.13 13.46 17.19
N GLY C 292 -39.94 13.11 15.91
CA GLY C 292 -40.38 11.79 15.45
C GLY C 292 -39.83 10.66 16.29
N ILE C 293 -38.53 10.73 16.61
CA ILE C 293 -37.91 9.68 17.41
C ILE C 293 -38.54 9.63 18.81
N ALA C 294 -38.69 10.80 19.44
CA ALA C 294 -39.29 10.86 20.77
C ALA C 294 -40.73 10.35 20.76
N SER C 295 -41.49 10.68 19.71
CA SER C 295 -42.82 10.11 19.54
C SER C 295 -42.77 8.59 19.47
N LYS C 296 -41.77 8.06 18.76
CA LYS C 296 -41.67 6.60 18.63
C LYS C 296 -41.40 5.95 19.98
N ARG C 297 -40.53 6.57 20.80
CA ARG C 297 -40.19 5.97 22.08
C ARG C 297 -41.37 6.01 23.05
N VAL C 298 -42.13 7.11 23.04
CA VAL C 298 -43.31 7.29 23.87
C VAL C 298 -44.51 7.43 22.95
N PRO C 299 -45.24 6.34 22.67
CA PRO C 299 -46.33 6.43 21.67
C PRO C 299 -47.64 6.99 22.21
N THR C 300 -47.78 7.18 23.52
CA THR C 300 -49.05 7.66 24.08
C THR C 300 -49.40 9.08 23.61
N VAL C 301 -48.41 9.86 23.17
CA VAL C 301 -48.69 11.21 22.67
C VAL C 301 -49.14 11.17 21.21
N ASN C 302 -48.74 10.13 20.47
CA ASN C 302 -49.15 9.95 19.08
C ASN C 302 -50.52 9.26 18.99
N SER C 303 -51.52 9.93 19.57
CA SER C 303 -52.86 9.38 19.72
C SER C 303 -53.89 10.48 19.48
N SER C 304 -55.17 10.11 19.60
CA SER C 304 -56.26 11.04 19.39
C SER C 304 -57.49 10.57 20.16
N TRP C 305 -58.38 11.52 20.41
CA TRP C 305 -59.61 11.32 21.19
C TRP C 305 -60.80 11.47 20.24
N ARG C 306 -61.50 10.35 20.01
CA ARG C 306 -62.68 10.30 19.14
C ARG C 306 -63.93 10.25 20.04
N ASP C 307 -65.08 10.01 19.42
CA ASP C 307 -66.38 10.10 20.10
C ASP C 307 -66.43 9.23 21.36
N GLY C 308 -66.08 7.94 21.23
CA GLY C 308 -66.16 7.01 22.34
C GLY C 308 -65.03 5.99 22.37
N VAL C 309 -63.92 6.28 21.70
CA VAL C 309 -62.80 5.35 21.62
C VAL C 309 -61.53 6.15 21.38
N ILE C 310 -60.39 5.59 21.84
CA ILE C 310 -59.09 6.20 21.68
C ILE C 310 -58.47 5.67 20.41
N ARG C 311 -57.78 6.54 19.66
CA ARG C 311 -57.11 6.18 18.42
C ARG C 311 -55.61 6.25 18.65
N GLN C 312 -54.91 5.15 18.34
CA GLN C 312 -53.46 5.06 18.48
C GLN C 312 -52.86 4.74 17.11
N PHE C 313 -51.90 5.55 16.68
CA PHE C 313 -51.28 5.45 15.37
C PHE C 313 -49.94 4.70 15.48
N GLU C 314 -49.31 4.49 14.32
CA GLU C 314 -47.98 3.93 14.22
C GLU C 314 -47.07 4.69 13.26
N THR C 315 -47.58 5.73 12.60
CA THR C 315 -46.83 6.57 11.67
C THR C 315 -46.93 8.00 12.18
N VAL C 316 -45.82 8.74 12.08
CA VAL C 316 -45.71 10.08 12.62
C VAL C 316 -45.85 11.07 11.47
N ASP C 317 -46.87 11.91 11.55
CA ASP C 317 -47.09 13.02 10.64
C ASP C 317 -47.07 14.31 11.44
N VAL C 318 -46.30 15.29 10.96
CA VAL C 318 -46.02 16.53 11.69
C VAL C 318 -46.61 17.68 10.89
N SER C 319 -47.24 18.61 11.62
CA SER C 319 -47.85 19.80 11.03
C SER C 319 -46.98 21.01 11.32
N VAL C 320 -46.54 21.69 10.26
CA VAL C 320 -45.72 22.89 10.35
C VAL C 320 -46.61 24.08 10.01
N ALA C 321 -46.34 25.21 10.65
CA ALA C 321 -47.13 26.43 10.51
C ALA C 321 -46.40 27.41 9.61
N VAL C 322 -47.09 27.92 8.59
CA VAL C 322 -46.57 28.90 7.66
C VAL C 322 -47.47 30.12 7.70
N ALA C 323 -46.87 31.29 7.90
CA ALA C 323 -47.59 32.55 8.04
C ALA C 323 -47.53 33.31 6.70
N THR C 324 -48.69 33.81 6.27
CA THR C 324 -48.83 34.56 5.04
C THR C 324 -49.78 35.71 5.35
N PRO C 325 -49.76 36.79 4.55
CA PRO C 325 -50.68 37.91 4.82
C PRO C 325 -52.15 37.50 4.78
N ASN C 326 -52.50 36.51 3.96
CA ASN C 326 -53.87 36.05 3.92
C ASN C 326 -54.27 35.25 5.15
N GLY C 327 -53.32 34.77 5.94
CA GLY C 327 -53.61 34.03 7.15
C GLY C 327 -52.53 33.01 7.45
N LEU C 328 -52.89 32.05 8.30
CA LEU C 328 -51.98 31.00 8.76
C LEU C 328 -52.40 29.68 8.12
N ILE C 329 -51.47 28.97 7.50
CA ILE C 329 -51.79 27.69 6.82
C ILE C 329 -51.33 26.57 7.74
N THR C 330 -51.28 25.33 7.27
CA THR C 330 -50.87 24.15 8.08
C THR C 330 -50.37 23.06 7.16
N PRO C 331 -49.29 23.28 6.37
CA PRO C 331 -48.70 22.23 5.54
C PRO C 331 -48.43 20.97 6.37
N ILE C 332 -48.23 19.82 5.74
CA ILE C 332 -48.04 18.54 6.43
C ILE C 332 -46.83 17.84 5.81
N VAL C 333 -46.12 17.08 6.64
CA VAL C 333 -45.00 16.23 6.22
C VAL C 333 -45.31 14.82 6.70
N LYS C 334 -45.11 13.83 5.81
CA LYS C 334 -45.48 12.44 6.05
C LYS C 334 -44.25 11.56 6.04
N GLY C 335 -44.33 10.46 6.80
CA GLY C 335 -43.25 9.49 6.84
C GLY C 335 -41.95 10.06 7.38
N VAL C 336 -42.02 10.84 8.45
CA VAL C 336 -40.82 11.45 9.02
C VAL C 336 -39.90 10.41 9.65
N GLU C 337 -40.47 9.43 10.34
CA GLU C 337 -39.68 8.39 11.04
C GLU C 337 -38.68 7.76 10.06
N GLY C 338 -39.15 7.32 8.89
CA GLY C 338 -38.33 6.70 7.87
C GLY C 338 -37.92 7.67 6.78
N LYS C 339 -37.13 8.69 7.13
CA LYS C 339 -36.79 9.75 6.20
C LYS C 339 -35.49 10.41 6.65
N GLY C 340 -34.91 11.19 5.76
CA GLY C 340 -33.71 11.95 6.02
C GLY C 340 -33.98 13.45 5.97
N LEU C 341 -32.93 14.20 6.33
CA LEU C 341 -33.06 15.65 6.46
C LEU C 341 -33.34 16.31 5.12
N GLU C 342 -32.69 15.83 4.05
CA GLU C 342 -32.82 16.44 2.74
C GLU C 342 -34.27 16.42 2.25
N SER C 343 -34.91 15.25 2.33
CA SER C 343 -36.30 15.13 1.88
C SER C 343 -37.22 16.01 2.70
N ILE C 344 -37.00 16.06 4.01
CA ILE C 344 -37.83 16.88 4.89
C ILE C 344 -37.72 18.35 4.50
N SER C 345 -36.50 18.81 4.26
CA SER C 345 -36.28 20.21 3.87
C SER C 345 -36.95 20.50 2.53
N ALA C 346 -36.76 19.62 1.55
CA ALA C 346 -37.34 19.82 0.22
C ALA C 346 -38.86 19.87 0.29
N ALA C 347 -39.47 18.97 1.06
CA ALA C 347 -40.91 18.97 1.21
C ALA C 347 -41.40 20.24 1.89
N VAL C 348 -40.75 20.62 3.00
CA VAL C 348 -41.17 21.81 3.74
C VAL C 348 -41.06 23.07 2.88
N LYS C 349 -40.11 23.09 1.92
CA LYS C 349 -39.91 24.30 1.13
C LYS C 349 -40.85 24.32 -0.07
N GLU C 350 -41.05 23.17 -0.73
CA GLU C 350 -42.05 23.08 -1.78
C GLU C 350 -43.42 23.47 -1.25
N LEU C 351 -43.81 22.90 -0.11
CA LEU C 351 -45.12 23.22 0.46
C LEU C 351 -45.21 24.67 0.89
N ALA C 352 -44.13 25.23 1.46
CA ALA C 352 -44.16 26.64 1.84
C ALA C 352 -44.37 27.52 0.62
N LYS C 353 -43.68 27.20 -0.49
CA LYS C 353 -43.85 27.96 -1.72
C LYS C 353 -45.29 27.88 -2.23
N LYS C 354 -45.85 26.67 -2.28
CA LYS C 354 -47.24 26.54 -2.76
C LYS C 354 -48.23 27.22 -1.82
N ALA C 355 -47.97 27.17 -0.51
CA ALA C 355 -48.83 27.88 0.43
C ALA C 355 -48.78 29.38 0.21
N ARG C 356 -47.58 29.92 -0.05
CA ARG C 356 -47.47 31.35 -0.31
C ARG C 356 -48.15 31.73 -1.63
N ASP C 357 -48.08 30.85 -2.63
CA ASP C 357 -48.66 31.13 -3.94
C ASP C 357 -50.14 30.77 -4.03
N GLY C 358 -50.75 30.23 -2.97
CA GLY C 358 -52.17 30.01 -2.93
C GLY C 358 -52.73 29.02 -3.93
N LYS C 359 -52.10 27.86 -4.08
CA LYS C 359 -52.60 26.76 -4.91
C LYS C 359 -52.50 25.44 -4.15
N LEU C 360 -52.93 25.46 -2.90
CA LEU C 360 -52.80 24.31 -2.01
C LEU C 360 -54.09 23.50 -2.05
N LYS C 361 -53.94 22.20 -2.28
CA LYS C 361 -55.06 21.28 -2.27
C LYS C 361 -55.58 21.08 -0.84
N PRO C 362 -56.87 20.76 -0.66
CA PRO C 362 -57.36 20.60 0.72
C PRO C 362 -56.79 19.39 1.46
N GLU C 363 -56.69 18.23 0.80
CA GLU C 363 -56.17 17.00 1.43
C GLU C 363 -54.79 17.25 2.04
N GLU C 364 -54.00 18.19 1.51
CA GLU C 364 -52.64 18.39 1.97
C GLU C 364 -52.56 19.06 3.34
N TYR C 365 -53.65 19.71 3.83
CA TYR C 365 -53.65 20.27 5.20
C TYR C 365 -54.93 19.86 5.94
N GLN C 366 -55.05 18.57 6.29
CA GLN C 366 -56.27 18.06 6.94
C GLN C 366 -56.02 17.48 8.32
N GLY C 367 -55.00 16.63 8.49
CA GLY C 367 -54.79 15.99 9.79
C GLY C 367 -53.36 15.53 9.97
N GLY C 368 -52.92 15.57 11.23
CA GLY C 368 -51.63 15.08 11.66
C GLY C 368 -51.75 14.50 13.05
N SER C 369 -50.61 14.31 13.72
CA SER C 369 -50.55 13.84 15.09
C SER C 369 -49.96 14.87 16.03
N ILE C 370 -49.00 15.67 15.59
CA ILE C 370 -48.33 16.68 16.39
C ILE C 370 -48.16 17.91 15.51
N SER C 371 -48.10 19.08 16.14
CA SER C 371 -47.93 20.36 15.48
C SER C 371 -46.77 21.12 16.12
N ILE C 372 -46.04 21.87 15.28
CA ILE C 372 -44.84 22.59 15.69
C ILE C 372 -44.99 24.05 15.26
N SER C 373 -44.45 24.95 16.07
CA SER C 373 -44.37 26.37 15.74
C SER C 373 -42.99 26.89 16.16
N ASN C 374 -42.40 27.73 15.32
CA ASN C 374 -41.08 28.30 15.55
C ASN C 374 -41.17 29.80 15.35
N MET C 375 -40.47 30.55 16.21
CA MET C 375 -40.37 32.01 16.08
C MET C 375 -38.94 32.48 16.36
N GLY C 376 -37.95 31.71 15.89
CA GLY C 376 -36.56 32.11 16.04
C GLY C 376 -36.07 33.22 15.12
N MET C 377 -36.87 33.66 14.16
CA MET C 377 -36.44 34.76 13.30
C MET C 377 -36.45 36.10 14.02
N ASN C 378 -37.21 36.22 15.11
CA ASN C 378 -37.33 37.45 15.87
C ASN C 378 -36.58 37.29 17.19
N PRO C 379 -35.50 38.05 17.47
CA PRO C 379 -34.77 37.85 18.73
C PRO C 379 -35.52 38.28 19.97
N ALA C 380 -36.66 38.96 19.85
CA ALA C 380 -37.37 39.51 20.99
C ALA C 380 -38.38 38.54 21.60
N VAL C 381 -38.46 37.31 21.11
CA VAL C 381 -39.41 36.30 21.61
C VAL C 381 -38.59 35.26 22.34
N GLN C 382 -38.67 35.30 23.68
CA GLN C 382 -37.93 34.33 24.50
C GLN C 382 -38.73 33.05 24.66
N SER C 383 -40.02 33.17 25.00
CA SER C 383 -40.89 32.01 25.17
C SER C 383 -42.33 32.45 24.94
N PHE C 384 -43.14 31.52 24.46
CA PHE C 384 -44.54 31.81 24.18
C PHE C 384 -45.33 30.51 24.19
N THR C 385 -46.66 30.65 24.15
CA THR C 385 -47.59 29.55 24.24
C THR C 385 -48.34 29.42 22.92
N ALA C 386 -48.97 28.26 22.70
CA ALA C 386 -49.75 28.00 21.50
C ALA C 386 -50.97 27.16 21.88
N ILE C 387 -52.00 27.23 21.03
CA ILE C 387 -53.24 26.51 21.22
C ILE C 387 -53.18 25.20 20.44
N ILE C 388 -53.78 24.16 21.00
CA ILE C 388 -53.77 22.84 20.38
C ILE C 388 -54.87 22.78 19.32
N ASN C 389 -54.59 22.06 18.23
CA ASN C 389 -55.57 21.87 17.18
C ASN C 389 -56.68 20.90 17.65
N PRO C 390 -57.85 20.93 17.02
CA PRO C 390 -59.01 20.17 17.56
C PRO C 390 -58.75 18.67 17.68
N PRO C 391 -58.37 17.98 16.59
CA PRO C 391 -58.26 16.52 16.70
C PRO C 391 -56.96 16.03 17.33
N GLN C 392 -55.97 16.92 17.53
CA GLN C 392 -54.66 16.54 18.05
C GLN C 392 -54.61 16.73 19.55
N ALA C 393 -53.55 16.18 20.16
CA ALA C 393 -53.41 16.10 21.61
C ALA C 393 -52.09 16.68 22.11
N ALA C 394 -51.37 17.46 21.28
CA ALA C 394 -50.12 18.06 21.71
C ALA C 394 -49.69 19.11 20.69
N ILE C 395 -48.90 20.07 21.17
CA ILE C 395 -48.28 21.05 20.28
C ILE C 395 -46.99 21.54 20.92
N LEU C 396 -46.01 21.89 20.08
CA LEU C 396 -44.70 22.35 20.52
C LEU C 396 -44.43 23.75 19.97
N ALA C 397 -43.85 24.59 20.83
CA ALA C 397 -43.49 25.96 20.52
C ALA C 397 -42.02 26.16 20.82
N VAL C 398 -41.29 26.73 19.85
CA VAL C 398 -39.85 26.96 19.93
C VAL C 398 -39.61 28.46 19.96
N GLY C 399 -38.67 28.88 20.80
CA GLY C 399 -38.30 30.27 20.93
C GLY C 399 -37.03 30.59 20.17
N ALA C 400 -36.43 31.76 20.51
CA ALA C 400 -35.21 32.26 19.89
C ALA C 400 -34.00 31.95 20.76
N PRO C 401 -32.80 31.82 20.20
CA PRO C 401 -31.64 31.47 21.03
C PRO C 401 -31.21 32.64 21.91
N GLN C 402 -30.43 32.31 22.94
CA GLN C 402 -29.92 33.29 23.88
C GLN C 402 -28.64 32.71 24.47
N LYS C 403 -27.91 33.52 25.22
CA LYS C 403 -26.62 33.12 25.81
C LYS C 403 -26.67 33.19 27.33
N VAL C 404 -26.12 32.16 27.98
CA VAL C 404 -26.10 32.04 29.44
C VAL C 404 -24.74 31.53 29.90
N ALA C 405 -24.41 31.83 31.16
CA ALA C 405 -23.19 31.38 31.79
C ALA C 405 -23.38 30.00 32.41
N VAL C 406 -22.35 29.15 32.28
CA VAL C 406 -22.35 27.80 32.84
C VAL C 406 -21.01 27.55 33.51
N PRO C 407 -20.96 26.63 34.49
CA PRO C 407 -19.68 26.31 35.15
C PRO C 407 -18.88 25.24 34.42
N VAL C 408 -17.58 25.47 34.30
CA VAL C 408 -16.64 24.54 33.68
C VAL C 408 -15.53 24.22 34.67
N GLU C 409 -15.21 22.93 34.81
CA GLU C 409 -14.14 22.47 35.71
C GLU C 409 -12.83 22.52 34.95
N ASN C 410 -12.13 23.65 35.08
CA ASN C 410 -10.83 23.82 34.44
C ASN C 410 -9.84 22.79 34.97
N GLU C 411 -8.97 22.31 34.07
CA GLU C 411 -8.03 21.25 34.41
C GLU C 411 -7.09 21.63 35.56
N ASP C 412 -6.89 22.92 35.84
CA ASP C 412 -6.05 23.34 36.95
C ASP C 412 -6.65 23.00 38.31
N GLY C 413 -7.93 22.64 38.38
CA GLY C 413 -8.58 22.28 39.63
C GLY C 413 -9.41 23.39 40.23
N THR C 414 -10.09 24.16 39.39
CA THR C 414 -10.93 25.28 39.82
C THR C 414 -12.21 25.26 38.99
N THR C 415 -13.01 26.32 39.12
CA THR C 415 -14.27 26.48 38.40
C THR C 415 -14.23 27.80 37.67
N GLY C 416 -14.60 27.77 36.38
CA GLY C 416 -14.61 28.94 35.54
C GLY C 416 -15.94 29.12 34.84
N VAL C 417 -16.05 30.22 34.11
CA VAL C 417 -17.27 30.64 33.44
C VAL C 417 -17.13 30.32 31.96
N SER C 418 -18.13 29.66 31.40
CA SER C 418 -18.23 29.42 29.95
C SER C 418 -19.56 29.95 29.48
N TRP C 419 -19.64 30.31 28.21
CA TRP C 419 -20.82 30.93 27.62
C TRP C 419 -21.46 29.95 26.66
N ASP C 420 -22.59 29.38 27.08
CA ASP C 420 -23.34 28.43 26.27
C ASP C 420 -24.51 29.17 25.62
N GLU C 421 -24.96 28.65 24.49
CA GLU C 421 -26.13 29.15 23.78
C GLU C 421 -27.28 28.17 23.97
N GLN C 422 -28.45 28.67 24.35
CA GLN C 422 -29.60 27.86 24.71
C GLN C 422 -30.87 28.37 24.02
N ILE C 423 -31.83 27.48 23.89
CA ILE C 423 -33.19 27.81 23.47
C ILE C 423 -34.14 27.27 24.53
N ILE C 424 -35.32 27.89 24.64
CA ILE C 424 -36.37 27.50 25.58
C ILE C 424 -37.52 26.94 24.76
N VAL C 425 -37.92 25.71 25.06
CA VAL C 425 -38.96 24.98 24.33
C VAL C 425 -40.13 24.77 25.26
N THR C 426 -41.34 25.09 24.78
CA THR C 426 -42.57 24.89 25.52
C THR C 426 -43.45 23.89 24.80
N ALA C 427 -44.09 23.01 25.55
CA ALA C 427 -44.98 21.98 25.02
C ALA C 427 -46.31 22.07 25.75
N SER C 428 -47.40 22.10 24.99
CA SER C 428 -48.75 22.13 25.54
C SER C 428 -49.42 20.80 25.26
N PHE C 429 -50.03 20.22 26.30
CA PHE C 429 -50.59 18.88 26.25
C PHE C 429 -52.02 18.91 26.79
N ASP C 430 -52.85 18.02 26.23
CA ASP C 430 -54.17 17.75 26.76
C ASP C 430 -54.08 16.70 27.86
N HIS C 431 -54.94 16.84 28.87
CA HIS C 431 -54.91 16.00 30.07
C HIS C 431 -55.92 14.87 30.05
N LYS C 432 -56.66 14.68 28.96
CA LYS C 432 -57.53 13.51 28.80
C LYS C 432 -56.80 12.33 28.16
N VAL C 433 -55.82 12.60 27.30
CA VAL C 433 -55.06 11.55 26.61
C VAL C 433 -53.65 11.40 27.19
N VAL C 434 -53.12 12.41 27.89
CA VAL C 434 -51.75 12.42 28.37
C VAL C 434 -51.78 12.81 29.84
N ASP C 435 -50.75 12.40 30.58
CA ASP C 435 -50.55 12.77 31.97
C ASP C 435 -49.22 13.49 32.11
N GLY C 436 -48.98 14.01 33.33
CA GLY C 436 -47.78 14.79 33.57
C GLY C 436 -46.51 13.98 33.37
N ALA C 437 -46.49 12.76 33.88
CA ALA C 437 -45.29 11.93 33.78
C ALA C 437 -44.97 11.61 32.32
N VAL C 438 -46.01 11.34 31.52
CA VAL C 438 -45.79 11.01 30.11
C VAL C 438 -45.16 12.20 29.39
N GLY C 439 -45.70 13.41 29.62
CA GLY C 439 -45.12 14.60 29.02
C GLY C 439 -43.69 14.85 29.47
N ALA C 440 -43.42 14.63 30.76
CA ALA C 440 -42.06 14.80 31.27
C ALA C 440 -41.09 13.84 30.59
N GLU C 441 -41.51 12.58 30.44
CA GLU C 441 -40.67 11.61 29.74
C GLU C 441 -40.45 12.02 28.28
N TRP C 442 -41.52 12.49 27.62
CA TRP C 442 -41.41 12.97 26.24
C TRP C 442 -40.37 14.08 26.13
N ILE C 443 -40.42 15.05 27.04
CA ILE C 443 -39.45 16.14 27.04
C ILE C 443 -38.05 15.59 27.25
N ARG C 444 -37.91 14.61 28.15
CA ARG C 444 -36.60 14.01 28.40
C ARG C 444 -36.03 13.35 27.15
N GLU C 445 -36.84 12.58 26.41
CA GLU C 445 -36.33 11.95 25.19
C GLU C 445 -35.93 12.99 24.16
N LEU C 446 -36.76 14.01 23.97
CA LEU C 446 -36.42 15.10 23.05
C LEU C 446 -35.10 15.75 23.43
N LYS C 447 -34.92 16.07 24.71
CA LYS C 447 -33.70 16.72 25.16
C LYS C 447 -32.48 15.83 24.91
N LYS C 448 -32.56 14.56 25.33
CA LYS C 448 -31.46 13.62 25.12
C LYS C 448 -31.08 13.52 23.65
N VAL C 449 -32.08 13.50 22.76
CA VAL C 449 -31.77 13.41 21.33
C VAL C 449 -31.14 14.70 20.81
N ILE C 450 -31.52 15.85 21.36
CA ILE C 450 -31.01 17.13 20.84
C ILE C 450 -29.60 17.41 21.34
N GLU C 451 -29.39 17.37 22.66
CA GLU C 451 -28.07 17.66 23.22
C GLU C 451 -26.98 16.75 22.66
N ASN C 452 -27.27 15.45 22.51
CA ASN C 452 -26.39 14.54 21.80
C ASN C 452 -26.91 14.37 20.37
N PRO C 453 -26.30 15.01 19.35
CA PRO C 453 -26.96 15.01 18.03
C PRO C 453 -26.68 13.74 17.23
N LEU C 454 -25.57 13.07 17.51
CA LEU C 454 -25.20 11.84 16.75
C LEU C 454 -26.33 10.82 16.88
N GLU C 455 -26.98 10.78 18.04
CA GLU C 455 -28.05 9.82 18.30
C GLU C 455 -29.25 9.99 17.34
N LEU C 456 -29.23 11.01 16.48
CA LEU C 456 -30.21 11.11 15.41
C LEU C 456 -30.08 9.99 14.38
N LEU C 457 -28.95 9.26 14.37
CA LEU C 457 -28.80 8.18 13.40
C LEU C 457 -29.70 7.00 13.75
N LEU C 458 -29.48 6.39 14.91
CA LEU C 458 -30.35 5.29 15.35
C LEU C 458 -31.74 5.82 15.69
N ALA D 226 -44.82 -3.09 -4.69
CA ALA D 226 -44.55 -1.77 -5.29
C ALA D 226 -43.28 -1.82 -6.14
N TYR D 227 -43.39 -1.47 -7.41
CA TYR D 227 -42.22 -1.50 -8.32
C TYR D 227 -42.62 -0.85 -9.65
N THR D 228 -41.68 -0.75 -10.57
CA THR D 228 -42.00 -0.21 -11.93
C THR D 228 -41.28 -1.07 -12.97
N ASP D 229 -41.78 -1.05 -14.20
CA ASP D 229 -41.18 -1.87 -15.28
C ASP D 229 -40.90 -0.98 -16.49
N VAL D 230 -39.76 -1.22 -17.16
CA VAL D 230 -39.42 -0.45 -18.38
C VAL D 230 -39.11 -1.46 -19.48
N PRO D 231 -39.66 -1.34 -20.71
CA PRO D 231 -39.36 -2.33 -21.74
C PRO D 231 -37.87 -2.34 -22.11
N ILE D 232 -37.35 -3.54 -22.39
CA ILE D 232 -35.91 -3.65 -22.76
C ILE D 232 -35.69 -2.99 -24.12
N SER D 233 -34.61 -2.24 -24.25
CA SER D 233 -34.33 -1.52 -25.51
C SER D 233 -33.86 -2.50 -26.59
N GLY D 234 -34.05 -2.13 -27.86
CA GLY D 234 -33.55 -2.97 -28.96
C GLY D 234 -32.04 -3.05 -28.95
N MET D 235 -31.38 -1.95 -28.59
CA MET D 235 -29.90 -1.93 -28.60
C MET D 235 -29.33 -2.64 -27.36
N ARG D 236 -30.15 -2.84 -26.32
CA ARG D 236 -29.61 -3.43 -25.06
C ARG D 236 -29.42 -4.94 -25.25
N LYS D 237 -30.26 -5.60 -26.05
CA LYS D 237 -30.06 -7.05 -26.34
C LYS D 237 -28.93 -7.21 -27.35
N THR D 238 -28.85 -6.29 -28.33
CA THR D 238 -27.69 -6.44 -29.25
C THR D 238 -26.38 -6.50 -28.47
N ILE D 239 -26.30 -5.78 -27.36
CA ILE D 239 -25.08 -5.83 -26.51
C ILE D 239 -25.19 -6.96 -25.47
N ALA D 240 -26.40 -7.26 -24.99
CA ALA D 240 -26.56 -8.34 -24.00
C ALA D 240 -26.13 -9.68 -24.62
N ALA D 241 -26.60 -9.97 -25.83
CA ALA D 241 -26.23 -11.23 -26.49
C ALA D 241 -24.72 -11.28 -26.71
N ARG D 242 -24.13 -10.17 -27.14
CA ARG D 242 -22.67 -10.13 -27.42
C ARG D 242 -21.88 -10.39 -26.14
N LEU D 243 -22.20 -9.69 -25.06
CA LEU D 243 -21.54 -9.91 -23.75
C LEU D 243 -21.74 -11.36 -23.29
N LYS D 244 -22.91 -11.91 -23.52
CA LYS D 244 -23.18 -13.29 -23.05
C LYS D 244 -22.39 -14.28 -23.91
N GLU D 245 -22.12 -13.92 -25.16
CA GLU D 245 -21.32 -14.80 -26.05
C GLU D 245 -19.84 -14.74 -25.68
N SER D 246 -19.36 -13.57 -25.27
CA SER D 246 -17.92 -13.41 -24.98
C SER D 246 -17.50 -14.30 -23.80
N VAL D 247 -18.29 -14.29 -22.72
CA VAL D 247 -17.90 -15.05 -21.51
C VAL D 247 -17.85 -16.56 -21.82
N THR D 248 -18.83 -17.06 -22.56
CA THR D 248 -18.89 -18.51 -22.84
C THR D 248 -17.96 -18.91 -23.99
N GLU D 249 -17.28 -17.96 -24.63
CA GLU D 249 -16.42 -18.26 -25.80
C GLU D 249 -14.94 -18.01 -25.49
N ASN D 250 -14.65 -17.16 -24.51
CA ASN D 250 -13.26 -16.78 -24.20
C ASN D 250 -12.98 -17.00 -22.71
N PRO D 251 -12.19 -18.00 -22.31
CA PRO D 251 -11.77 -18.07 -20.92
C PRO D 251 -10.93 -16.84 -20.58
N HIS D 252 -11.08 -16.37 -19.34
CA HIS D 252 -10.42 -15.11 -18.93
C HIS D 252 -9.40 -15.36 -17.82
N PHE D 253 -8.28 -14.65 -17.89
CA PHE D 253 -7.34 -14.65 -16.75
C PHE D 253 -6.75 -13.24 -16.66
N PHE D 254 -6.68 -12.73 -15.43
CA PHE D 254 -6.26 -11.32 -15.28
C PHE D 254 -4.86 -11.20 -14.70
N VAL D 255 -4.22 -10.06 -14.93
CA VAL D 255 -2.87 -9.74 -14.41
C VAL D 255 -2.93 -8.28 -13.95
N SER D 256 -2.26 -7.99 -12.83
CA SER D 256 -2.32 -6.63 -12.24
C SER D 256 -0.90 -6.11 -12.03
N THR D 257 -0.77 -4.80 -12.09
CA THR D 257 0.55 -4.19 -11.82
C THR D 257 0.35 -2.78 -11.31
N ASN D 258 1.41 -2.24 -10.71
CA ASN D 258 1.39 -0.87 -10.19
C ASN D 258 2.47 -0.07 -10.93
N LEU D 259 2.09 1.11 -11.41
CA LEU D 259 3.03 1.96 -12.18
C LEU D 259 3.21 3.30 -11.46
N SER D 260 4.46 3.77 -11.43
CA SER D 260 4.76 5.11 -10.89
C SER D 260 4.74 6.09 -12.06
N VAL D 261 4.02 7.20 -11.89
CA VAL D 261 3.79 8.13 -13.02
C VAL D 261 4.19 9.55 -12.63
N SER D 262 5.10 9.70 -11.67
CA SER D 262 5.58 11.05 -11.32
C SER D 262 6.36 11.64 -12.49
N LYS D 263 7.28 10.85 -13.06
CA LYS D 263 8.12 11.39 -14.15
C LYS D 263 7.24 11.72 -15.36
N LEU D 264 6.24 10.89 -15.62
CA LEU D 264 5.33 11.17 -16.76
C LEU D 264 4.58 12.48 -16.52
N LEU D 265 4.12 12.72 -15.29
CA LEU D 265 3.45 14.01 -15.01
C LEU D 265 4.41 15.18 -15.18
N LYS D 266 5.66 15.03 -14.72
CA LYS D 266 6.64 16.12 -14.92
C LYS D 266 6.85 16.36 -16.41
N LEU D 267 6.97 15.29 -17.18
CA LEU D 267 7.18 15.43 -18.65
C LEU D 267 5.99 16.18 -19.23
N ARG D 268 4.77 15.73 -18.90
CA ARG D 268 3.55 16.35 -19.46
C ARG D 268 3.51 17.84 -19.11
N GLN D 269 3.85 18.18 -17.86
CA GLN D 269 3.85 19.60 -17.47
C GLN D 269 4.92 20.36 -18.27
N ALA D 270 6.04 19.72 -18.53
CA ALA D 270 7.11 20.40 -19.29
C ALA D 270 6.67 20.61 -20.75
N LEU D 271 5.90 19.67 -21.30
CA LEU D 271 5.53 19.76 -22.74
C LEU D 271 4.19 20.49 -22.94
N ASN D 272 3.44 20.77 -21.88
CA ASN D 272 2.16 21.52 -22.01
C ASN D 272 2.35 23.01 -21.70
N SER D 273 3.57 23.44 -21.39
CA SER D 273 3.85 24.88 -21.13
C SER D 273 4.70 25.51 -22.23
N SER D 274 5.45 24.71 -22.98
CA SER D 274 6.26 25.24 -24.10
C SER D 274 5.41 25.44 -25.36
N ALA D 275 4.09 25.22 -25.28
CA ALA D 275 3.20 25.41 -26.43
C ALA D 275 2.47 26.76 -26.32
N ASP D 276 1.93 27.21 -27.44
CA ASP D 276 1.23 28.52 -27.50
C ASP D 276 -0.29 28.34 -27.64
N GLY D 277 -0.78 27.10 -27.66
CA GLY D 277 -2.22 26.85 -27.88
C GLY D 277 -2.47 25.79 -28.93
N ARG D 278 -1.42 25.26 -29.55
CA ARG D 278 -1.60 24.29 -30.64
C ARG D 278 -2.25 23.01 -30.13
N TYR D 279 -1.85 22.55 -28.94
CA TYR D 279 -2.31 21.22 -28.48
C TYR D 279 -2.41 21.21 -26.95
N LYS D 280 -2.86 20.08 -26.42
CA LYS D 280 -2.87 19.87 -24.96
C LYS D 280 -2.95 18.36 -24.76
N LEU D 281 -2.03 17.82 -23.96
CA LEU D 281 -1.89 16.35 -23.86
C LEU D 281 -2.58 15.79 -22.62
N SER D 282 -2.55 14.46 -22.52
CA SER D 282 -3.18 13.76 -21.37
C SER D 282 -2.47 12.42 -21.19
N VAL D 283 -2.77 11.75 -20.09
CA VAL D 283 -2.07 10.49 -19.76
C VAL D 283 -2.46 9.39 -20.76
N ASN D 284 -3.70 9.41 -21.21
CA ASN D 284 -4.20 8.32 -22.09
C ASN D 284 -3.36 8.20 -23.36
N ASP D 285 -2.92 9.32 -23.92
CA ASP D 285 -2.09 9.27 -25.14
C ASP D 285 -0.77 8.57 -24.85
N PHE D 286 -0.15 8.90 -23.72
CA PHE D 286 1.11 8.24 -23.34
C PHE D 286 0.90 6.74 -23.20
N LEU D 287 -0.20 6.36 -22.54
CA LEU D 287 -0.47 4.92 -22.32
C LEU D 287 -0.72 4.23 -23.67
N ILE D 288 -1.42 4.91 -24.58
CA ILE D 288 -1.70 4.33 -25.92
C ILE D 288 -0.38 4.09 -26.65
N LYS D 289 0.50 5.08 -26.65
CA LYS D 289 1.78 4.92 -27.38
C LYS D 289 2.62 3.80 -26.75
N ALA D 290 2.69 3.79 -25.43
CA ALA D 290 3.47 2.74 -24.73
C ALA D 290 2.86 1.37 -25.03
N MET D 291 1.52 1.32 -25.09
CA MET D 291 0.84 0.05 -25.44
C MET D 291 1.33 -0.39 -26.81
N GLY D 292 1.34 0.54 -27.78
CA GLY D 292 1.78 0.17 -29.13
C GLY D 292 3.20 -0.38 -29.14
N ILE D 293 4.09 0.25 -28.40
CA ILE D 293 5.51 -0.22 -28.37
C ILE D 293 5.54 -1.62 -27.75
N ALA D 294 4.84 -1.81 -26.64
CA ALA D 294 4.86 -3.13 -25.96
C ALA D 294 4.25 -4.19 -26.88
N SER D 295 3.19 -3.84 -27.61
CA SER D 295 2.62 -4.77 -28.61
C SER D 295 3.68 -5.14 -29.64
N LYS D 296 4.46 -4.16 -30.07
CA LYS D 296 5.47 -4.43 -31.11
C LYS D 296 6.54 -5.39 -30.57
N ARG D 297 6.95 -5.21 -29.32
CA ARG D 297 8.02 -6.07 -28.77
C ARG D 297 7.50 -7.49 -28.58
N VAL D 298 6.26 -7.63 -28.12
CA VAL D 298 5.64 -8.97 -27.93
C VAL D 298 4.46 -9.06 -28.89
N PRO D 299 4.61 -9.64 -30.09
CA PRO D 299 3.51 -9.62 -31.05
C PRO D 299 2.42 -10.69 -30.83
N THR D 300 2.65 -11.63 -29.93
CA THR D 300 1.66 -12.72 -29.72
C THR D 300 0.32 -12.19 -29.22
N VAL D 301 0.31 -11.01 -28.60
CA VAL D 301 -0.96 -10.44 -28.08
C VAL D 301 -1.69 -9.72 -29.21
N ASN D 302 -0.92 -9.12 -30.13
CA ASN D 302 -1.53 -8.43 -31.29
C ASN D 302 -2.04 -9.50 -32.27
N SER D 303 -2.93 -10.36 -31.77
CA SER D 303 -3.41 -11.49 -32.60
C SER D 303 -4.91 -11.67 -32.40
N SER D 304 -5.46 -12.70 -33.06
CA SER D 304 -6.91 -12.97 -32.94
C SER D 304 -7.18 -14.44 -33.20
N TRP D 305 -8.32 -14.92 -32.69
CA TRP D 305 -8.71 -16.34 -32.86
C TRP D 305 -9.88 -16.42 -33.83
N ARG D 306 -9.65 -17.02 -34.99
CA ARG D 306 -10.73 -17.17 -36.00
C ARG D 306 -11.28 -18.60 -35.95
N ASP D 307 -12.11 -18.97 -36.92
CA ASP D 307 -12.79 -20.31 -36.89
C ASP D 307 -11.78 -21.45 -36.76
N GLY D 308 -10.78 -21.50 -37.63
CA GLY D 308 -9.81 -22.61 -37.61
C GLY D 308 -8.40 -22.16 -37.95
N VAL D 309 -8.10 -20.89 -37.68
CA VAL D 309 -6.73 -20.36 -37.98
C VAL D 309 -6.45 -19.20 -37.03
N ILE D 310 -5.17 -19.00 -36.72
CA ILE D 310 -4.79 -17.84 -35.85
C ILE D 310 -4.45 -16.67 -36.77
N ARG D 311 -4.87 -15.48 -36.37
CA ARG D 311 -4.57 -14.27 -37.18
C ARG D 311 -3.51 -13.44 -36.45
N GLN D 312 -2.43 -13.13 -37.14
CA GLN D 312 -1.35 -12.30 -36.55
C GLN D 312 -1.19 -11.04 -37.38
N PHE D 313 -1.25 -9.88 -36.72
CA PHE D 313 -1.19 -8.60 -37.45
C PHE D 313 0.23 -8.02 -37.40
N GLU D 314 0.42 -6.87 -38.05
CA GLU D 314 1.73 -6.18 -38.02
C GLU D 314 1.48 -4.69 -37.80
N THR D 315 0.20 -4.31 -37.77
CA THR D 315 -0.14 -2.90 -37.49
C THR D 315 -0.99 -2.86 -36.23
N VAL D 316 -0.76 -1.86 -35.40
CA VAL D 316 -1.46 -1.79 -34.09
C VAL D 316 -2.61 -0.80 -34.18
N ASP D 317 -3.82 -1.30 -33.97
CA ASP D 317 -5.02 -0.44 -33.91
C ASP D 317 -5.60 -0.58 -32.51
N VAL D 318 -5.86 0.56 -31.87
CA VAL D 318 -6.33 0.55 -30.46
C VAL D 318 -7.76 1.05 -30.40
N SER D 319 -8.56 0.40 -29.56
CA SER D 319 -9.98 0.78 -29.38
C SER D 319 -10.15 1.53 -28.07
N VAL D 320 -10.63 2.76 -28.15
CA VAL D 320 -10.86 3.58 -26.92
C VAL D 320 -12.36 3.58 -26.64
N ALA D 321 -12.71 3.62 -25.35
CA ALA D 321 -14.14 3.56 -24.95
C ALA D 321 -14.66 4.95 -24.60
N VAL D 322 -15.81 5.29 -25.19
CA VAL D 322 -16.46 6.61 -24.90
C VAL D 322 -17.86 6.32 -24.35
N ALA D 323 -18.19 6.92 -23.21
CA ALA D 323 -19.50 6.68 -22.58
C ALA D 323 -20.47 7.81 -22.94
N THR D 324 -21.68 7.44 -23.34
CA THR D 324 -22.72 8.44 -23.69
C THR D 324 -24.03 7.95 -23.06
N PRO D 325 -25.05 8.81 -22.86
CA PRO D 325 -26.31 8.34 -22.30
C PRO D 325 -26.97 7.23 -23.14
N ASN D 326 -26.72 7.24 -24.46
CA ASN D 326 -27.27 6.17 -25.33
C ASN D 326 -26.36 4.94 -25.23
N GLY D 327 -25.53 4.87 -24.20
CA GLY D 327 -24.63 3.72 -24.00
C GLY D 327 -23.19 4.05 -24.35
N LEU D 328 -22.27 3.10 -24.14
CA LEU D 328 -20.84 3.33 -24.43
C LEU D 328 -20.57 3.15 -25.93
N ILE D 329 -19.45 3.67 -26.42
CA ILE D 329 -19.08 3.48 -27.85
C ILE D 329 -17.56 3.27 -27.91
N THR D 330 -17.04 2.79 -29.04
CA THR D 330 -15.59 2.48 -29.11
C THR D 330 -14.95 3.12 -30.34
N PRO D 331 -14.59 4.42 -30.32
CA PRO D 331 -13.86 5.02 -31.45
C PRO D 331 -12.55 4.27 -31.65
N ILE D 332 -11.99 4.31 -32.86
CA ILE D 332 -10.76 3.52 -33.16
C ILE D 332 -9.64 4.44 -33.66
N VAL D 333 -8.40 4.17 -33.27
CA VAL D 333 -7.22 4.97 -33.70
C VAL D 333 -6.33 4.04 -34.50
N LYS D 334 -5.85 4.53 -35.64
CA LYS D 334 -5.05 3.67 -36.56
C LYS D 334 -3.62 4.19 -36.70
N GLY D 335 -2.70 3.28 -36.98
CA GLY D 335 -1.31 3.68 -37.21
C GLY D 335 -0.67 4.31 -35.98
N VAL D 336 -0.91 3.72 -34.81
CA VAL D 336 -0.37 4.30 -33.56
C VAL D 336 1.17 4.13 -33.52
N GLU D 337 1.67 2.98 -33.98
CA GLU D 337 3.13 2.72 -33.92
C GLU D 337 3.89 3.87 -34.58
N GLY D 338 3.50 4.24 -35.81
CA GLY D 338 4.16 5.33 -36.54
C GLY D 338 3.40 6.64 -36.42
N LYS D 339 3.34 7.15 -35.20
CA LYS D 339 2.56 8.39 -34.96
C LYS D 339 3.11 9.12 -33.75
N GLY D 340 2.67 10.36 -33.58
CA GLY D 340 3.07 11.16 -32.41
C GLY D 340 1.90 11.47 -31.50
N LEU D 341 2.20 12.10 -30.37
CA LEU D 341 1.14 12.34 -29.37
C LEU D 341 0.09 13.32 -29.91
N GLU D 342 0.52 14.34 -30.64
CA GLU D 342 -0.43 15.38 -31.12
C GLU D 342 -1.51 14.76 -32.02
N SER D 343 -1.09 13.94 -32.98
CA SER D 343 -2.09 13.32 -33.90
C SER D 343 -3.04 12.41 -33.12
N ILE D 344 -2.50 11.67 -32.17
CA ILE D 344 -3.34 10.73 -31.38
C ILE D 344 -4.38 11.54 -30.60
N SER D 345 -3.95 12.63 -29.98
CA SER D 345 -4.90 13.46 -29.20
C SER D 345 -5.97 14.05 -30.11
N ALA D 346 -5.55 14.59 -31.26
CA ALA D 346 -6.51 15.21 -32.18
C ALA D 346 -7.53 14.18 -32.66
N ALA D 347 -7.06 12.99 -33.02
CA ALA D 347 -7.98 11.93 -33.48
C ALA D 347 -8.94 11.53 -32.36
N VAL D 348 -8.39 11.29 -31.17
CA VAL D 348 -9.24 10.83 -30.03
C VAL D 348 -10.29 11.89 -29.71
N LYS D 349 -9.98 13.17 -29.91
CA LYS D 349 -10.96 14.21 -29.52
C LYS D 349 -11.97 14.45 -30.63
N GLU D 350 -11.53 14.42 -31.89
CA GLU D 350 -12.49 14.53 -33.00
C GLU D 350 -13.49 13.36 -32.91
N LEU D 351 -12.97 12.15 -32.71
CA LEU D 351 -13.88 10.98 -32.66
C LEU D 351 -14.77 11.05 -31.41
N ALA D 352 -14.24 11.51 -30.29
CA ALA D 352 -15.09 11.64 -29.08
C ALA D 352 -16.23 12.63 -29.35
N LYS D 353 -15.91 13.74 -30.00
CA LYS D 353 -16.96 14.74 -30.32
C LYS D 353 -18.02 14.14 -31.23
N LYS D 354 -17.59 13.44 -32.29
CA LYS D 354 -18.58 12.87 -33.23
C LYS D 354 -19.39 11.76 -32.54
N ALA D 355 -18.74 11.00 -31.65
CA ALA D 355 -19.49 9.96 -30.90
C ALA D 355 -20.54 10.62 -30.01
N ARG D 356 -20.19 11.71 -29.36
CA ARG D 356 -21.17 12.39 -28.49
C ARG D 356 -22.30 12.99 -29.33
N ASP D 357 -21.97 13.47 -30.53
CA ASP D 357 -23.00 14.13 -31.38
C ASP D 357 -23.78 13.12 -32.23
N GLY D 358 -23.45 11.83 -32.15
CA GLY D 358 -24.26 10.81 -32.85
C GLY D 358 -24.25 10.89 -34.35
N LYS D 359 -23.08 11.07 -34.96
CA LYS D 359 -22.98 11.02 -36.45
C LYS D 359 -21.78 10.16 -36.82
N LEU D 360 -21.65 9.00 -36.17
CA LEU D 360 -20.47 8.13 -36.38
C LEU D 360 -20.79 7.10 -37.46
N LYS D 361 -19.89 6.99 -38.42
CA LYS D 361 -20.06 5.97 -39.48
C LYS D 361 -19.80 4.57 -38.91
N PRO D 362 -20.37 3.49 -39.51
CA PRO D 362 -20.16 2.17 -38.93
C PRO D 362 -18.71 1.66 -39.07
N GLU D 363 -18.09 1.87 -40.24
CA GLU D 363 -16.71 1.38 -40.48
C GLU D 363 -15.76 1.91 -39.39
N GLU D 364 -16.05 3.06 -38.80
CA GLU D 364 -15.12 3.70 -37.83
C GLU D 364 -15.09 2.95 -36.50
N TYR D 365 -16.08 2.11 -36.18
CA TYR D 365 -16.02 1.30 -34.93
C TYR D 365 -16.34 -0.17 -35.23
N GLN D 366 -15.44 -0.85 -35.94
CA GLN D 366 -15.73 -2.26 -36.33
C GLN D 366 -14.69 -3.22 -35.73
N GLY D 367 -13.39 -2.92 -35.87
CA GLY D 367 -12.39 -3.90 -35.42
C GLY D 367 -11.08 -3.28 -35.03
N GLY D 368 -10.42 -3.90 -34.05
CA GLY D 368 -9.08 -3.47 -33.62
C GLY D 368 -8.31 -4.68 -33.17
N SER D 369 -7.23 -4.45 -32.41
CA SER D 369 -6.40 -5.57 -31.87
C SER D 369 -6.42 -5.54 -30.34
N ILE D 370 -6.46 -4.34 -29.75
CA ILE D 370 -6.44 -4.20 -28.27
C ILE D 370 -7.45 -3.12 -27.91
N SER D 371 -8.01 -3.21 -26.71
CA SER D 371 -9.00 -2.22 -26.22
C SER D 371 -8.53 -1.67 -24.89
N ILE D 372 -8.82 -0.38 -24.68
CA ILE D 372 -8.38 0.31 -23.44
C ILE D 372 -9.60 0.95 -22.77
N SER D 373 -9.59 0.96 -21.45
CA SER D 373 -10.65 1.65 -20.67
C SER D 373 -9.97 2.43 -19.56
N ASN D 374 -10.42 3.67 -19.35
CA ASN D 374 -9.84 4.53 -18.30
C ASN D 374 -10.98 5.06 -17.43
N MET D 375 -10.74 5.16 -16.13
CA MET D 375 -11.78 5.68 -15.19
C MET D 375 -11.12 6.67 -14.22
N GLY D 376 -10.01 7.30 -14.63
CA GLY D 376 -9.28 8.21 -13.73
C GLY D 376 -10.05 9.50 -13.48
N MET D 377 -11.21 9.68 -14.12
CA MET D 377 -12.02 10.89 -13.82
C MET D 377 -12.70 10.75 -12.46
N ASN D 378 -12.86 9.53 -11.96
CA ASN D 378 -13.51 9.28 -10.66
C ASN D 378 -12.45 8.87 -9.65
N PRO D 379 -12.14 9.64 -8.58
CA PRO D 379 -11.06 9.23 -7.69
C PRO D 379 -11.40 7.99 -6.83
N ALA D 380 -12.65 7.52 -6.87
CA ALA D 380 -13.05 6.40 -5.97
C ALA D 380 -12.81 5.03 -6.61
N VAL D 381 -12.23 4.99 -7.81
CA VAL D 381 -11.99 3.69 -8.51
C VAL D 381 -10.48 3.43 -8.48
N GLN D 382 -10.06 2.48 -7.65
CA GLN D 382 -8.62 2.17 -7.54
C GLN D 382 -8.23 1.17 -8.62
N SER D 383 -9.02 0.11 -8.78
CA SER D 383 -8.73 -0.90 -9.83
C SER D 383 -10.06 -1.58 -10.18
N PHE D 384 -10.17 -2.03 -11.43
CA PHE D 384 -11.41 -2.70 -11.84
C PHE D 384 -11.14 -3.65 -13.00
N THR D 385 -12.15 -4.44 -13.35
CA THR D 385 -11.99 -5.45 -14.42
C THR D 385 -12.88 -5.06 -15.60
N ALA D 386 -12.60 -5.63 -16.77
CA ALA D 386 -13.40 -5.36 -18.00
C ALA D 386 -13.55 -6.65 -18.79
N ILE D 387 -14.55 -6.68 -19.66
CA ILE D 387 -14.81 -7.88 -20.51
C ILE D 387 -14.11 -7.68 -21.85
N ILE D 388 -13.61 -8.78 -22.41
CA ILE D 388 -12.90 -8.71 -23.71
C ILE D 388 -13.92 -8.68 -24.84
N ASN D 389 -13.61 -7.94 -25.89
CA ASN D 389 -14.49 -7.89 -27.08
C ASN D 389 -14.43 -9.23 -27.82
N PRO D 390 -15.44 -9.56 -28.66
CA PRO D 390 -15.48 -10.90 -29.25
C PRO D 390 -14.26 -11.25 -30.10
N PRO D 391 -13.87 -10.45 -31.12
CA PRO D 391 -12.78 -10.89 -31.98
C PRO D 391 -11.39 -10.61 -31.41
N GLN D 392 -11.32 -9.88 -30.30
CA GLN D 392 -10.01 -9.48 -29.74
C GLN D 392 -9.56 -10.45 -28.65
N ALA D 393 -8.29 -10.36 -28.26
CA ALA D 393 -7.71 -11.33 -27.30
C ALA D 393 -7.07 -10.63 -26.10
N ALA D 394 -7.38 -9.36 -25.86
CA ALA D 394 -6.84 -8.67 -24.67
C ALA D 394 -7.59 -7.38 -24.43
N ILE D 395 -7.56 -6.92 -23.19
CA ILE D 395 -8.16 -5.60 -22.86
C ILE D 395 -7.41 -5.05 -21.65
N LEU D 396 -7.26 -3.72 -21.62
CA LEU D 396 -6.56 -3.06 -20.50
C LEU D 396 -7.51 -2.11 -19.78
N ALA D 397 -7.42 -2.13 -18.45
CA ALA D 397 -8.24 -1.24 -17.61
C ALA D 397 -7.31 -0.41 -16.73
N VAL D 398 -7.56 0.89 -16.73
CA VAL D 398 -6.71 1.82 -15.94
C VAL D 398 -7.55 2.41 -14.82
N GLY D 399 -6.94 2.54 -13.65
CA GLY D 399 -7.63 3.12 -12.49
C GLY D 399 -7.26 4.57 -12.26
N ALA D 400 -7.54 5.05 -11.04
CA ALA D 400 -7.28 6.46 -10.68
C ALA D 400 -5.99 6.54 -9.87
N PRO D 401 -5.27 7.68 -9.85
CA PRO D 401 -4.03 7.71 -9.10
C PRO D 401 -4.24 7.72 -7.58
N GLN D 402 -3.19 7.37 -6.87
CA GLN D 402 -3.23 7.37 -5.40
C GLN D 402 -1.80 7.59 -4.91
N LYS D 403 -1.64 7.76 -3.59
CA LYS D 403 -0.31 8.06 -3.02
C LYS D 403 0.12 6.95 -2.06
N VAL D 404 1.40 6.55 -2.15
CA VAL D 404 1.95 5.49 -1.28
C VAL D 404 3.36 5.87 -0.82
N ALA D 405 3.81 5.24 0.28
CA ALA D 405 5.15 5.49 0.81
C ALA D 405 6.17 4.57 0.14
N VAL D 406 7.36 5.11 -0.14
CA VAL D 406 8.46 4.33 -0.76
C VAL D 406 9.75 4.65 -0.03
N PRO D 407 10.78 3.77 -0.07
CA PRO D 407 12.05 4.06 0.55
C PRO D 407 13.00 4.85 -0.35
N VAL D 408 13.63 5.88 0.24
CA VAL D 408 14.60 6.71 -0.51
C VAL D 408 15.93 6.69 0.25
N GLU D 409 17.03 6.48 -0.50
CA GLU D 409 18.38 6.47 0.12
C GLU D 409 18.90 7.89 0.19
N ASN D 410 18.65 8.54 1.32
CA ASN D 410 19.09 9.94 1.51
C ASN D 410 20.60 10.03 1.40
N GLU D 411 21.10 11.12 0.85
CA GLU D 411 22.55 11.28 0.63
C GLU D 411 23.35 11.20 1.94
N ASP D 412 22.72 11.47 3.08
CA ASP D 412 23.42 11.39 4.37
C ASP D 412 23.83 9.96 4.73
N GLY D 413 23.27 8.95 4.06
CA GLY D 413 23.62 7.56 4.33
C GLY D 413 22.60 6.84 5.19
N THR D 414 21.33 7.15 4.96
CA THR D 414 20.23 6.53 5.74
C THR D 414 19.08 6.21 4.79
N THR D 415 17.95 5.78 5.37
CA THR D 415 16.75 5.47 4.56
C THR D 415 15.60 6.32 5.06
N GLY D 416 14.90 6.95 4.13
CA GLY D 416 13.79 7.84 4.49
C GLY D 416 12.53 7.51 3.73
N VAL D 417 11.47 8.22 4.09
CA VAL D 417 10.13 7.97 3.49
C VAL D 417 9.87 9.02 2.43
N SER D 418 9.46 8.56 1.25
CA SER D 418 9.06 9.49 0.18
C SER D 418 7.65 9.12 -0.24
N TRP D 419 6.93 10.13 -0.75
CA TRP D 419 5.51 9.91 -1.14
C TRP D 419 5.41 9.88 -2.65
N ASP D 420 5.25 8.69 -3.18
CA ASP D 420 5.15 8.52 -4.64
C ASP D 420 3.69 8.41 -5.02
N GLU D 421 3.40 8.77 -6.27
CA GLU D 421 2.02 8.66 -6.80
C GLU D 421 2.00 7.49 -7.78
N GLN D 422 1.00 6.62 -7.60
CA GLN D 422 0.94 5.38 -8.41
C GLN D 422 -0.45 5.16 -8.98
N ILE D 423 -0.50 4.36 -10.03
CA ILE D 423 -1.79 3.92 -10.61
C ILE D 423 -1.71 2.38 -10.65
N ILE D 424 -2.88 1.75 -10.59
CA ILE D 424 -2.96 0.27 -10.67
C ILE D 424 -3.60 -0.08 -12.00
N VAL D 425 -2.89 -0.88 -12.77
CA VAL D 425 -3.36 -1.24 -14.14
C VAL D 425 -3.69 -2.73 -14.15
N THR D 426 -4.86 -3.05 -14.67
CA THR D 426 -5.30 -4.46 -14.79
C THR D 426 -5.41 -4.83 -16.26
N ALA D 427 -4.96 -6.02 -16.61
CA ALA D 427 -5.04 -6.52 -18.00
C ALA D 427 -5.75 -7.86 -17.99
N SER D 428 -6.75 -7.99 -18.85
CA SER D 428 -7.48 -9.27 -18.99
C SER D 428 -7.09 -9.92 -20.30
N PHE D 429 -6.76 -11.21 -20.24
CA PHE D 429 -6.25 -11.93 -21.42
C PHE D 429 -7.02 -13.22 -21.63
N ASP D 430 -7.10 -13.63 -22.89
CA ASP D 430 -7.68 -14.96 -23.21
C ASP D 430 -6.56 -15.99 -23.17
N HIS D 431 -6.90 -17.20 -22.75
CA HIS D 431 -5.89 -18.26 -22.54
C HIS D 431 -5.79 -19.24 -23.71
N LYS D 432 -6.52 -18.99 -24.81
CA LYS D 432 -6.35 -19.82 -26.02
C LYS D 432 -5.27 -19.24 -26.94
N VAL D 433 -5.10 -17.92 -26.91
CA VAL D 433 -4.10 -17.25 -27.80
C VAL D 433 -2.89 -16.78 -26.99
N VAL D 434 -3.04 -16.62 -25.67
CA VAL D 434 -1.95 -16.06 -24.83
C VAL D 434 -1.74 -16.99 -23.65
N ASP D 435 -0.54 -16.97 -23.09
CA ASP D 435 -0.22 -17.74 -21.87
C ASP D 435 0.21 -16.77 -20.77
N GLY D 436 0.41 -17.31 -19.57
CA GLY D 436 0.76 -16.45 -18.43
C GLY D 436 2.09 -15.74 -18.63
N ALA D 437 3.09 -16.46 -19.13
CA ALA D 437 4.43 -15.84 -19.30
C ALA D 437 4.36 -14.70 -20.32
N VAL D 438 3.59 -14.89 -21.38
CA VAL D 438 3.49 -13.85 -22.44
C VAL D 438 2.86 -12.59 -21.84
N GLY D 439 1.78 -12.76 -21.08
CA GLY D 439 1.15 -11.60 -20.44
C GLY D 439 2.08 -10.93 -19.44
N ALA D 440 2.82 -11.72 -18.69
CA ALA D 440 3.78 -11.14 -17.71
C ALA D 440 4.85 -10.33 -18.44
N GLU D 441 5.36 -10.86 -19.55
CA GLU D 441 6.37 -10.10 -20.34
C GLU D 441 5.74 -8.83 -20.89
N TRP D 442 4.50 -8.92 -21.39
CA TRP D 442 3.80 -7.73 -21.91
C TRP D 442 3.70 -6.66 -20.83
N ILE D 443 3.32 -7.05 -19.63
CA ILE D 443 3.20 -6.07 -18.52
C ILE D 443 4.59 -5.50 -18.21
N ARG D 444 5.62 -6.33 -18.28
CA ARG D 444 6.98 -5.83 -18.00
C ARG D 444 7.38 -4.76 -19.03
N GLU D 445 7.11 -5.01 -20.31
CA GLU D 445 7.52 -4.00 -21.33
C GLU D 445 6.72 -2.70 -21.12
N LEU D 446 5.42 -2.82 -20.86
CA LEU D 446 4.61 -1.62 -20.60
C LEU D 446 5.18 -0.84 -19.40
N LYS D 447 5.49 -1.56 -18.31
CA LYS D 447 6.00 -0.87 -17.10
C LYS D 447 7.34 -0.19 -17.41
N LYS D 448 8.25 -0.90 -18.05
CA LYS D 448 9.57 -0.31 -18.38
C LYS D 448 9.39 0.95 -19.22
N VAL D 449 8.47 0.91 -20.17
CA VAL D 449 8.27 2.10 -21.04
C VAL D 449 7.64 3.24 -20.24
N ILE D 450 6.78 2.94 -19.27
CA ILE D 450 6.07 4.02 -18.55
C ILE D 450 6.97 4.66 -17.49
N GLU D 451 7.57 3.85 -16.62
CA GLU D 451 8.41 4.40 -15.53
C GLU D 451 9.56 5.23 -16.10
N ASN D 452 10.19 4.75 -17.18
CA ASN D 452 11.20 5.58 -17.89
C ASN D 452 10.49 6.21 -19.09
N PRO D 453 10.08 7.48 -19.08
CA PRO D 453 9.26 8.00 -20.18
C PRO D 453 10.04 8.37 -21.43
N LEU D 454 11.32 8.69 -21.26
CA LEU D 454 12.16 9.13 -22.41
C LEU D 454 12.21 7.99 -23.44
N GLU D 455 12.10 6.75 -22.99
CA GLU D 455 12.15 5.58 -23.91
C GLU D 455 10.95 5.55 -24.85
N LEU D 456 9.98 6.45 -24.65
CA LEU D 456 8.82 6.52 -25.56
C LEU D 456 9.36 6.91 -26.94
N LEU D 457 10.39 7.76 -26.98
CA LEU D 457 11.02 8.13 -28.27
C LEU D 457 11.57 6.86 -28.91
N LEU D 458 12.33 6.07 -28.14
CA LEU D 458 12.91 4.81 -28.67
C LEU D 458 11.79 3.85 -29.07
N PRO E 264 41.83 -3.28 -6.88
CA PRO E 264 41.42 -1.99 -6.31
C PRO E 264 42.56 -1.26 -5.57
N PRO E 265 43.37 -0.48 -6.30
CA PRO E 265 44.46 0.26 -5.65
C PRO E 265 43.92 1.24 -4.62
N VAL E 266 44.70 1.43 -3.55
CA VAL E 266 44.34 2.31 -2.44
C VAL E 266 45.53 3.21 -2.12
N ALA E 267 45.23 4.38 -1.55
CA ALA E 267 46.26 5.35 -1.18
C ALA E 267 45.86 6.07 0.10
N VAL E 268 46.85 6.67 0.76
CA VAL E 268 46.67 7.34 2.04
C VAL E 268 47.08 8.81 1.92
N VAL E 269 46.48 9.63 2.78
CA VAL E 269 46.76 11.06 2.88
C VAL E 269 46.96 11.38 4.35
N THR E 270 47.88 12.31 4.64
CA THR E 270 48.28 12.63 6.02
C THR E 270 48.44 14.14 6.17
N ALA E 271 48.28 14.62 7.42
CA ALA E 271 48.46 16.03 7.75
C ALA E 271 48.77 16.22 9.24
N PRO E 272 49.86 16.99 9.63
CA PRO E 272 50.10 17.25 11.06
C PRO E 272 48.98 18.02 11.75
N ILE E 273 49.12 18.21 13.07
CA ILE E 273 48.08 18.87 13.86
C ILE E 273 48.71 19.36 15.16
N SER E 274 48.13 20.44 15.72
CA SER E 274 48.50 21.00 17.02
C SER E 274 47.23 21.20 17.80
N LEU E 275 47.17 20.65 19.03
CA LEU E 275 45.96 20.65 19.85
C LEU E 275 46.07 21.58 21.06
N SER E 276 46.99 22.55 21.03
CA SER E 276 47.18 23.43 22.18
C SER E 276 45.96 24.29 22.45
N ALA E 277 45.35 24.84 21.40
CA ALA E 277 44.23 25.76 21.57
C ALA E 277 43.04 25.08 22.22
N ALA E 278 42.75 23.84 21.81
CA ALA E 278 41.66 23.08 22.43
C ALA E 278 41.91 22.86 23.91
N ILE E 279 43.16 22.56 24.27
CA ILE E 279 43.53 22.42 25.68
C ILE E 279 43.24 23.72 26.43
N ASP E 280 43.65 24.85 25.85
CA ASP E 280 43.42 26.14 26.50
C ASP E 280 41.94 26.40 26.75
N VAL E 281 41.11 26.16 25.73
CA VAL E 281 39.67 26.37 25.87
C VAL E 281 39.09 25.47 26.95
N GLN E 282 39.51 24.19 26.97
CA GLN E 282 38.99 23.27 28.00
C GLN E 282 39.35 23.72 29.40
N ASN E 283 40.65 24.00 29.62
CA ASN E 283 41.10 24.48 30.93
C ASN E 283 40.33 25.72 31.36
N LYS E 284 40.22 26.72 30.46
CA LYS E 284 39.59 27.98 30.82
C LYS E 284 38.13 27.77 31.17
N LEU E 285 37.43 26.96 30.36
CA LEU E 285 36.02 26.67 30.64
C LEU E 285 35.87 26.00 32.00
N HIS E 286 36.78 25.07 32.33
CA HIS E 286 36.77 24.42 33.64
C HIS E 286 36.93 25.39 34.81
N LYS E 287 37.57 26.56 34.60
CA LYS E 287 37.88 27.46 35.71
C LYS E 287 36.80 28.49 35.96
N THR E 288 35.96 28.77 34.96
CA THR E 288 34.97 29.82 35.03
C THR E 288 33.54 29.33 35.28
N ILE E 289 33.24 28.06 34.98
CA ILE E 289 31.89 27.53 35.14
C ILE E 289 31.94 26.21 35.91
N GLY E 290 32.80 25.29 35.46
CA GLY E 290 32.88 23.96 36.05
C GLY E 290 32.79 22.88 35.00
N VAL E 291 32.37 23.23 33.78
CA VAL E 291 32.21 22.24 32.73
C VAL E 291 33.58 21.71 32.34
N PHE E 292 33.70 20.38 32.26
CA PHE E 292 34.89 19.71 31.76
C PHE E 292 34.41 18.64 30.78
N LEU E 293 34.96 18.66 29.58
CA LEU E 293 34.62 17.74 28.51
C LEU E 293 35.89 17.23 27.83
N PRO E 294 35.82 16.07 27.17
CA PRO E 294 37.03 15.49 26.57
C PRO E 294 37.31 16.08 25.19
N LEU E 295 38.53 15.83 24.71
CA LEU E 295 38.91 16.22 23.36
C LEU E 295 38.02 15.56 22.31
N SER E 296 37.44 14.39 22.62
CA SER E 296 36.71 13.59 21.64
C SER E 296 35.57 14.37 21.00
N THR E 297 34.79 15.09 21.81
CA THR E 297 33.66 15.83 21.29
C THR E 297 34.11 16.94 20.33
N PHE E 298 35.21 17.62 20.67
CA PHE E 298 35.83 18.54 19.71
C PHE E 298 36.15 17.84 18.40
N ILE E 299 36.66 16.60 18.45
CA ILE E 299 37.03 15.90 17.23
C ILE E 299 35.79 15.60 16.40
N THR E 300 34.76 15.05 17.04
CA THR E 300 33.54 14.72 16.30
C THR E 300 32.84 15.96 15.77
N ARG E 301 32.74 17.02 16.59
CA ARG E 301 32.05 18.24 16.16
C ARG E 301 32.77 18.90 14.99
N ALA E 302 34.10 18.88 15.00
CA ALA E 302 34.85 19.37 13.85
C ALA E 302 34.56 18.51 12.63
N THR E 303 34.52 17.18 12.81
CA THR E 303 34.18 16.29 11.71
C THR E 303 32.78 16.56 11.15
N GLU E 304 31.83 16.95 12.00
CA GLU E 304 30.49 17.22 11.50
C GLU E 304 30.47 18.49 10.65
N ILE E 305 31.06 19.58 11.15
CA ILE E 305 31.08 20.82 10.37
C ILE E 305 31.89 20.68 9.09
N ALA E 306 32.83 19.71 9.04
CA ALA E 306 33.67 19.57 7.86
C ALA E 306 32.92 18.92 6.71
N ASN E 307 32.24 17.79 6.98
CA ASN E 307 31.55 17.03 5.93
C ASN E 307 30.23 17.73 5.57
N GLN E 308 30.35 18.91 4.98
CA GLN E 308 29.24 19.71 4.49
C GLN E 308 29.42 20.15 3.04
N LYS E 309 30.65 20.48 2.63
CA LYS E 309 30.92 21.08 1.32
C LYS E 309 32.26 20.53 0.85
N LEU E 310 32.21 19.43 0.09
CA LEU E 310 33.40 18.73 -0.38
C LEU E 310 33.22 18.49 -1.88
N PRO E 311 34.25 18.76 -2.74
CA PRO E 311 34.05 18.55 -4.18
C PRO E 311 33.81 17.09 -4.53
N LEU E 312 33.53 16.81 -5.81
CA LEU E 312 33.19 15.47 -6.29
C LEU E 312 34.33 14.91 -7.14
N PRO E 313 34.48 13.58 -7.22
CA PRO E 313 35.49 13.03 -8.12
C PRO E 313 35.24 13.42 -9.57
N ALA E 314 36.34 13.63 -10.30
CA ALA E 314 36.24 13.99 -11.71
C ALA E 314 35.64 12.90 -12.58
N ASN E 315 35.63 11.66 -12.10
CA ASN E 315 35.07 10.51 -12.81
C ASN E 315 33.72 10.07 -12.23
N TYR E 316 32.90 11.05 -11.86
CA TYR E 316 31.58 10.80 -11.29
C TYR E 316 30.59 10.55 -12.44
N GLN E 317 29.80 9.47 -12.32
CA GLN E 317 28.77 9.13 -13.30
C GLN E 317 27.37 9.42 -12.73
N PRO E 318 26.51 10.25 -13.38
CA PRO E 318 25.20 10.53 -12.79
C PRO E 318 24.21 9.37 -12.85
N THR E 319 23.00 9.57 -12.30
CA THR E 319 21.93 8.58 -12.28
C THR E 319 20.80 9.00 -13.21
N ALA E 320 19.77 8.15 -13.31
CA ALA E 320 18.69 8.40 -14.26
C ALA E 320 17.90 9.66 -13.91
N ASP E 321 17.59 9.85 -12.64
CA ASP E 321 16.75 10.98 -12.21
C ASP E 321 17.45 12.29 -12.53
N GLU E 322 18.74 12.36 -12.23
CA GLU E 322 19.54 13.56 -12.48
C GLU E 322 19.52 13.94 -13.96
N LEU E 323 19.78 12.98 -14.85
CA LEU E 323 19.81 13.26 -16.28
C LEU E 323 18.42 13.65 -16.79
N PHE E 324 17.39 12.96 -16.31
CA PHE E 324 16.02 13.27 -16.70
C PHE E 324 15.66 14.70 -16.31
N ASN E 325 15.98 15.11 -15.08
CA ASN E 325 15.69 16.47 -14.63
C ASN E 325 16.46 17.50 -15.43
N GLN E 326 17.69 17.19 -15.81
CA GLN E 326 18.44 18.13 -16.67
C GLN E 326 17.74 18.18 -18.04
N VAL E 327 17.59 17.03 -18.71
CA VAL E 327 16.95 16.97 -20.06
C VAL E 327 15.67 17.80 -20.05
N LEU E 328 15.00 17.89 -18.90
CA LEU E 328 13.73 18.65 -18.81
C LEU E 328 14.03 20.14 -18.68
N GLY E 329 14.52 20.58 -17.51
CA GLY E 329 14.81 21.98 -17.29
C GLY E 329 14.51 22.47 -15.88
N LEU E 330 14.44 21.58 -14.89
CA LEU E 330 14.15 21.98 -13.51
C LEU E 330 15.41 22.37 -12.74
N ASP E 331 16.50 21.64 -13.00
CA ASP E 331 17.78 21.84 -12.34
C ASP E 331 18.87 22.14 -13.37
N LYS E 332 18.60 23.10 -14.26
CA LYS E 332 19.54 23.46 -15.32
C LYS E 332 20.91 23.83 -14.76
N VAL E 333 20.96 24.37 -13.55
CA VAL E 333 22.22 24.59 -12.85
C VAL E 333 22.58 23.29 -12.14
N THR E 334 23.73 22.73 -12.50
CA THR E 334 24.18 21.46 -11.92
C THR E 334 24.83 21.70 -10.56
N ARG E 335 25.24 20.62 -9.92
CA ARG E 335 25.85 20.64 -8.60
C ARG E 335 27.33 20.29 -8.70
N LYS E 336 28.11 20.82 -7.76
CA LYS E 336 29.55 20.58 -7.67
C LYS E 336 29.97 20.27 -6.23
N GLU E 337 29.02 19.90 -5.37
CA GLU E 337 29.28 19.61 -3.97
C GLU E 337 28.44 18.40 -3.58
N SER E 338 28.89 17.69 -2.54
CA SER E 338 28.17 16.54 -2.03
C SER E 338 28.74 16.16 -0.67
N ARG E 339 27.84 15.83 0.27
CA ARG E 339 28.22 15.49 1.62
C ARG E 339 28.98 14.16 1.64
N GLY E 340 29.43 13.78 2.84
CA GLY E 340 30.16 12.53 3.01
C GLY E 340 30.09 12.09 4.46
N SER E 341 30.73 10.94 4.72
CA SER E 341 30.78 10.33 6.05
C SER E 341 32.18 9.77 6.24
N TYR E 342 33.08 10.60 6.75
CA TYR E 342 34.46 10.24 7.04
C TYR E 342 34.66 10.09 8.54
N THR E 343 35.71 9.36 8.92
CA THR E 343 36.12 9.19 10.31
C THR E 343 37.65 9.23 10.37
N PRO E 344 38.30 10.25 11.01
CA PRO E 344 39.77 10.28 10.96
C PRO E 344 40.41 9.18 11.80
N THR E 345 41.74 9.15 11.79
CA THR E 345 42.53 8.23 12.60
C THR E 345 43.33 9.04 13.60
N PHE E 346 43.45 8.51 14.82
CA PHE E 346 44.06 9.26 15.91
C PHE E 346 45.54 9.54 15.63
N GLY E 347 46.08 10.49 16.39
CA GLY E 347 47.50 10.84 16.33
C GLY E 347 47.76 12.34 16.28
N SER E 348 48.94 12.73 16.75
CA SER E 348 49.43 14.10 16.68
C SER E 348 50.95 14.04 16.57
N PHE E 349 51.60 15.20 16.73
CA PHE E 349 53.07 15.34 16.66
C PHE E 349 53.83 14.26 17.42
N VAL E 392 50.32 11.67 13.07
CA VAL E 392 49.54 12.75 12.51
C VAL E 392 48.21 12.24 11.97
N PHE E 393 47.28 13.15 11.66
CA PHE E 393 45.98 12.71 11.20
C PHE E 393 46.10 12.12 9.80
N SER E 394 45.64 10.87 9.66
CA SER E 394 45.83 10.09 8.45
C SER E 394 44.49 9.51 8.03
N LEU E 395 44.33 9.29 6.73
CA LEU E 395 43.15 8.63 6.20
C LEU E 395 43.58 7.74 5.05
N GLN E 396 42.86 6.63 4.89
CA GLN E 396 43.08 5.63 3.86
C GLN E 396 41.83 5.55 3.02
N VAL E 397 41.96 5.75 1.70
CA VAL E 397 40.82 5.79 0.78
C VAL E 397 41.30 5.36 -0.61
N PRO E 398 40.43 4.89 -1.51
CA PRO E 398 40.86 4.60 -2.90
C PRO E 398 41.39 5.83 -3.63
N LYS E 399 41.90 5.58 -4.84
CA LYS E 399 42.53 6.65 -5.59
C LYS E 399 41.50 7.69 -6.07
N SER E 400 40.33 7.24 -6.55
CA SER E 400 39.34 8.17 -7.12
C SER E 400 38.97 9.30 -6.17
N GLU E 401 38.72 8.98 -4.89
CA GLU E 401 38.24 9.98 -3.90
C GLU E 401 39.42 10.59 -3.15
N GLU E 402 40.60 9.98 -3.21
CA GLU E 402 41.79 10.46 -2.47
C GLU E 402 41.78 11.99 -2.41
N LYS E 403 41.55 12.67 -3.54
CA LYS E 403 41.57 14.15 -3.63
C LYS E 403 40.49 14.75 -2.73
N ARG E 404 39.27 14.20 -2.76
CA ARG E 404 38.13 14.71 -1.95
C ARG E 404 38.48 14.55 -0.47
N ALA E 405 39.05 13.39 -0.11
CA ALA E 405 39.41 13.14 1.30
C ALA E 405 40.38 14.20 1.80
N GLN E 406 41.15 14.84 0.91
CA GLN E 406 42.14 15.87 1.30
C GLN E 406 41.43 17.16 1.71
N ALA E 407 40.45 17.63 0.93
CA ALA E 407 39.65 18.84 1.24
C ALA E 407 39.16 18.73 2.69
N PHE E 408 38.80 17.51 3.12
CA PHE E 408 38.35 17.22 4.48
C PHE E 408 39.45 17.46 5.50
N LEU E 409 40.64 16.92 5.24
CA LEU E 409 41.75 17.08 6.19
C LEU E 409 42.11 18.55 6.38
N GLN E 410 42.21 19.32 5.28
CA GLN E 410 42.61 20.72 5.44
C GLN E 410 41.50 21.55 6.08
N LYS E 411 40.23 21.25 5.77
CA LYS E 411 39.12 21.98 6.37
C LYS E 411 39.12 21.82 7.89
N MET E 412 39.26 20.58 8.36
CA MET E 412 39.38 20.36 9.80
C MET E 412 40.67 20.96 10.35
N LYS E 413 41.77 20.85 9.60
CA LYS E 413 43.04 21.44 9.99
C LYS E 413 42.97 22.95 10.17
N LEU E 414 42.06 23.62 9.45
CA LEU E 414 41.90 25.06 9.60
C LEU E 414 40.98 25.39 10.76
N VAL E 415 39.83 24.72 10.86
CA VAL E 415 38.83 25.05 11.87
C VAL E 415 39.40 24.82 13.27
N LEU E 416 40.12 23.71 13.45
CA LEU E 416 40.60 23.33 14.78
C LEU E 416 41.77 24.19 15.28
N GLU E 417 42.34 24.99 14.38
CA GLU E 417 43.54 25.80 14.73
C GLU E 417 43.13 27.28 14.78
N GLN E 418 42.10 27.67 14.03
CA GLN E 418 41.65 29.09 14.00
C GLN E 418 40.22 29.21 14.55
N GLU E 419 39.50 28.10 14.67
CA GLU E 419 38.11 28.13 15.19
C GLU E 419 37.92 27.01 16.21
N PRO E 420 38.66 26.95 17.33
CA PRO E 420 38.37 25.92 18.33
C PRO E 420 37.13 26.33 19.14
N ASP E 421 37.03 27.62 19.43
CA ASP E 421 35.89 28.16 20.20
C ASP E 421 34.56 27.78 19.53
N LYS E 422 34.55 27.72 18.19
CA LYS E 422 33.32 27.41 17.46
C LYS E 422 32.71 26.09 17.94
N LEU E 423 33.55 25.14 18.35
CA LEU E 423 33.06 23.81 18.79
C LEU E 423 32.73 23.85 20.29
N VAL E 424 31.94 24.84 20.69
CA VAL E 424 31.53 24.95 22.12
C VAL E 424 30.06 25.38 22.14
N ARG E 425 29.16 24.42 22.40
CA ARG E 425 27.71 24.73 22.46
C ARG E 425 27.23 25.25 21.10
N ALA F 226 58.42 16.41 -65.98
CA ALA F 226 58.17 15.20 -65.20
C ALA F 226 56.77 15.22 -64.61
N TYR F 227 55.99 14.18 -64.89
CA TYR F 227 54.62 14.07 -64.42
C TYR F 227 54.12 12.66 -64.78
N THR F 228 52.89 12.36 -64.36
CA THR F 228 52.24 11.09 -64.66
C THR F 228 50.80 11.35 -65.06
N ASP F 229 50.25 10.42 -65.84
CA ASP F 229 48.88 10.49 -66.33
C ASP F 229 48.20 9.14 -66.10
N VAL F 230 46.94 9.19 -65.68
CA VAL F 230 46.12 8.01 -65.39
C VAL F 230 44.82 8.13 -66.18
N PRO F 231 44.37 7.11 -66.92
CA PRO F 231 43.11 7.25 -67.68
C PRO F 231 41.91 7.48 -66.76
N ILE F 232 40.99 8.31 -67.24
CA ILE F 232 39.78 8.60 -66.46
C ILE F 232 38.91 7.36 -66.36
N SER F 233 38.36 7.13 -65.17
CA SER F 233 37.53 5.96 -64.93
C SER F 233 36.17 6.10 -65.59
N GLY F 234 35.55 4.95 -65.89
CA GLY F 234 34.22 4.97 -66.46
C GLY F 234 33.19 5.53 -65.51
N MET F 235 33.32 5.24 -64.21
CA MET F 235 32.40 5.74 -63.22
C MET F 235 32.63 7.20 -62.86
N ARG F 236 33.79 7.76 -63.19
CA ARG F 236 34.10 9.16 -62.81
C ARG F 236 33.35 10.12 -63.73
N LYS F 237 33.11 9.80 -65.01
CA LYS F 237 32.33 10.64 -65.90
C LYS F 237 30.84 10.62 -65.55
N THR F 238 30.33 9.48 -65.08
CA THR F 238 28.91 9.38 -64.72
C THR F 238 28.54 10.36 -63.60
N ILE F 239 29.46 10.64 -62.68
CA ILE F 239 29.23 11.64 -61.65
C ILE F 239 29.64 13.04 -62.09
N ALA F 240 30.67 13.15 -62.94
CA ALA F 240 31.10 14.46 -63.43
C ALA F 240 29.98 15.13 -64.23
N ALA F 241 29.38 14.39 -65.16
CA ALA F 241 28.28 14.92 -65.98
C ALA F 241 27.11 15.34 -65.09
N ARG F 242 26.79 14.51 -64.10
CA ARG F 242 25.63 14.78 -63.19
C ARG F 242 25.90 16.06 -62.40
N LEU F 243 27.06 16.18 -61.77
CA LEU F 243 27.45 17.39 -61.04
C LEU F 243 27.41 18.62 -61.95
N LYS F 244 27.87 18.46 -63.20
CA LYS F 244 27.90 19.59 -64.11
C LYS F 244 26.49 19.98 -64.53
N GLU F 245 25.57 19.01 -64.55
CA GLU F 245 24.18 19.29 -64.90
C GLU F 245 23.44 19.97 -63.75
N SER F 246 23.77 19.62 -62.50
CA SER F 246 23.06 20.18 -61.36
C SER F 246 23.28 21.68 -61.23
N VAL F 247 24.54 22.14 -61.39
CA VAL F 247 24.85 23.55 -61.21
C VAL F 247 24.14 24.41 -62.26
N THR F 248 24.13 23.96 -63.51
CA THR F 248 23.51 24.71 -64.60
C THR F 248 22.00 24.56 -64.66
N GLU F 249 21.40 23.71 -63.81
CA GLU F 249 19.97 23.46 -63.81
C GLU F 249 19.26 23.98 -62.56
N ASN F 250 19.98 24.12 -61.45
CA ASN F 250 19.40 24.54 -60.17
C ASN F 250 20.15 25.74 -59.62
N PRO F 251 19.59 26.95 -59.62
CA PRO F 251 20.20 28.05 -58.85
C PRO F 251 20.23 27.69 -57.38
N HIS F 252 21.28 28.14 -56.69
CA HIS F 252 21.55 27.78 -55.31
C HIS F 252 21.50 29.02 -54.43
N PHE F 253 20.92 28.86 -53.23
CA PHE F 253 21.10 29.86 -52.17
C PHE F 253 21.16 29.16 -50.83
N PHE F 254 22.02 29.68 -49.95
CA PHE F 254 22.39 29.03 -48.70
C PHE F 254 21.77 29.75 -47.50
N VAL F 255 21.65 29.01 -46.42
CA VAL F 255 21.20 29.53 -45.13
C VAL F 255 22.00 28.79 -44.04
N SER F 256 22.37 29.51 -42.98
CA SER F 256 23.21 28.97 -41.92
C SER F 256 22.56 29.24 -40.58
N THR F 257 22.86 28.37 -39.61
CA THR F 257 22.35 28.54 -38.25
C THR F 257 23.28 27.82 -37.28
N ASN F 258 23.13 28.17 -36.00
CA ASN F 258 23.87 27.55 -34.92
C ASN F 258 22.89 26.91 -33.94
N LEU F 259 23.18 25.67 -33.55
CA LEU F 259 22.32 24.87 -32.68
C LEU F 259 23.10 24.48 -31.43
N SER F 260 22.44 24.58 -30.27
CA SER F 260 22.96 24.09 -29.01
C SER F 260 22.46 22.67 -28.78
N VAL F 261 23.38 21.76 -28.43
CA VAL F 261 23.10 20.33 -28.40
C VAL F 261 23.50 19.70 -27.07
N SER F 262 23.56 20.51 -26.01
CA SER F 262 23.91 19.95 -24.70
C SER F 262 22.80 19.05 -24.19
N LYS F 263 21.56 19.52 -24.27
CA LYS F 263 20.42 18.73 -23.80
C LYS F 263 20.28 17.44 -24.58
N LEU F 264 20.52 17.50 -25.90
CA LEU F 264 20.47 16.29 -26.72
C LEU F 264 21.50 15.27 -26.28
N LEU F 265 22.73 15.73 -25.97
CA LEU F 265 23.75 14.82 -25.48
C LEU F 265 23.35 14.20 -24.15
N LYS F 266 22.78 15.00 -23.24
CA LYS F 266 22.32 14.46 -21.96
C LYS F 266 21.24 13.40 -22.18
N LEU F 267 20.31 13.69 -23.09
CA LEU F 267 19.23 12.71 -23.39
C LEU F 267 19.86 11.42 -23.90
N ARG F 268 20.74 11.54 -24.90
CA ARG F 268 21.38 10.36 -25.48
C ARG F 268 22.11 9.54 -24.42
N GLN F 269 22.83 10.21 -23.51
CA GLN F 269 23.51 9.49 -22.43
C GLN F 269 22.50 8.80 -21.52
N ALA F 270 21.36 9.44 -21.29
CA ALA F 270 20.33 8.83 -20.43
C ALA F 270 19.73 7.60 -21.10
N LEU F 271 19.59 7.62 -22.42
CA LEU F 271 18.93 6.53 -23.15
C LEU F 271 19.90 5.45 -23.64
N ASN F 272 21.22 5.69 -23.58
CA ASN F 272 22.22 4.69 -23.96
C ASN F 272 22.78 3.92 -22.76
N SER F 273 22.29 4.19 -21.54
CA SER F 273 22.70 3.46 -20.35
C SER F 273 21.61 2.59 -19.76
N SER F 274 20.33 2.89 -20.05
CA SER F 274 19.23 2.05 -19.60
C SER F 274 19.01 0.83 -20.47
N ALA F 275 19.87 0.58 -21.47
CA ALA F 275 19.79 -0.58 -22.35
C ALA F 275 20.80 -1.64 -21.91
N ASP F 276 20.57 -2.86 -22.39
CA ASP F 276 21.40 -4.02 -22.06
C ASP F 276 22.27 -4.48 -23.21
N GLY F 277 22.23 -3.81 -24.37
CA GLY F 277 22.96 -4.22 -25.55
C GLY F 277 22.10 -4.27 -26.81
N ARG F 278 20.81 -3.95 -26.68
CA ARG F 278 19.91 -4.03 -27.83
C ARG F 278 20.29 -3.04 -28.92
N TYR F 279 20.68 -1.82 -28.54
CA TYR F 279 20.87 -0.74 -29.50
C TYR F 279 21.96 0.20 -29.00
N LYS F 280 22.27 1.19 -29.84
CA LYS F 280 23.15 2.30 -29.46
C LYS F 280 22.90 3.43 -30.46
N LEU F 281 22.64 4.62 -29.93
CA LEU F 281 22.14 5.75 -30.71
C LEU F 281 23.26 6.71 -31.07
N SER F 282 22.91 7.71 -31.89
CA SER F 282 23.86 8.72 -32.33
C SER F 282 23.07 9.99 -32.70
N VAL F 283 23.81 11.06 -32.94
CA VAL F 283 23.20 12.37 -33.18
C VAL F 283 22.45 12.36 -34.51
N ASN F 284 22.97 11.65 -35.50
CA ASN F 284 22.41 11.67 -36.85
C ASN F 284 20.96 11.21 -36.86
N ASP F 285 20.62 10.21 -36.05
CA ASP F 285 19.24 9.74 -35.98
C ASP F 285 18.32 10.83 -35.45
N PHE F 286 18.75 11.54 -34.41
CA PHE F 286 17.96 12.66 -33.88
C PHE F 286 17.75 13.72 -34.94
N LEU F 287 18.81 14.06 -35.68
CA LEU F 287 18.70 15.07 -36.72
C LEU F 287 17.76 14.62 -37.84
N ILE F 288 17.83 13.33 -38.20
CA ILE F 288 16.95 12.79 -39.23
C ILE F 288 15.48 12.90 -38.81
N LYS F 289 15.17 12.50 -37.57
CA LYS F 289 13.79 12.59 -37.09
C LYS F 289 13.31 14.03 -37.03
N ALA F 290 14.14 14.93 -36.51
CA ALA F 290 13.77 16.34 -36.44
C ALA F 290 13.56 16.90 -37.84
N MET F 291 14.40 16.46 -38.78
CA MET F 291 14.23 16.89 -40.19
C MET F 291 12.83 16.47 -40.63
N GLY F 292 12.48 15.20 -40.41
CA GLY F 292 11.16 14.71 -40.82
C GLY F 292 10.03 15.56 -40.27
N ILE F 293 10.11 15.90 -38.98
CA ILE F 293 9.06 16.71 -38.36
C ILE F 293 9.00 18.09 -39.02
N ALA F 294 10.17 18.72 -39.20
CA ALA F 294 10.21 20.04 -39.83
C ALA F 294 9.67 20.00 -41.25
N SER F 295 10.01 18.95 -42.00
CA SER F 295 9.42 18.74 -43.33
C SER F 295 7.91 18.66 -43.26
N LYS F 296 7.38 17.98 -42.24
CA LYS F 296 5.94 17.83 -42.11
C LYS F 296 5.27 19.18 -41.86
N ARG F 297 5.89 20.02 -41.01
CA ARG F 297 5.29 21.31 -40.69
C ARG F 297 5.32 22.24 -41.89
N VAL F 298 6.40 22.23 -42.66
CA VAL F 298 6.56 23.05 -43.86
C VAL F 298 6.69 22.10 -45.05
N PRO F 299 5.60 21.80 -45.77
CA PRO F 299 5.68 20.78 -46.82
C PRO F 299 6.22 21.29 -48.15
N THR F 300 6.39 22.61 -48.33
CA THR F 300 6.86 23.13 -49.61
C THR F 300 8.27 22.67 -49.96
N VAL F 301 9.07 22.26 -48.98
CA VAL F 301 10.41 21.77 -49.27
C VAL F 301 10.38 20.30 -49.69
N ASN F 302 9.36 19.56 -49.27
CA ASN F 302 9.19 18.15 -49.64
C ASN F 302 8.48 18.03 -51.00
N SER F 303 9.13 18.60 -52.02
CA SER F 303 8.57 18.71 -53.36
C SER F 303 9.65 18.46 -54.40
N SER F 304 9.26 18.56 -55.67
CA SER F 304 10.19 18.32 -56.77
C SER F 304 9.69 19.07 -58.00
N TRP F 305 10.63 19.32 -58.92
CA TRP F 305 10.41 20.06 -60.16
C TRP F 305 10.55 19.09 -61.33
N ARG F 306 9.43 18.83 -62.01
CA ARG F 306 9.36 17.95 -63.17
C ARG F 306 9.30 18.81 -64.43
N ASP F 307 9.04 18.17 -65.58
CA ASP F 307 9.10 18.83 -66.89
C ASP F 307 8.23 20.08 -66.95
N GLY F 308 6.95 19.95 -66.58
CA GLY F 308 6.00 21.05 -66.67
C GLY F 308 5.00 21.09 -65.53
N VAL F 309 5.31 20.45 -64.41
CA VAL F 309 4.39 20.38 -63.28
C VAL F 309 5.21 20.18 -62.02
N ILE F 310 4.66 20.66 -60.89
CA ILE F 310 5.30 20.52 -59.58
C ILE F 310 4.78 19.26 -58.93
N ARG F 311 5.66 18.54 -58.24
CA ARG F 311 5.32 17.31 -57.53
C ARG F 311 5.41 17.56 -56.04
N GLN F 312 4.32 17.25 -55.32
CA GLN F 312 4.25 17.42 -53.87
C GLN F 312 3.94 16.07 -53.25
N PHE F 313 4.77 15.67 -52.29
CA PHE F 313 4.69 14.37 -51.63
C PHE F 313 3.96 14.50 -50.29
N GLU F 314 3.77 13.36 -49.64
CA GLU F 314 3.21 13.28 -48.30
C GLU F 314 3.99 12.33 -47.37
N THR F 315 5.03 11.67 -47.89
CA THR F 315 5.89 10.78 -47.13
C THR F 315 7.32 11.29 -47.25
N VAL F 316 8.06 11.22 -46.15
CA VAL F 316 9.41 11.77 -46.08
C VAL F 316 10.41 10.62 -46.20
N ASP F 317 11.24 10.69 -47.24
CA ASP F 317 12.35 9.78 -47.45
C ASP F 317 13.63 10.59 -47.45
N VAL F 318 14.62 10.14 -46.69
CA VAL F 318 15.86 10.87 -46.45
C VAL F 318 17.01 10.09 -47.04
N SER F 319 17.93 10.79 -47.70
CA SER F 319 19.11 10.20 -48.31
C SER F 319 20.33 10.52 -47.46
N VAL F 320 21.02 9.48 -47.01
CA VAL F 320 22.24 9.59 -46.21
C VAL F 320 23.42 9.24 -47.10
N ALA F 321 24.55 9.90 -46.86
CA ALA F 321 25.76 9.75 -47.65
C ALA F 321 26.75 8.88 -46.92
N VAL F 322 27.25 7.85 -47.60
CA VAL F 322 28.26 6.93 -47.07
C VAL F 322 29.47 6.97 -47.99
N ALA F 323 30.64 7.19 -47.41
CA ALA F 323 31.89 7.31 -48.14
C ALA F 323 32.65 5.99 -48.07
N THR F 324 33.14 5.53 -49.22
CA THR F 324 33.92 4.31 -49.36
C THR F 324 35.05 4.61 -50.32
N PRO F 325 36.13 3.81 -50.29
CA PRO F 325 37.23 4.08 -51.24
C PRO F 325 36.81 4.00 -52.70
N ASN F 326 35.81 3.18 -53.02
CA ASN F 326 35.34 3.10 -54.39
C ASN F 326 34.52 4.32 -54.80
N GLY F 327 34.05 5.12 -53.85
CA GLY F 327 33.30 6.32 -54.17
C GLY F 327 32.29 6.63 -53.07
N LEU F 328 31.32 7.46 -53.43
CA LEU F 328 30.28 7.93 -52.53
C LEU F 328 28.96 7.27 -52.92
N ILE F 329 28.26 6.68 -51.97
CA ILE F 329 26.99 5.97 -52.26
C ILE F 329 25.87 6.90 -51.80
N THR F 330 24.64 6.42 -51.74
CA THR F 330 23.45 7.23 -51.33
C THR F 330 22.37 6.31 -50.78
N PRO F 331 22.61 5.55 -49.70
CA PRO F 331 21.57 4.72 -49.08
C PRO F 331 20.31 5.55 -48.81
N ILE F 332 19.17 4.91 -48.58
CA ILE F 332 17.89 5.60 -48.39
C ILE F 332 17.21 5.00 -47.16
N VAL F 333 16.45 5.83 -46.45
CA VAL F 333 15.61 5.43 -45.32
C VAL F 333 14.20 5.88 -45.61
N LYS F 334 13.23 4.99 -45.39
CA LYS F 334 11.83 5.21 -45.74
C LYS F 334 10.95 5.23 -44.50
N GLY F 335 9.85 5.99 -44.58
CA GLY F 335 8.89 6.04 -43.48
C GLY F 335 9.48 6.60 -42.21
N VAL F 336 10.25 7.68 -42.32
CA VAL F 336 10.87 8.28 -41.13
C VAL F 336 9.84 8.92 -40.21
N GLU F 337 8.83 9.58 -40.78
CA GLU F 337 7.80 10.30 -39.98
C GLU F 337 7.20 9.33 -38.97
N GLY F 338 6.75 8.16 -39.41
CA GLY F 338 6.16 7.13 -38.55
C GLY F 338 7.14 6.06 -38.13
N LYS F 339 8.17 6.44 -37.37
CA LYS F 339 9.24 5.52 -37.02
C LYS F 339 9.91 6.01 -35.75
N GLY F 340 10.72 5.13 -35.15
CA GLY F 340 11.48 5.42 -33.97
C GLY F 340 12.98 5.38 -34.26
N LEU F 341 13.74 5.77 -33.22
CA LEU F 341 15.18 5.91 -33.38
C LEU F 341 15.85 4.56 -33.64
N GLU F 342 15.39 3.51 -32.96
CA GLU F 342 16.02 2.19 -33.07
C GLU F 342 15.97 1.68 -34.50
N SER F 343 14.80 1.73 -35.14
CA SER F 343 14.66 1.25 -36.52
C SER F 343 15.52 2.07 -37.47
N ILE F 344 15.56 3.38 -37.28
CA ILE F 344 16.37 4.25 -38.13
C ILE F 344 17.84 3.87 -38.03
N SER F 345 18.32 3.67 -36.81
CA SER F 345 19.72 3.28 -36.61
C SER F 345 20.02 1.94 -37.25
N ALA F 346 19.14 0.96 -37.02
CA ALA F 346 19.34 -0.38 -37.58
C ALA F 346 19.38 -0.35 -39.10
N ALA F 347 18.46 0.40 -39.71
CA ALA F 347 18.45 0.53 -41.17
C ALA F 347 19.71 1.19 -41.68
N VAL F 348 20.09 2.33 -41.06
CA VAL F 348 21.27 3.07 -41.50
C VAL F 348 22.54 2.22 -41.39
N LYS F 349 22.57 1.29 -40.44
CA LYS F 349 23.79 0.51 -40.23
C LYS F 349 23.81 -0.72 -41.13
N GLU F 350 22.66 -1.38 -41.31
CA GLU F 350 22.56 -2.46 -42.28
C GLU F 350 22.94 -1.95 -43.68
N LEU F 351 22.36 -0.82 -44.09
CA LEU F 351 22.64 -0.27 -45.41
C LEU F 351 24.09 0.17 -45.52
N ALA F 352 24.66 0.76 -44.46
CA ALA F 352 26.07 1.14 -44.52
C ALA F 352 26.96 -0.08 -44.71
N LYS F 353 26.66 -1.17 -44.00
CA LYS F 353 27.43 -2.40 -44.15
C LYS F 353 27.34 -2.94 -45.59
N LYS F 354 26.12 -3.00 -46.14
CA LYS F 354 25.97 -3.52 -47.51
C LYS F 354 26.62 -2.59 -48.52
N ALA F 355 26.57 -1.28 -48.29
CA ALA F 355 27.26 -0.34 -49.17
C ALA F 355 28.77 -0.57 -49.14
N ARG F 356 29.32 -0.79 -47.94
CA ARG F 356 30.75 -1.04 -47.84
C ARG F 356 31.13 -2.36 -48.49
N ASP F 357 30.26 -3.37 -48.40
CA ASP F 357 30.55 -4.68 -48.96
C ASP F 357 30.17 -4.81 -50.43
N GLY F 358 29.61 -3.77 -51.05
CA GLY F 358 29.38 -3.76 -52.48
C GLY F 358 28.39 -4.79 -53.00
N LYS F 359 27.24 -4.93 -52.36
CA LYS F 359 26.14 -5.78 -52.82
C LYS F 359 24.82 -5.03 -52.72
N LEU F 360 24.82 -3.78 -53.17
CA LEU F 360 23.67 -2.90 -53.05
C LEU F 360 22.83 -2.97 -54.33
N LYS F 361 21.54 -3.21 -54.16
CA LYS F 361 20.61 -3.22 -55.27
C LYS F 361 20.40 -1.81 -55.81
N PRO F 362 20.05 -1.65 -57.09
CA PRO F 362 19.87 -0.28 -57.61
C PRO F 362 18.66 0.46 -57.05
N GLU F 363 17.52 -0.22 -56.92
CA GLU F 363 16.28 0.42 -56.40
C GLU F 363 16.55 1.06 -55.04
N GLU F 364 17.50 0.56 -54.24
CA GLU F 364 17.72 1.03 -52.89
C GLU F 364 18.38 2.42 -52.85
N TYR F 365 19.01 2.89 -53.96
CA TYR F 365 19.56 4.27 -53.99
C TYR F 365 19.12 4.98 -55.28
N GLN F 366 17.83 5.32 -55.39
CA GLN F 366 17.31 5.94 -56.62
C GLN F 366 16.72 7.32 -56.39
N GLY F 367 15.87 7.50 -55.37
CA GLY F 367 15.23 8.79 -55.16
C GLY F 367 14.78 9.01 -53.74
N GLY F 368 14.81 10.27 -53.32
CA GLY F 368 14.35 10.72 -52.03
C GLY F 368 13.74 12.11 -52.18
N SER F 369 13.58 12.79 -51.05
CA SER F 369 13.09 14.17 -51.01
C SER F 369 14.12 15.13 -50.46
N ILE F 370 14.93 14.71 -49.49
CA ILE F 370 15.94 15.53 -48.85
C ILE F 370 17.18 14.66 -48.67
N SER F 371 18.35 15.32 -48.65
CA SER F 371 19.64 14.66 -48.49
C SER F 371 20.40 15.33 -47.35
N ILE F 372 21.17 14.51 -46.60
CA ILE F 372 21.91 14.95 -45.44
C ILE F 372 23.37 14.52 -45.58
N SER F 373 24.26 15.35 -45.06
CA SER F 373 25.70 15.04 -45.00
C SER F 373 26.22 15.49 -43.64
N ASN F 374 27.07 14.66 -43.03
CA ASN F 374 27.65 14.93 -41.73
C ASN F 374 29.17 14.73 -41.84
N MET F 375 29.92 15.61 -41.16
CA MET F 375 31.37 15.51 -41.08
C MET F 375 31.86 15.81 -39.67
N GLY F 376 31.12 15.35 -38.65
CA GLY F 376 31.52 15.54 -37.28
C GLY F 376 32.64 14.65 -36.78
N MET F 377 33.08 13.66 -37.57
CA MET F 377 34.20 12.82 -37.13
C MET F 377 35.53 13.55 -37.18
N ASN F 378 35.63 14.63 -37.96
CA ASN F 378 36.85 15.40 -38.11
C ASN F 378 36.69 16.73 -37.38
N PRO F 379 37.47 17.03 -36.32
CA PRO F 379 37.26 18.30 -35.61
C PRO F 379 37.67 19.54 -36.39
N ALA F 380 38.35 19.39 -37.54
CA ALA F 380 38.87 20.53 -38.28
C ALA F 380 37.89 21.11 -39.29
N VAL F 381 36.65 20.61 -39.34
CA VAL F 381 35.64 21.07 -40.29
C VAL F 381 34.60 21.82 -39.48
N GLN F 382 34.62 23.15 -39.57
CA GLN F 382 33.66 23.99 -38.85
C GLN F 382 32.37 24.12 -39.63
N SER F 383 32.47 24.43 -40.92
CA SER F 383 31.30 24.58 -41.78
C SER F 383 31.73 24.32 -43.22
N PHE F 384 30.78 23.82 -44.02
CA PHE F 384 31.06 23.51 -45.41
C PHE F 384 29.75 23.49 -46.18
N THR F 385 29.87 23.42 -47.51
CA THR F 385 28.77 23.50 -48.44
C THR F 385 28.63 22.15 -49.15
N ALA F 386 27.46 21.91 -49.76
CA ALA F 386 27.21 20.70 -50.52
C ALA F 386 26.35 21.04 -51.73
N ILE F 387 26.42 20.18 -52.75
CA ILE F 387 25.68 20.33 -53.99
C ILE F 387 24.38 19.55 -53.88
N ILE F 388 23.32 20.08 -54.49
CA ILE F 388 22.00 19.46 -54.45
C ILE F 388 21.94 18.38 -55.52
N ASN F 389 21.24 17.28 -55.22
CA ASN F 389 21.03 16.22 -56.18
C ASN F 389 20.05 16.65 -57.27
N PRO F 390 20.07 16.00 -58.44
CA PRO F 390 19.30 16.51 -59.60
C PRO F 390 17.80 16.62 -59.31
N PRO F 391 17.11 15.54 -58.91
CA PRO F 391 15.66 15.64 -58.78
C PRO F 391 15.18 16.29 -57.49
N GLN F 392 16.08 16.53 -56.52
CA GLN F 392 15.72 17.06 -55.21
C GLN F 392 15.89 18.57 -55.19
N ALA F 393 15.35 19.19 -54.14
CA ALA F 393 15.26 20.65 -54.02
C ALA F 393 15.86 21.17 -52.73
N ALA F 394 16.65 20.37 -52.01
CA ALA F 394 17.27 20.83 -50.77
C ALA F 394 18.32 19.82 -50.33
N ILE F 395 19.29 20.31 -49.56
CA ILE F 395 20.29 19.45 -48.94
C ILE F 395 20.78 20.13 -47.67
N LEU F 396 21.15 19.31 -46.68
CA LEU F 396 21.62 19.77 -45.38
C LEU F 396 23.03 19.26 -45.12
N ALA F 397 23.87 20.12 -44.56
CA ALA F 397 25.25 19.82 -44.21
C ALA F 397 25.47 20.16 -42.75
N VAL F 398 26.06 19.21 -42.02
CA VAL F 398 26.31 19.32 -40.58
C VAL F 398 27.80 19.36 -40.35
N GLY F 399 28.23 20.23 -39.44
CA GLY F 399 29.63 20.38 -39.09
C GLY F 399 29.97 19.65 -37.81
N ALA F 400 31.14 20.01 -37.23
CA ALA F 400 31.66 19.42 -36.01
C ALA F 400 31.35 20.31 -34.81
N PRO F 401 31.25 19.77 -33.60
CA PRO F 401 30.91 20.62 -32.45
C PRO F 401 32.08 21.51 -32.04
N GLN F 402 31.75 22.56 -31.29
CA GLN F 402 32.73 23.52 -30.81
C GLN F 402 32.16 24.12 -29.54
N LYS F 403 32.97 24.91 -28.82
CA LYS F 403 32.58 25.52 -27.55
C LYS F 403 32.63 27.04 -27.63
N VAL F 404 31.61 27.69 -27.08
CA VAL F 404 31.48 29.14 -27.08
C VAL F 404 30.98 29.63 -25.73
N ALA F 405 31.28 30.90 -25.44
CA ALA F 405 30.84 31.56 -24.22
C ALA F 405 29.45 32.16 -24.40
N VAL F 406 28.62 32.04 -23.36
CA VAL F 406 27.26 32.58 -23.35
C VAL F 406 27.03 33.29 -22.03
N PRO F 407 26.10 34.26 -21.98
CA PRO F 407 25.79 34.94 -20.71
C PRO F 407 24.73 34.21 -19.88
N VAL F 408 24.98 34.13 -18.58
CA VAL F 408 24.07 33.52 -17.62
C VAL F 408 23.75 34.53 -16.52
N GLU F 409 22.47 34.67 -16.19
CA GLU F 409 22.02 35.58 -15.14
C GLU F 409 22.09 34.85 -13.81
N ASN F 410 23.22 35.01 -13.13
CA ASN F 410 23.42 34.40 -11.82
C ASN F 410 22.39 34.93 -10.82
N GLU F 411 21.93 34.04 -9.93
CA GLU F 411 20.87 34.40 -8.98
C GLU F 411 21.26 35.57 -8.07
N ASP F 412 22.55 35.85 -7.90
CA ASP F 412 22.97 36.99 -7.08
C ASP F 412 22.61 38.34 -7.70
N GLY F 413 22.25 38.38 -8.99
CA GLY F 413 21.87 39.61 -9.65
C GLY F 413 22.95 40.21 -10.51
N THR F 414 23.72 39.36 -11.19
CA THR F 414 24.83 39.77 -12.04
C THR F 414 24.80 38.92 -13.30
N THR F 415 25.84 39.05 -14.12
CA THR F 415 25.99 38.31 -15.37
C THR F 415 27.34 37.57 -15.33
N GLY F 416 27.30 36.29 -15.67
CA GLY F 416 28.49 35.45 -15.68
C GLY F 416 28.64 34.72 -17.00
N VAL F 417 29.75 34.00 -17.11
CA VAL F 417 30.16 33.31 -18.32
C VAL F 417 29.86 31.82 -18.14
N SER F 418 29.18 31.24 -19.12
CA SER F 418 28.95 29.80 -19.19
C SER F 418 29.47 29.31 -20.53
N TRP F 419 29.85 28.03 -20.58
CA TRP F 419 30.45 27.41 -21.76
C TRP F 419 29.47 26.44 -22.37
N ASP F 420 28.88 26.84 -23.49
CA ASP F 420 27.93 26.00 -24.22
C ASP F 420 28.66 25.33 -25.38
N GLU F 421 28.14 24.19 -25.81
CA GLU F 421 28.64 23.46 -26.97
C GLU F 421 27.64 23.61 -28.11
N GLN F 422 28.13 23.97 -29.29
CA GLN F 422 27.30 24.32 -30.44
C GLN F 422 27.80 23.60 -31.69
N ILE F 423 26.89 23.46 -32.65
CA ILE F 423 27.22 23.00 -34.00
C ILE F 423 26.65 24.04 -34.97
N ILE F 424 27.26 24.12 -36.16
CA ILE F 424 26.84 25.04 -37.21
C ILE F 424 26.28 24.19 -38.35
N VAL F 425 25.04 24.47 -38.73
CA VAL F 425 24.31 23.72 -39.75
C VAL F 425 24.07 24.64 -40.94
N THR F 426 24.37 24.12 -42.13
CA THR F 426 24.17 24.84 -43.39
C THR F 426 23.15 24.09 -44.23
N ALA F 427 22.26 24.82 -44.88
CA ALA F 427 21.22 24.27 -45.75
C ALA F 427 21.28 24.97 -47.09
N SER F 428 21.30 24.19 -48.16
CA SER F 428 21.32 24.71 -49.53
C SER F 428 19.98 24.41 -50.16
N PHE F 429 19.39 25.43 -50.80
CA PHE F 429 18.04 25.37 -51.34
C PHE F 429 18.05 25.87 -52.79
N ASP F 430 17.15 25.29 -53.58
CA ASP F 430 16.86 25.79 -54.92
C ASP F 430 15.81 26.88 -54.83
N HIS F 431 15.92 27.88 -55.71
CA HIS F 431 15.08 29.07 -55.69
C HIS F 431 13.93 29.02 -56.69
N LYS F 432 13.74 27.91 -57.40
CA LYS F 432 12.57 27.73 -58.26
C LYS F 432 11.40 27.10 -57.50
N VAL F 433 11.69 26.26 -56.51
CA VAL F 433 10.66 25.58 -55.72
C VAL F 433 10.52 26.18 -54.32
N VAL F 434 11.52 26.91 -53.82
CA VAL F 434 11.56 27.40 -52.45
C VAL F 434 11.93 28.88 -52.53
N ASP F 435 11.52 29.64 -51.51
CA ASP F 435 11.89 31.04 -51.34
C ASP F 435 12.62 31.21 -50.02
N GLY F 436 13.14 32.43 -49.80
CA GLY F 436 13.93 32.70 -48.62
C GLY F 436 13.14 32.52 -47.34
N ALA F 437 11.91 33.03 -47.31
CA ALA F 437 11.09 32.95 -46.10
C ALA F 437 10.79 31.49 -45.74
N VAL F 438 10.52 30.66 -46.76
CA VAL F 438 10.21 29.26 -46.52
C VAL F 438 11.41 28.56 -45.90
N GLY F 439 12.60 28.79 -46.45
CA GLY F 439 13.80 28.21 -45.87
C GLY F 439 14.08 28.69 -44.46
N ALA F 440 13.85 29.99 -44.21
CA ALA F 440 14.03 30.53 -42.86
C ALA F 440 13.08 29.86 -41.87
N GLU F 441 11.82 29.68 -42.26
CA GLU F 441 10.87 28.99 -41.40
C GLU F 441 11.29 27.55 -41.16
N TRP F 442 11.75 26.87 -42.21
CA TRP F 442 12.25 25.50 -42.09
C TRP F 442 13.37 25.41 -41.06
N ILE F 443 14.33 26.33 -41.14
CA ILE F 443 15.44 26.35 -40.19
C ILE F 443 14.89 26.60 -38.78
N ARG F 444 13.91 27.49 -38.65
CA ARG F 444 13.33 27.75 -37.33
C ARG F 444 12.69 26.51 -36.72
N GLU F 445 11.92 25.75 -37.52
CA GLU F 445 11.29 24.54 -36.97
C GLU F 445 12.35 23.53 -36.57
N LEU F 446 13.37 23.32 -37.41
CA LEU F 446 14.46 22.42 -37.05
C LEU F 446 15.12 22.83 -35.75
N LYS F 447 15.44 24.12 -35.61
CA LYS F 447 16.10 24.60 -34.40
C LYS F 447 15.23 24.37 -33.17
N LYS F 448 13.95 24.77 -33.24
CA LYS F 448 13.03 24.58 -32.13
C LYS F 448 12.95 23.11 -31.72
N VAL F 449 12.92 22.20 -32.70
CA VAL F 449 12.85 20.78 -32.36
C VAL F 449 14.15 20.29 -31.73
N ILE F 450 15.29 20.84 -32.13
CA ILE F 450 16.57 20.34 -31.64
C ILE F 450 16.87 20.86 -30.24
N GLU F 451 16.82 22.19 -30.05
CA GLU F 451 17.13 22.78 -28.75
C GLU F 451 16.24 22.24 -27.64
N ASN F 452 14.94 22.06 -27.91
CA ASN F 452 14.04 21.36 -27.00
C ASN F 452 13.87 19.93 -27.50
N PRO F 453 14.53 18.92 -26.87
CA PRO F 453 14.53 17.59 -27.49
C PRO F 453 13.28 16.78 -27.19
N LEU F 454 12.61 17.08 -26.07
CA LEU F 454 11.39 16.32 -25.67
C LEU F 454 10.36 16.42 -26.80
N GLU F 455 10.30 17.57 -27.47
CA GLU F 455 9.33 17.79 -28.54
C GLU F 455 9.48 16.82 -29.71
N LEU F 456 10.51 15.97 -29.69
CA LEU F 456 10.61 14.88 -30.65
C LEU F 456 9.49 13.85 -30.48
N LEU F 457 8.78 13.85 -29.35
CA LEU F 457 7.72 12.87 -29.16
C LEU F 457 6.53 13.20 -30.05
N LEU F 458 5.90 14.36 -29.85
CA LEU F 458 4.79 14.77 -30.71
C LEU F 458 5.29 15.08 -32.11
N ALA G 226 -3.61 -5.62 -44.68
CA ALA G 226 -2.28 -6.20 -44.41
C ALA G 226 -2.31 -7.02 -43.12
N TYR G 227 -1.94 -8.30 -43.22
CA TYR G 227 -1.95 -9.18 -42.03
C TYR G 227 -1.31 -10.51 -42.42
N THR G 228 -1.18 -11.42 -41.45
CA THR G 228 -0.64 -12.77 -41.75
C THR G 228 -1.48 -13.80 -41.00
N ASP G 229 -1.46 -15.04 -41.48
CA ASP G 229 -2.27 -16.12 -40.83
C ASP G 229 -1.36 -17.32 -40.55
N VAL G 230 -1.58 -17.96 -39.40
CA VAL G 230 -0.79 -19.17 -39.04
C VAL G 230 -1.79 -20.28 -38.69
N PRO G 231 -1.68 -21.51 -39.22
CA PRO G 231 -2.65 -22.54 -38.89
C PRO G 231 -2.64 -22.89 -37.39
N ILE G 232 -3.83 -23.16 -36.85
CA ILE G 232 -3.92 -23.50 -35.41
C ILE G 232 -3.25 -24.86 -35.16
N SER G 233 -2.48 -24.96 -34.09
CA SER G 233 -1.75 -26.21 -33.78
C SER G 233 -2.71 -27.29 -33.29
N GLY G 234 -2.32 -28.56 -33.46
CA GLY G 234 -3.16 -29.65 -32.93
C GLY G 234 -3.22 -29.61 -31.42
N MET G 235 -2.12 -29.23 -30.77
CA MET G 235 -2.08 -29.21 -29.29
C MET G 235 -2.79 -27.97 -28.74
N ARG G 236 -3.01 -26.94 -29.58
CA ARG G 236 -3.60 -25.68 -29.06
C ARG G 236 -5.10 -25.87 -28.85
N LYS G 237 -5.77 -26.70 -29.65
CA LYS G 237 -7.21 -26.99 -29.44
C LYS G 237 -7.35 -27.98 -28.29
N THR G 238 -6.43 -28.95 -28.19
CA THR G 238 -6.56 -29.85 -27.02
C THR G 238 -6.61 -29.05 -25.72
N ILE G 239 -5.88 -27.93 -25.68
CA ILE G 239 -5.94 -27.05 -24.47
C ILE G 239 -7.07 -26.03 -24.59
N ALA G 240 -7.39 -25.57 -25.80
CA ALA G 240 -8.49 -24.60 -25.97
C ALA G 240 -9.81 -25.21 -25.50
N ALA G 241 -10.10 -26.44 -25.95
CA ALA G 241 -11.35 -27.09 -25.55
C ALA G 241 -11.38 -27.28 -24.04
N ARG G 242 -10.25 -27.69 -23.45
CA ARG G 242 -10.20 -27.95 -21.99
C ARG G 242 -10.46 -26.65 -21.22
N LEU G 243 -9.77 -25.57 -21.58
CA LEU G 243 -9.99 -24.25 -20.93
C LEU G 243 -11.44 -23.82 -21.12
N LYS G 244 -12.01 -24.06 -22.29
CA LYS G 244 -13.40 -23.62 -22.54
C LYS G 244 -14.37 -24.46 -21.73
N GLU G 245 -14.00 -25.70 -21.44
CA GLU G 245 -14.86 -26.58 -20.61
C GLU G 245 -14.77 -26.19 -19.14
N SER G 246 -13.60 -25.76 -18.68
CA SER G 246 -13.44 -25.44 -17.24
C SER G 246 -14.33 -24.25 -16.84
N VAL G 247 -14.34 -23.20 -17.65
CA VAL G 247 -15.11 -21.98 -17.27
C VAL G 247 -16.61 -22.30 -17.20
N THR G 248 -17.11 -23.06 -18.16
CA THR G 248 -18.56 -23.36 -18.20
C THR G 248 -18.95 -24.48 -17.24
N GLU G 249 -17.97 -25.10 -16.56
CA GLU G 249 -18.27 -26.26 -15.67
C GLU G 249 -17.99 -25.92 -14.21
N ASN G 250 -17.14 -24.93 -13.95
CA ASN G 250 -16.75 -24.58 -12.56
C ASN G 250 -16.98 -23.11 -12.31
N PRO G 251 -17.98 -22.68 -11.51
CA PRO G 251 -18.06 -21.29 -11.12
C PRO G 251 -16.81 -20.92 -10.31
N HIS G 252 -16.36 -19.68 -10.48
CA HIS G 252 -15.09 -19.24 -9.85
C HIS G 252 -15.32 -18.13 -8.85
N PHE G 253 -14.60 -18.16 -7.74
CA PHE G 253 -14.60 -17.01 -6.82
C PHE G 253 -13.20 -16.89 -6.25
N PHE G 254 -12.69 -15.66 -6.21
CA PHE G 254 -11.28 -15.49 -5.81
C PHE G 254 -11.14 -14.87 -4.42
N VAL G 255 -10.00 -15.09 -3.80
CA VAL G 255 -9.65 -14.54 -2.46
C VAL G 255 -8.21 -14.06 -2.55
N SER G 256 -7.92 -12.93 -1.91
CA SER G 256 -6.56 -12.34 -1.99
C SER G 256 -6.02 -12.10 -0.58
N THR G 257 -4.71 -12.14 -0.47
CA THR G 257 -4.08 -11.83 0.84
C THR G 257 -2.68 -11.32 0.61
N ASN G 258 -2.14 -10.69 1.65
CA ASN G 258 -0.76 -10.17 1.60
C ASN G 258 0.05 -10.88 2.68
N LEU G 259 1.23 -11.36 2.30
CA LEU G 259 2.09 -12.10 3.25
C LEU G 259 3.44 -11.38 3.40
N SER G 260 3.92 -11.31 4.64
CA SER G 260 5.26 -10.76 4.91
C SER G 260 6.24 -11.91 4.90
N VAL G 261 7.35 -11.75 4.16
CA VAL G 261 8.28 -12.88 3.95
C VAL G 261 9.70 -12.47 4.32
N SER G 262 9.85 -11.49 5.21
CA SER G 262 11.22 -11.12 5.66
C SER G 262 11.82 -12.27 6.46
N LYS G 263 11.05 -12.83 7.39
CA LYS G 263 11.60 -13.90 8.25
C LYS G 263 11.93 -15.12 7.40
N LEU G 264 11.09 -15.41 6.41
CA LEU G 264 11.37 -16.56 5.51
C LEU G 264 12.68 -16.34 4.75
N LEU G 265 12.90 -15.12 4.27
CA LEU G 265 14.17 -14.83 3.56
C LEU G 265 15.36 -14.98 4.53
N LYS G 266 15.22 -14.50 5.76
CA LYS G 266 16.32 -14.66 6.73
C LYS G 266 16.58 -16.14 6.96
N LEU G 267 15.51 -16.93 7.12
CA LEU G 267 15.67 -18.38 7.35
C LEU G 267 16.41 -18.98 6.16
N ARG G 268 15.94 -18.69 4.94
CA ARG G 268 16.55 -19.26 3.73
C ARG G 268 18.04 -18.89 3.66
N GLN G 269 18.38 -17.64 3.97
CA GLN G 269 19.80 -17.24 3.95
C GLN G 269 20.57 -18.01 5.02
N ALA G 270 19.95 -18.26 6.16
CA ALA G 270 20.64 -18.99 7.23
C ALA G 270 20.86 -20.45 6.81
N LEU G 271 19.91 -21.03 6.07
CA LEU G 271 20.01 -22.47 5.72
C LEU G 271 20.72 -22.70 4.39
N ASN G 272 20.98 -21.65 3.61
CA ASN G 272 21.71 -21.80 2.33
C ASN G 272 23.21 -21.48 2.49
N SER G 273 23.65 -21.14 3.70
CA SER G 273 25.09 -20.85 3.95
C SER G 273 25.75 -21.93 4.81
N SER G 274 24.95 -22.67 5.59
CA SER G 274 25.51 -23.78 6.42
C SER G 274 25.70 -25.05 5.59
N ALA G 275 25.46 -24.99 4.27
CA ALA G 275 25.66 -26.17 3.40
C ALA G 275 27.00 -26.06 2.65
N ASP G 276 27.45 -27.19 2.13
CA ASP G 276 28.75 -27.25 1.41
C ASP G 276 28.55 -27.43 -0.09
N GLY G 277 27.31 -27.47 -0.57
CA GLY G 277 27.05 -27.71 -2.01
C GLY G 277 25.99 -28.78 -2.23
N ARG G 278 25.48 -29.38 -1.16
CA ARG G 278 24.51 -30.48 -1.30
C ARG G 278 23.22 -29.99 -1.95
N TYR G 279 22.75 -28.80 -1.56
CA TYR G 279 21.42 -28.36 -2.02
C TYR G 279 21.39 -26.84 -2.14
N LYS G 280 20.25 -26.32 -2.59
CA LYS G 280 20.02 -24.86 -2.62
C LYS G 280 18.52 -24.67 -2.69
N LEU G 281 17.97 -23.86 -1.78
CA LEU G 281 16.52 -23.76 -1.63
C LEU G 281 15.94 -22.54 -2.33
N SER G 282 14.61 -22.45 -2.29
CA SER G 282 13.89 -21.32 -2.92
C SER G 282 12.56 -21.14 -2.21
N VAL G 283 11.88 -20.05 -2.53
CA VAL G 283 10.61 -19.71 -1.81
C VAL G 283 9.52 -20.73 -2.16
N ASN G 284 9.53 -21.21 -3.40
CA ASN G 284 8.45 -22.10 -3.87
C ASN G 284 8.34 -23.37 -2.99
N ASP G 285 9.48 -23.91 -2.57
CA ASP G 285 9.45 -25.11 -1.71
C ASP G 285 8.76 -24.79 -0.38
N PHE G 286 9.08 -23.64 0.21
CA PHE G 286 8.44 -23.25 1.47
C PHE G 286 6.94 -23.12 1.27
N LEU G 287 6.53 -22.49 0.17
CA LEU G 287 5.10 -22.29 -0.08
C LEU G 287 4.41 -23.65 -0.30
N ILE G 288 5.09 -24.56 -0.99
CA ILE G 288 4.51 -25.91 -1.24
C ILE G 288 4.30 -26.62 0.10
N LYS G 289 5.30 -26.60 0.97
CA LYS G 289 5.16 -27.30 2.26
C LYS G 289 4.05 -26.66 3.10
N ALA G 290 4.02 -25.33 3.14
CA ALA G 290 2.98 -24.63 3.93
C ALA G 290 1.61 -24.95 3.34
N MET G 291 1.54 -25.05 2.00
CA MET G 291 0.27 -25.41 1.34
C MET G 291 -0.16 -26.78 1.87
N GLY G 292 0.77 -27.74 1.89
CA GLY G 292 0.43 -29.09 2.36
C GLY G 292 -0.11 -29.07 3.78
N ILE G 293 0.53 -28.32 4.66
CA ILE G 293 0.08 -28.26 6.07
C ILE G 293 -1.33 -27.64 6.12
N ALA G 294 -1.54 -26.54 5.39
CA ALA G 294 -2.86 -25.88 5.41
C ALA G 294 -3.92 -26.83 4.84
N SER G 295 -3.58 -27.57 3.78
CA SER G 295 -4.52 -28.58 3.25
C SER G 295 -4.86 -29.60 4.34
N LYS G 296 -3.86 -30.01 5.12
CA LYS G 296 -4.11 -31.03 6.15
C LYS G 296 -5.07 -30.47 7.21
N ARG G 297 -4.88 -29.21 7.60
CA ARG G 297 -5.74 -28.65 8.67
C ARG G 297 -7.18 -28.47 8.17
N VAL G 298 -7.33 -28.05 6.92
CA VAL G 298 -8.68 -27.88 6.32
C VAL G 298 -8.78 -28.86 5.14
N PRO G 299 -9.34 -30.07 5.33
CA PRO G 299 -9.33 -31.05 4.25
C PRO G 299 -10.41 -30.85 3.17
N THR G 300 -11.36 -29.95 3.38
CA THR G 300 -12.46 -29.78 2.42
C THR G 300 -11.96 -29.29 1.06
N VAL G 301 -10.78 -28.66 1.02
CA VAL G 301 -10.23 -28.17 -0.26
C VAL G 301 -9.50 -29.32 -0.99
N ASN G 302 -8.89 -30.21 -0.20
CA ASN G 302 -8.20 -31.38 -0.80
C ASN G 302 -9.27 -32.37 -1.27
N SER G 303 -10.14 -31.90 -2.16
CA SER G 303 -11.27 -32.75 -2.62
C SER G 303 -11.47 -32.58 -4.12
N SER G 304 -12.50 -33.25 -4.65
CA SER G 304 -12.78 -33.18 -6.09
C SER G 304 -14.27 -33.44 -6.33
N TRP G 305 -14.76 -32.96 -7.47
CA TRP G 305 -16.18 -33.15 -7.84
C TRP G 305 -16.28 -34.14 -9.00
N ARG G 306 -16.86 -35.31 -8.74
CA ARG G 306 -17.02 -36.34 -9.80
C ARG G 306 -18.45 -36.31 -10.33
N ASP G 307 -18.83 -37.30 -11.13
CA ASP G 307 -20.17 -37.30 -11.79
C ASP G 307 -21.31 -37.15 -10.77
N GLY G 308 -21.33 -38.00 -9.75
CA GLY G 308 -22.43 -37.97 -8.78
C GLY G 308 -21.96 -38.27 -7.37
N VAL G 309 -20.69 -37.99 -7.07
CA VAL G 309 -20.14 -38.26 -5.72
C VAL G 309 -18.99 -37.31 -5.46
N ILE G 310 -18.78 -36.95 -4.20
CA ILE G 310 -17.61 -36.07 -3.85
C ILE G 310 -16.43 -36.98 -3.51
N ARG G 311 -15.24 -36.58 -3.94
CA ARG G 311 -14.02 -37.37 -3.64
C ARG G 311 -13.19 -36.61 -2.62
N GLN G 312 -12.86 -37.29 -1.52
CA GLN G 312 -12.04 -36.66 -0.46
C GLN G 312 -10.76 -37.48 -0.31
N PHE G 313 -9.61 -36.81 -0.39
CA PHE G 313 -8.32 -37.53 -0.32
C PHE G 313 -7.72 -37.44 1.07
N GLU G 314 -6.56 -38.08 1.26
CA GLU G 314 -5.86 -38.02 2.57
C GLU G 314 -4.37 -37.80 2.29
N THR G 315 -4.01 -37.79 1.00
CA THR G 315 -2.60 -37.51 0.64
C THR G 315 -2.59 -36.26 -0.23
N VAL G 316 -1.58 -35.42 -0.03
CA VAL G 316 -1.54 -34.12 -0.76
C VAL G 316 -0.56 -34.23 -1.92
N ASP G 317 -1.08 -34.06 -3.13
CA ASP G 317 -0.23 -34.01 -4.34
C ASP G 317 -0.39 -32.62 -4.94
N VAL G 318 0.74 -31.98 -5.23
CA VAL G 318 0.71 -30.58 -5.72
C VAL G 318 1.20 -30.54 -7.16
N SER G 319 0.53 -29.72 -7.97
CA SER G 319 0.90 -29.58 -9.40
C SER G 319 1.63 -28.25 -9.60
N VAL G 320 2.86 -28.34 -10.10
CA VAL G 320 3.67 -27.11 -10.37
C VAL G 320 3.64 -26.85 -11.88
N ALA G 321 3.67 -25.57 -12.25
CA ALA G 321 3.57 -25.20 -13.68
C ALA G 321 4.96 -24.86 -14.23
N VAL G 322 5.30 -25.46 -15.37
CA VAL G 322 6.59 -25.17 -16.04
C VAL G 322 6.29 -24.66 -17.45
N ALA G 323 6.88 -23.53 -17.81
CA ALA G 323 6.62 -22.92 -19.14
C ALA G 323 7.74 -23.29 -20.11
N THR G 324 7.36 -23.72 -21.30
CA THR G 324 8.34 -24.08 -22.36
C THR G 324 7.83 -23.48 -23.67
N PRO G 325 8.67 -23.29 -24.70
CA PRO G 325 8.18 -22.76 -25.97
C PRO G 325 7.08 -23.62 -26.60
N ASN G 326 7.10 -24.94 -26.31
CA ASN G 326 6.03 -25.83 -26.83
C ASN G 326 4.81 -25.72 -25.91
N GLY G 327 4.74 -24.66 -25.10
CA GLY G 327 3.60 -24.46 -24.19
C GLY G 327 3.95 -24.78 -22.76
N LEU G 328 3.02 -24.55 -21.83
CA LEU G 328 3.27 -24.82 -20.39
C LEU G 328 3.10 -26.32 -20.09
N ILE G 329 3.64 -26.78 -18.96
CA ILE G 329 3.46 -28.20 -18.56
C ILE G 329 3.28 -28.24 -17.04
N THR G 330 2.81 -29.36 -16.49
CA THR G 330 2.51 -29.40 -15.04
C THR G 330 3.17 -30.61 -14.38
N PRO G 331 4.48 -30.58 -14.03
CA PRO G 331 5.10 -31.68 -13.30
C PRO G 331 4.36 -31.87 -11.97
N ILE G 332 4.42 -33.07 -11.38
CA ILE G 332 3.64 -33.33 -10.14
C ILE G 332 4.59 -33.81 -9.02
N VAL G 333 4.33 -33.39 -7.79
CA VAL G 333 5.15 -33.80 -6.61
C VAL G 333 4.24 -34.59 -5.68
N LYS G 334 4.73 -35.72 -5.19
CA LYS G 334 3.89 -36.63 -4.36
C LYS G 334 4.44 -36.73 -2.94
N GLY G 335 3.54 -37.00 -2.00
CA GLY G 335 3.95 -37.19 -0.61
C GLY G 335 4.59 -35.95 -0.02
N VAL G 336 3.99 -34.79 -0.27
CA VAL G 336 4.56 -33.53 0.25
C VAL G 336 4.41 -33.45 1.78
N GLU G 337 3.27 -33.92 2.31
CA GLU G 337 3.02 -33.83 3.77
C GLU G 337 4.19 -34.46 4.53
N GLY G 338 4.55 -35.70 4.16
CA GLY G 338 5.67 -36.41 4.82
C GLY G 338 6.96 -36.29 4.05
N LYS G 339 7.47 -35.06 3.94
CA LYS G 339 8.70 -34.84 3.15
C LYS G 339 9.42 -33.60 3.66
N GLY G 340 10.66 -33.44 3.21
CA GLY G 340 11.46 -32.26 3.57
C GLY G 340 11.73 -31.37 2.39
N LEU G 341 12.37 -30.23 2.64
CA LEU G 341 12.59 -29.24 1.57
C LEU G 341 13.55 -29.80 0.51
N GLU G 342 14.59 -30.52 0.95
CA GLU G 342 15.62 -31.01 0.00
C GLU G 342 14.99 -31.93 -1.05
N SER G 343 14.18 -32.89 -0.62
CA SER G 343 13.57 -33.84 -1.59
C SER G 343 12.64 -33.08 -2.54
N ILE G 344 11.89 -32.12 -2.00
CA ILE G 344 10.94 -31.36 -2.85
C ILE G 344 11.72 -30.60 -3.91
N SER G 345 12.82 -29.95 -3.51
CA SER G 345 13.63 -29.18 -4.49
C SER G 345 14.21 -30.12 -5.55
N ALA G 346 14.77 -31.25 -5.11
CA ALA G 346 15.38 -32.19 -6.06
C ALA G 346 14.34 -32.70 -7.05
N ALA G 347 13.16 -33.05 -6.57
CA ALA G 347 12.09 -33.55 -7.46
C ALA G 347 11.68 -32.44 -8.44
N VAL G 348 11.43 -31.24 -7.91
CA VAL G 348 10.95 -30.13 -8.78
C VAL G 348 12.00 -29.82 -9.85
N LYS G 349 13.28 -30.01 -9.55
CA LYS G 349 14.31 -29.63 -10.54
C LYS G 349 14.54 -30.75 -11.54
N GLU G 350 14.52 -32.00 -11.07
CA GLU G 350 14.64 -33.14 -12.02
C GLU G 350 13.45 -33.07 -13.00
N LEU G 351 12.25 -32.87 -12.48
CA LEU G 351 11.07 -32.85 -13.36
C LEU G 351 11.11 -31.62 -14.28
N ALA G 352 11.58 -30.48 -13.78
CA ALA G 352 11.69 -29.29 -14.65
C ALA G 352 12.65 -29.57 -15.80
N LYS G 353 13.78 -30.21 -15.48
CA LYS G 353 14.77 -30.54 -16.54
C LYS G 353 14.16 -31.49 -17.57
N LYS G 354 13.48 -32.54 -17.11
CA LYS G 354 12.90 -33.49 -18.07
C LYS G 354 11.77 -32.83 -18.88
N ALA G 355 11.02 -31.94 -18.24
CA ALA G 355 9.96 -31.21 -18.99
C ALA G 355 10.60 -30.33 -20.08
N ARG G 356 11.69 -29.67 -19.75
CA ARG G 356 12.35 -28.82 -20.76
C ARG G 356 12.94 -29.68 -21.87
N ASP G 357 13.44 -30.86 -21.54
CA ASP G 357 14.08 -31.73 -22.54
C ASP G 357 13.08 -32.61 -23.30
N GLY G 358 11.80 -32.53 -22.95
CA GLY G 358 10.77 -33.24 -23.74
C GLY G 358 10.86 -34.75 -23.70
N LYS G 359 11.06 -35.34 -22.52
CA LYS G 359 11.02 -36.82 -22.38
C LYS G 359 10.17 -37.17 -21.16
N LEU G 360 9.02 -36.53 -21.04
CA LEU G 360 8.16 -36.72 -19.85
C LEU G 360 7.13 -37.81 -20.13
N LYS G 361 7.04 -38.76 -19.20
CA LYS G 361 6.03 -39.83 -19.35
C LYS G 361 4.62 -39.26 -19.08
N PRO G 362 3.55 -39.88 -19.62
CA PRO G 362 2.23 -39.31 -19.40
C PRO G 362 1.74 -39.42 -17.95
N GLU G 363 1.96 -40.57 -17.31
CA GLU G 363 1.49 -40.80 -15.91
C GLU G 363 2.02 -39.69 -15.00
N GLU G 364 3.17 -39.09 -15.31
CA GLU G 364 3.81 -38.10 -14.41
C GLU G 364 3.05 -36.77 -14.39
N TYR G 365 2.19 -36.48 -15.38
CA TYR G 365 1.37 -35.23 -15.34
C TYR G 365 -0.09 -35.55 -15.63
N GLN G 366 -0.76 -36.25 -14.70
CA GLN G 366 -2.17 -36.66 -14.97
C GLN G 366 -3.11 -36.05 -13.93
N GLY G 367 -2.81 -36.15 -12.63
CA GLY G 367 -3.78 -35.68 -11.64
C GLY G 367 -3.15 -35.27 -10.33
N GLY G 368 -3.75 -34.28 -9.69
CA GLY G 368 -3.31 -33.82 -8.36
C GLY G 368 -4.52 -33.36 -7.58
N SER G 369 -4.29 -32.59 -6.52
CA SER G 369 -5.39 -32.03 -5.70
C SER G 369 -5.37 -30.51 -5.75
N ILE G 370 -4.18 -29.90 -5.81
CA ILE G 370 -4.05 -28.42 -5.82
C ILE G 370 -2.98 -28.08 -6.86
N SER G 371 -3.10 -26.89 -7.43
CA SER G 371 -2.13 -26.41 -8.45
C SER G 371 -1.58 -25.07 -8.02
N ILE G 372 -0.29 -24.85 -8.33
CA ILE G 372 0.39 -23.59 -7.92
C ILE G 372 1.00 -22.95 -9.15
N SER G 373 1.01 -21.62 -9.17
CA SER G 373 1.68 -20.87 -10.25
C SER G 373 2.46 -19.73 -9.61
N ASN G 374 3.70 -19.53 -10.08
CA ASN G 374 4.55 -18.46 -9.53
C ASN G 374 5.06 -17.61 -10.70
N MET G 375 5.16 -16.30 -10.49
CA MET G 375 5.66 -15.38 -11.54
C MET G 375 6.64 -14.39 -10.91
N GLY G 376 7.29 -14.76 -9.82
CA GLY G 376 8.21 -13.85 -9.11
C GLY G 376 9.48 -13.61 -9.90
N MET G 377 9.66 -14.27 -11.05
CA MET G 377 10.85 -13.98 -11.88
C MET G 377 10.69 -12.63 -12.59
N ASN G 378 9.46 -12.14 -12.74
CA ASN G 378 9.20 -10.86 -13.42
C ASN G 378 8.79 -9.83 -12.36
N PRO G 379 9.55 -8.75 -12.09
CA PRO G 379 9.15 -7.84 -11.02
C PRO G 379 7.91 -7.00 -11.36
N ALA G 380 7.41 -7.07 -12.60
CA ALA G 380 6.29 -6.19 -13.02
C ALA G 380 4.92 -6.84 -12.74
N VAL G 381 4.89 -8.01 -12.14
CA VAL G 381 3.61 -8.72 -11.87
C VAL G 381 3.37 -8.66 -10.36
N GLN G 382 2.42 -7.83 -9.95
CA GLN G 382 2.13 -7.69 -8.50
C GLN G 382 1.15 -8.79 -8.08
N SER G 383 0.07 -8.97 -8.84
CA SER G 383 -0.93 -10.00 -8.53
C SER G 383 -1.62 -10.40 -9.83
N PHE G 384 -2.06 -11.65 -9.92
CA PHE G 384 -2.75 -12.08 -11.14
C PHE G 384 -3.68 -13.25 -10.84
N THR G 385 -4.48 -13.63 -11.83
CA THR G 385 -5.48 -14.70 -11.63
C THR G 385 -5.10 -15.90 -12.50
N ALA G 386 -5.64 -17.07 -12.20
CA ALA G 386 -5.38 -18.30 -12.97
C ALA G 386 -6.67 -19.11 -13.08
N ILE G 387 -6.70 -19.99 -14.07
CA ILE G 387 -7.90 -20.86 -14.30
C ILE G 387 -7.68 -22.18 -13.58
N ILE G 388 -8.77 -22.74 -13.05
CA ILE G 388 -8.68 -24.03 -12.31
C ILE G 388 -8.65 -25.18 -13.32
N ASN G 389 -7.90 -26.21 -12.99
CA ASN G 389 -7.86 -27.42 -13.85
C ASN G 389 -9.18 -28.18 -13.76
N PRO G 390 -9.53 -29.04 -14.74
CA PRO G 390 -10.86 -29.64 -14.76
C PRO G 390 -11.19 -30.47 -13.51
N PRO G 391 -10.38 -31.46 -13.12
CA PRO G 391 -10.79 -32.32 -12.01
C PRO G 391 -10.50 -31.71 -10.63
N GLN G 392 -9.78 -30.59 -10.59
CA GLN G 392 -9.37 -30.01 -9.29
C GLN G 392 -10.34 -28.92 -8.86
N ALA G 393 -10.24 -28.50 -7.59
CA ALA G 393 -11.21 -27.53 -7.02
C ALA G 393 -10.51 -26.31 -6.41
N ALA G 394 -9.24 -26.08 -6.75
CA ALA G 394 -8.56 -24.87 -6.23
C ALA G 394 -7.28 -24.64 -7.01
N ILE G 395 -6.83 -23.39 -7.02
CA ILE G 395 -5.52 -23.07 -7.63
C ILE G 395 -4.97 -21.83 -6.92
N LEU G 396 -3.64 -21.79 -6.78
CA LEU G 396 -2.98 -20.65 -6.11
C LEU G 396 -2.05 -19.94 -7.09
N ALA G 397 -2.07 -18.61 -7.02
CA ALA G 397 -1.20 -17.77 -7.88
C ALA G 397 -0.37 -16.88 -6.98
N VAL G 398 0.94 -16.87 -7.24
CA VAL G 398 1.87 -16.06 -6.42
C VAL G 398 2.44 -14.94 -7.29
N GLY G 399 2.56 -13.76 -6.70
CA GLY G 399 3.13 -12.62 -7.42
C GLY G 399 4.58 -12.37 -7.07
N ALA G 400 5.05 -11.15 -7.39
CA ALA G 400 6.45 -10.77 -7.15
C ALA G 400 6.54 -9.94 -5.87
N PRO G 401 7.69 -9.89 -5.18
CA PRO G 401 7.74 -9.12 -3.95
C PRO G 401 7.74 -7.61 -4.19
N GLN G 402 7.38 -6.88 -3.15
CA GLN G 402 7.37 -5.41 -3.21
C GLN G 402 7.60 -4.88 -1.80
N LYS G 403 7.78 -3.57 -1.67
CA LYS G 403 8.08 -2.97 -0.34
C LYS G 403 6.98 -2.01 0.07
N VAL G 404 6.59 -2.07 1.35
CA VAL G 404 5.53 -1.19 1.90
C VAL G 404 5.92 -0.71 3.29
N ALA G 405 5.30 0.40 3.72
CA ALA G 405 5.55 0.96 5.06
C ALA G 405 4.65 0.30 6.10
N VAL G 406 5.20 0.05 7.29
CA VAL G 406 4.45 -0.55 8.41
C VAL G 406 4.78 0.20 9.69
N PRO G 407 3.91 0.17 10.72
CA PRO G 407 4.21 0.83 11.98
C PRO G 407 5.02 -0.05 12.93
N VAL G 408 6.05 0.56 13.54
CA VAL G 408 6.90 -0.16 14.52
C VAL G 408 6.88 0.62 15.84
N GLU G 409 6.70 -0.11 16.95
CA GLU G 409 6.70 0.54 18.29
C GLU G 409 8.14 0.63 18.78
N ASN G 410 8.77 1.76 18.50
CA ASN G 410 10.17 1.97 18.92
C ASN G 410 10.28 1.90 20.44
N GLU G 411 11.39 1.36 20.93
CA GLU G 411 11.56 1.17 22.39
C GLU G 411 11.49 2.49 23.16
N ASP G 412 11.73 3.62 22.50
CA ASP G 412 11.66 4.93 23.18
C ASP G 412 10.23 5.29 23.60
N GLY G 413 9.22 4.59 23.06
CA GLY G 413 7.82 4.86 23.43
C GLY G 413 7.09 5.69 22.40
N THR G 414 7.38 5.45 21.12
CA THR G 414 6.74 6.20 20.02
C THR G 414 6.41 5.22 18.89
N THR G 415 5.97 5.77 17.76
CA THR G 415 5.64 4.94 16.59
C THR G 415 6.48 5.42 15.41
N GLY G 416 7.12 4.48 14.72
CA GLY G 416 7.98 4.83 13.59
C GLY G 416 7.64 4.04 12.35
N VAL G 417 8.34 4.39 11.27
CA VAL G 417 8.07 3.76 9.95
C VAL G 417 9.13 2.70 9.70
N SER G 418 8.68 1.50 9.32
CA SER G 418 9.61 0.43 8.93
C SER G 418 9.22 -0.01 7.53
N TRP G 419 10.22 -0.54 6.81
CA TRP G 419 9.99 -0.94 5.40
C TRP G 419 9.98 -2.46 5.33
N ASP G 420 8.79 -3.01 5.19
CA ASP G 420 8.62 -4.47 5.13
C ASP G 420 8.51 -4.88 3.67
N GLU G 421 8.87 -6.14 3.40
CA GLU G 421 8.74 -6.70 2.05
C GLU G 421 7.58 -7.68 2.05
N GLN G 422 6.69 -7.53 1.07
CA GLN G 422 5.46 -8.34 1.04
C GLN G 422 5.23 -8.94 -0.34
N ILE G 423 4.43 -10.00 -0.36
CA ILE G 423 3.98 -10.61 -1.63
C ILE G 423 2.45 -10.66 -1.53
N ILE G 424 1.80 -10.63 -2.70
CA ILE G 424 0.32 -10.72 -2.75
C ILE G 424 -0.03 -12.07 -3.36
N VAL G 425 -0.81 -12.84 -2.63
CA VAL G 425 -1.17 -14.22 -3.07
C VAL G 425 -2.66 -14.23 -3.38
N THR G 426 -2.99 -14.79 -4.53
CA THR G 426 -4.41 -14.93 -4.95
C THR G 426 -4.76 -16.41 -5.03
N ALA G 427 -5.95 -16.75 -4.55
CA ALA G 427 -6.43 -18.15 -4.60
C ALA G 427 -7.78 -18.16 -5.29
N SER G 428 -7.93 -19.04 -6.26
CA SER G 428 -9.21 -19.20 -6.99
C SER G 428 -9.85 -20.51 -6.56
N PHE G 429 -11.12 -20.45 -6.22
CA PHE G 429 -11.84 -21.63 -5.67
C PHE G 429 -13.14 -21.86 -6.42
N ASP G 430 -13.53 -23.13 -6.48
CA ASP G 430 -14.86 -23.47 -7.03
C ASP G 430 -15.89 -23.41 -5.89
N HIS G 431 -17.11 -23.01 -6.23
CA HIS G 431 -18.16 -22.79 -5.21
C HIS G 431 -19.11 -23.97 -5.07
N LYS G 432 -18.87 -25.08 -5.78
CA LYS G 432 -19.69 -26.29 -5.58
C LYS G 432 -19.09 -27.18 -4.49
N VAL G 433 -17.77 -27.15 -4.33
CA VAL G 433 -17.08 -28.01 -3.33
C VAL G 433 -16.60 -27.17 -2.14
N VAL G 434 -16.45 -25.86 -2.32
CA VAL G 434 -15.89 -24.98 -1.25
C VAL G 434 -16.82 -23.80 -1.06
N ASP G 435 -16.79 -23.23 0.13
CA ASP G 435 -17.56 -22.01 0.44
C ASP G 435 -16.60 -20.88 0.84
N GLY G 436 -17.15 -19.68 1.02
CA GLY G 436 -16.29 -18.54 1.34
C GLY G 436 -15.56 -18.70 2.65
N ALA G 437 -16.26 -19.19 3.68
CA ALA G 437 -15.63 -19.32 5.01
C ALA G 437 -14.49 -20.33 4.95
N VAL G 438 -14.67 -21.42 4.21
CA VAL G 438 -13.63 -22.47 4.11
C VAL G 438 -12.38 -21.87 3.45
N GLY G 439 -12.57 -21.13 2.36
CA GLY G 439 -11.42 -20.50 1.70
C GLY G 439 -10.74 -19.47 2.60
N ALA G 440 -11.54 -18.71 3.34
CA ALA G 440 -10.95 -17.71 4.28
C ALA G 440 -10.12 -18.43 5.35
N GLU G 441 -10.63 -19.52 5.89
CA GLU G 441 -9.86 -20.28 6.89
C GLU G 441 -8.59 -20.84 6.26
N TRP G 442 -8.70 -21.36 5.04
CA TRP G 442 -7.50 -21.89 4.33
C TRP G 442 -6.44 -20.80 4.20
N ILE G 443 -6.86 -19.61 3.79
CA ILE G 443 -5.89 -18.50 3.65
C ILE G 443 -5.29 -18.16 5.02
N ARG G 444 -6.11 -18.21 6.06
CA ARG G 444 -5.59 -17.89 7.41
C ARG G 444 -4.52 -18.91 7.82
N GLU G 445 -4.76 -20.20 7.57
CA GLU G 445 -3.74 -21.20 7.99
C GLU G 445 -2.45 -20.99 7.17
N LEU G 446 -2.59 -20.76 5.87
CA LEU G 446 -1.39 -20.51 5.04
C LEU G 446 -0.62 -19.30 5.57
N LYS G 447 -1.34 -18.21 5.86
CA LYS G 447 -0.67 -16.98 6.35
C LYS G 447 0.05 -17.26 7.67
N LYS G 448 -0.65 -17.88 8.62
CA LYS G 448 -0.05 -18.18 9.93
C LYS G 448 1.23 -19.02 9.76
N VAL G 449 1.18 -19.99 8.85
CA VAL G 449 2.37 -20.86 8.66
C VAL G 449 3.50 -20.06 8.00
N ILE G 450 3.18 -19.11 7.13
CA ILE G 450 4.25 -18.40 6.38
C ILE G 450 4.88 -17.31 7.26
N GLU G 451 4.07 -16.43 7.85
CA GLU G 451 4.63 -15.32 8.66
C GLU G 451 5.48 -15.87 9.81
N ASN G 452 5.02 -16.94 10.47
CA ASN G 452 5.86 -17.62 11.48
C ASN G 452 6.49 -18.83 10.79
N PRO G 453 7.77 -18.81 10.35
CA PRO G 453 8.27 -19.92 9.55
C PRO G 453 8.68 -21.16 10.36
N LEU G 454 9.00 -20.96 11.63
CA LEU G 454 9.45 -22.09 12.49
C LEU G 454 8.34 -23.14 12.57
N GLU G 455 7.08 -22.69 12.47
CA GLU G 455 5.92 -23.62 12.55
C GLU G 455 5.89 -24.58 11.36
N LEU G 456 6.77 -24.39 10.38
CA LEU G 456 6.84 -25.33 9.25
C LEU G 456 7.25 -26.69 9.80
N LEU G 457 8.09 -26.70 10.82
CA LEU G 457 8.50 -27.98 11.47
C LEU G 457 7.23 -28.62 12.06
N LEU G 458 6.45 -27.84 12.81
CA LEU G 458 5.20 -28.36 13.42
C LEU G 458 4.24 -28.80 12.32
N PRO H 264 -2.70 -6.06 42.00
CA PRO H 264 -1.42 -5.48 41.55
C PRO H 264 -0.68 -4.72 42.67
N PRO H 265 0.12 -5.43 43.49
CA PRO H 265 0.86 -4.75 44.55
C PRO H 265 1.83 -3.72 43.98
N VAL H 266 2.02 -2.63 44.74
CA VAL H 266 2.88 -1.53 44.35
C VAL H 266 3.80 -1.18 45.51
N ALA H 267 4.96 -0.60 45.19
CA ALA H 267 5.94 -0.21 46.20
C ALA H 267 6.65 1.07 45.76
N VAL H 268 7.25 1.76 46.73
CA VAL H 268 7.91 3.04 46.52
C VAL H 268 9.38 2.94 46.91
N VAL H 269 10.19 3.79 46.28
CA VAL H 269 11.63 3.90 46.54
C VAL H 269 11.93 5.39 46.72
N THR H 270 12.87 5.70 47.61
CA THR H 270 13.19 7.09 47.97
C THR H 270 14.70 7.26 48.11
N ALA H 271 15.16 8.51 47.93
CA ALA H 271 16.58 8.85 48.08
C ALA H 271 16.76 10.35 48.36
N PRO H 272 17.54 10.76 49.43
CA PRO H 272 17.79 12.19 49.64
C PRO H 272 18.55 12.87 48.50
N ILE H 273 18.72 14.20 48.60
CA ILE H 273 19.37 14.97 47.55
C ILE H 273 19.86 16.28 48.14
N SER H 274 20.91 16.84 47.55
CA SER H 274 21.47 18.15 47.88
C SER H 274 21.66 18.92 46.58
N LEU H 275 21.09 20.13 46.51
CA LEU H 275 21.06 20.93 45.29
C LEU H 275 21.99 22.15 45.36
N SER H 276 22.98 22.14 46.27
CA SER H 276 23.85 23.30 46.43
C SER H 276 24.69 23.55 45.18
N ALA H 277 25.24 22.49 44.59
CA ALA H 277 26.15 22.65 43.46
C ALA H 277 25.44 23.27 42.26
N ALA H 278 24.21 22.85 41.99
CA ALA H 278 23.43 23.44 40.89
C ALA H 278 23.20 24.93 41.12
N ILE H 279 22.91 25.31 42.37
CA ILE H 279 22.76 26.73 42.71
C ILE H 279 24.05 27.48 42.39
N ASP H 280 25.20 26.92 42.79
CA ASP H 280 26.49 27.56 42.55
C ASP H 280 26.72 27.79 41.05
N VAL H 281 26.48 26.75 40.25
CA VAL H 281 26.67 26.87 38.79
C VAL H 281 25.75 27.93 38.22
N GLN H 282 24.48 27.96 38.63
CA GLN H 282 23.54 28.95 38.11
C GLN H 282 23.98 30.36 38.45
N ASN H 283 24.28 30.62 39.74
CA ASN H 283 24.76 31.94 40.15
C ASN H 283 25.99 32.36 39.35
N LYS H 284 26.98 31.47 39.26
CA LYS H 284 28.24 31.83 38.60
C LYS H 284 28.01 32.14 37.13
N LEU H 285 27.19 31.32 36.45
CA LEU H 285 26.88 31.57 35.05
C LEU H 285 26.19 32.92 34.89
N HIS H 286 25.28 33.26 35.80
CA HIS H 286 24.62 34.56 35.77
C HIS H 286 25.58 35.74 35.90
N LYS H 287 26.76 35.55 36.52
CA LYS H 287 27.66 36.67 36.80
C LYS H 287 28.67 36.91 35.70
N THR H 288 28.95 35.90 34.88
CA THR H 288 29.99 35.95 33.87
C THR H 288 29.48 36.17 32.45
N ILE H 289 28.20 35.87 32.16
CA ILE H 289 27.65 35.99 30.82
C ILE H 289 26.33 36.75 30.88
N GLY H 290 25.43 36.31 31.75
CA GLY H 290 24.10 36.89 31.84
C GLY H 290 23.02 35.82 31.79
N VAL H 291 23.37 34.60 31.39
CA VAL H 291 22.38 33.54 31.26
C VAL H 291 21.87 33.17 32.64
N PHE H 292 20.55 33.09 32.78
CA PHE H 292 19.90 32.61 33.98
C PHE H 292 18.84 31.61 33.54
N LEU H 293 18.87 30.42 34.11
CA LEU H 293 17.95 29.34 33.81
C LEU H 293 17.47 28.67 35.09
N PRO H 294 16.31 28.01 35.06
CA PRO H 294 15.74 27.43 36.29
C PRO H 294 16.35 26.06 36.59
N LEU H 295 16.12 25.61 37.82
CA LEU H 295 16.53 24.26 38.22
C LEU H 295 15.86 23.18 37.36
N SER H 296 14.68 23.48 36.79
CA SER H 296 13.88 22.48 36.09
C SER H 296 14.66 21.83 34.95
N THR H 297 15.36 22.63 34.14
CA THR H 297 16.09 22.08 33.01
C THR H 297 17.20 21.14 33.48
N PHE H 298 17.91 21.50 34.56
CA PHE H 298 18.84 20.57 35.19
C PHE H 298 18.15 19.25 35.54
N ILE H 299 16.91 19.32 36.06
CA ILE H 299 16.23 18.09 36.47
C ILE H 299 15.93 17.24 35.25
N THR H 300 15.36 17.85 34.21
CA THR H 300 15.02 17.08 33.01
C THR H 300 16.25 16.55 32.31
N ARG H 301 17.30 17.37 32.18
CA ARG H 301 18.51 16.94 31.48
C ARG H 301 19.19 15.79 32.21
N ALA H 302 19.19 15.83 33.55
CA ALA H 302 19.70 14.70 34.31
C ALA H 302 18.84 13.46 34.06
N THR H 303 17.51 13.64 34.04
CA THR H 303 16.62 12.52 33.74
C THR H 303 16.88 11.93 32.34
N GLU H 304 17.26 12.77 31.36
CA GLU H 304 17.52 12.24 30.02
C GLU H 304 18.79 11.40 30.01
N ILE H 305 19.88 11.92 30.58
CA ILE H 305 21.13 11.15 30.59
C ILE H 305 21.00 9.88 31.44
N ALA H 306 20.06 9.85 32.38
CA ALA H 306 19.93 8.69 33.25
C ALA H 306 19.28 7.52 32.52
N ASN H 307 18.15 7.75 31.87
CA ASN H 307 17.38 6.70 31.20
C ASN H 307 18.06 6.32 29.88
N GLN H 308 19.26 5.73 30.00
CA GLN H 308 20.04 5.23 28.88
C GLN H 308 20.50 3.79 29.09
N LYS H 309 20.85 3.41 30.33
CA LYS H 309 21.46 2.10 30.61
C LYS H 309 20.94 1.65 31.97
N LEU H 310 19.83 0.89 31.95
CA LEU H 310 19.15 0.43 33.16
C LEU H 310 18.93 -1.07 33.01
N PRO H 311 19.22 -1.91 34.05
CA PRO H 311 19.01 -3.35 33.89
C PRO H 311 17.55 -3.72 33.68
N LEU H 312 17.27 -5.00 33.42
CA LEU H 312 15.94 -5.50 33.10
C LEU H 312 15.40 -6.32 34.27
N PRO H 313 14.07 -6.42 34.44
CA PRO H 313 13.54 -7.31 35.47
C PRO H 313 13.94 -8.76 35.25
N ALA H 314 14.17 -9.47 36.36
CA ALA H 314 14.54 -10.87 36.29
C ALA H 314 13.45 -11.76 35.71
N ASN H 315 12.20 -11.28 35.71
CA ASN H 315 11.05 -12.02 35.18
C ASN H 315 10.59 -11.47 33.83
N TYR H 316 11.55 -11.11 32.99
CA TYR H 316 11.28 -10.57 31.66
C TYR H 316 11.03 -11.73 30.69
N GLN H 317 9.95 -11.65 29.91
CA GLN H 317 9.60 -12.64 28.90
C GLN H 317 9.86 -12.10 27.50
N PRO H 318 10.69 -12.77 26.64
CA PRO H 318 10.96 -12.20 25.30
C PRO H 318 9.77 -12.29 24.34
N THR H 319 9.96 -11.76 23.11
CA THR H 319 8.95 -11.77 22.06
C THR H 319 9.37 -12.72 20.94
N ALA H 320 8.51 -12.85 19.93
CA ALA H 320 8.75 -13.82 18.85
C ALA H 320 10.00 -13.48 18.05
N ASP H 321 10.17 -12.20 17.70
CA ASP H 321 11.29 -11.79 16.85
C ASP H 321 12.61 -12.08 17.53
N GLU H 322 12.70 -11.75 18.82
CA GLU H 322 13.90 -11.98 19.61
C GLU H 322 14.30 -13.45 19.60
N LEU H 323 13.34 -14.35 19.91
CA LEU H 323 13.63 -15.78 19.96
C LEU H 323 14.01 -16.31 18.58
N PHE H 324 13.31 -15.85 17.55
CA PHE H 324 13.61 -16.27 16.18
C PHE H 324 15.03 -15.88 15.80
N ASN H 325 15.42 -14.63 16.08
CA ASN H 325 16.78 -14.18 15.76
C ASN H 325 17.83 -14.96 16.53
N GLN H 326 17.54 -15.31 17.78
CA GLN H 326 18.49 -16.17 18.54
C GLN H 326 18.54 -17.54 17.87
N VAL H 327 17.40 -18.22 17.73
CA VAL H 327 17.34 -19.58 17.13
C VAL H 327 18.16 -19.60 15.84
N LEU H 328 18.23 -18.46 15.14
CA LEU H 328 18.96 -18.38 13.86
C LEU H 328 20.47 -18.23 14.14
N GLY H 329 20.90 -17.05 14.59
CA GLY H 329 22.30 -16.82 14.87
C GLY H 329 22.79 -15.42 14.53
N LEU H 330 21.88 -14.43 14.45
CA LEU H 330 22.26 -13.06 14.13
C LEU H 330 22.66 -12.26 15.38
N ASP H 331 21.96 -12.51 16.48
CA ASP H 331 22.17 -11.81 17.74
C ASP H 331 22.47 -12.82 18.85
N LYS H 332 23.45 -13.70 18.58
CA LYS H 332 23.83 -14.74 19.53
C LYS H 332 24.21 -14.16 20.90
N VAL H 333 24.75 -12.94 20.90
CA VAL H 333 24.97 -12.22 22.15
C VAL H 333 23.67 -11.50 22.52
N THR H 334 23.12 -11.84 23.68
CA THR H 334 21.86 -11.28 24.14
C THR H 334 22.10 -9.90 24.75
N ARG H 335 21.02 -9.25 25.17
CA ARG H 335 21.04 -7.92 25.74
C ARG H 335 20.70 -7.99 27.23
N LYS H 336 21.24 -7.04 27.98
CA LYS H 336 21.01 -6.92 29.43
C LYS H 336 20.70 -5.48 29.82
N GLU H 337 20.32 -4.64 28.86
CA GLU H 337 20.00 -3.23 29.10
C GLU H 337 18.78 -2.87 28.27
N SER H 338 18.08 -1.82 28.70
CA SER H 338 16.91 -1.33 27.99
C SER H 338 16.54 0.04 28.53
N ARG H 339 16.18 0.95 27.62
CA ARG H 339 15.84 2.31 27.98
C ARG H 339 14.52 2.33 28.75
N GLY H 340 14.13 3.53 29.18
CA GLY H 340 12.90 3.71 29.92
C GLY H 340 12.43 5.15 29.84
N SER H 341 11.29 5.42 30.48
CA SER H 341 10.67 6.74 30.51
C SER H 341 10.12 6.96 31.92
N TYR H 342 10.97 7.49 32.80
CA TYR H 342 10.61 7.81 34.18
C TYR H 342 10.47 9.32 34.34
N THR H 343 9.74 9.71 35.40
CA THR H 343 9.56 11.11 35.79
C THR H 343 9.62 11.19 37.31
N PRO H 344 10.64 11.85 37.93
CA PRO H 344 10.69 11.84 39.40
C PRO H 344 9.59 12.68 40.04
N THR H 345 9.58 12.70 41.37
CA THR H 345 8.66 13.52 42.16
C THR H 345 9.48 14.54 42.93
N PHE H 346 8.95 15.75 43.03
CA PHE H 346 9.70 16.87 43.60
C PHE H 346 9.99 16.63 45.08
N GLY H 347 10.95 17.39 45.60
CA GLY H 347 11.32 17.37 47.01
C GLY H 347 12.81 17.33 47.26
N SER H 348 13.21 17.83 48.42
CA SER H 348 14.59 17.78 48.91
C SER H 348 14.55 17.69 50.43
N PHE H 349 15.72 17.88 51.06
CA PHE H 349 15.88 17.85 52.52
C PHE H 349 14.79 18.61 53.29
N VAL H 392 12.19 14.17 49.89
CA VAL H 392 13.28 13.60 49.11
C VAL H 392 12.75 13.03 47.80
N PHE H 393 13.65 12.71 46.87
CA PHE H 393 13.20 12.22 45.57
C PHE H 393 12.62 10.82 45.74
N SER H 394 11.37 10.65 45.29
CA SER H 394 10.60 9.44 45.51
C SER H 394 10.01 9.00 44.19
N LEU H 395 9.80 7.69 44.06
CA LEU H 395 9.12 7.14 42.90
C LEU H 395 8.24 5.99 43.37
N GLN H 396 7.13 5.81 42.65
CA GLN H 396 6.14 4.77 42.92
C GLN H 396 6.05 3.90 41.67
N VAL H 397 6.26 2.59 41.84
CA VAL H 397 6.30 1.65 40.71
C VAL H 397 5.89 0.26 41.23
N PRO H 398 5.42 -0.66 40.38
CA PRO H 398 5.14 -2.04 40.85
C PRO H 398 6.38 -2.75 41.38
N LYS H 399 6.15 -3.95 41.91
CA LYS H 399 7.23 -4.69 42.54
C LYS H 399 8.26 -5.17 41.52
N SER H 400 7.80 -5.68 40.36
CA SER H 400 8.72 -6.26 39.37
C SER H 400 9.85 -5.31 38.96
N GLU H 401 9.51 -4.05 38.69
CA GLU H 401 10.49 -3.05 38.18
C GLU H 401 11.12 -2.28 39.34
N GLU H 402 10.52 -2.32 40.52
CA GLU H 402 11.01 -1.55 41.70
C GLU H 402 12.54 -1.48 41.67
N LYS H 403 13.22 -2.61 41.45
CA LYS H 403 14.70 -2.68 41.45
C LYS H 403 15.28 -1.80 40.34
N ARG H 404 14.71 -1.86 39.13
CA ARG H 404 15.20 -1.07 37.97
C ARG H 404 15.04 0.41 38.29
N ALA H 405 13.89 0.78 38.86
CA ALA H 405 13.62 2.19 39.21
C ALA H 405 14.70 2.72 40.14
N GLN H 406 15.36 1.85 40.93
CA GLN H 406 16.39 2.28 41.90
C GLN H 406 17.67 2.67 41.15
N ALA H 407 18.13 1.88 40.19
CA ALA H 407 19.33 2.19 39.38
C ALA H 407 19.20 3.61 38.86
N PHE H 408 17.98 4.03 38.50
CA PHE H 408 17.67 5.38 38.02
C PHE H 408 17.92 6.42 39.10
N LEU H 409 17.38 6.19 40.31
CA LEU H 409 17.57 7.16 41.39
C LEU H 409 19.03 7.36 41.73
N GLN H 410 19.81 6.29 41.84
CA GLN H 410 21.21 6.45 42.22
C GLN H 410 22.03 7.08 41.08
N LYS H 411 21.71 6.74 39.83
CA LYS H 411 22.42 7.32 38.70
C LYS H 411 22.25 8.84 38.68
N MET H 412 21.01 9.31 38.82
CA MET H 412 20.77 10.75 38.91
C MET H 412 21.39 11.33 40.18
N LYS H 413 21.31 10.59 41.29
CA LYS H 413 21.91 11.01 42.56
C LYS H 413 23.42 11.20 42.46
N LEU H 414 24.08 10.48 41.55
CA LEU H 414 25.51 10.64 41.37
C LEU H 414 25.82 11.78 40.42
N VAL H 415 25.14 11.84 39.28
CA VAL H 415 25.45 12.84 38.25
C VAL H 415 25.22 14.24 38.80
N LEU H 416 24.11 14.44 39.53
CA LEU H 416 23.73 15.76 40.00
C LEU H 416 24.60 16.31 41.14
N GLU H 417 25.41 15.42 41.72
CA GLU H 417 26.24 15.80 42.90
C GLU H 417 27.70 15.85 42.48
N GLN H 418 28.09 15.08 41.46
CA GLN H 418 29.50 15.05 40.98
C GLN H 418 29.60 15.58 39.54
N GLU H 419 28.48 15.67 38.84
CA GLU H 419 28.49 16.17 37.43
C GLU H 419 27.35 17.18 37.24
N PRO H 420 27.29 18.31 37.95
CA PRO H 420 26.25 19.30 37.66
C PRO H 420 26.64 20.08 36.40
N ASP H 421 27.93 20.38 36.28
CA ASP H 421 28.45 21.13 35.11
C ASP H 421 28.06 20.43 33.81
N LYS H 422 28.01 19.10 33.82
CA LYS H 422 27.69 18.33 32.60
C LYS H 422 26.37 18.79 32.00
N LEU H 423 25.42 19.21 32.84
CA LEU H 423 24.08 19.63 32.37
C LEU H 423 24.10 21.13 32.01
N VAL H 424 25.08 21.52 31.19
CA VAL H 424 25.18 22.93 30.75
C VAL H 424 25.58 22.93 29.28
N ARG H 425 24.61 23.17 28.39
CA ARG H 425 24.91 23.21 26.93
C ARG H 425 25.43 21.83 26.47
N ALA I 226 17.67 -64.66 59.51
CA ALA I 226 16.44 -63.90 59.26
C ALA I 226 16.44 -63.33 57.84
N TYR I 227 15.39 -63.63 57.09
CA TYR I 227 15.26 -63.20 55.71
C TYR I 227 13.86 -63.58 55.24
N THR I 228 13.53 -63.19 54.01
CA THR I 228 12.25 -63.51 53.38
C THR I 228 12.50 -63.93 51.94
N ASP I 229 11.57 -64.74 51.42
CA ASP I 229 11.62 -65.25 50.06
C ASP I 229 10.27 -65.05 49.39
N VAL I 230 10.30 -64.65 48.12
CA VAL I 230 9.10 -64.38 47.31
C VAL I 230 9.21 -65.20 46.02
N PRO I 231 8.19 -65.97 45.61
CA PRO I 231 8.32 -66.74 44.36
C PRO I 231 8.52 -65.85 43.14
N ILE I 232 9.35 -66.33 42.22
CA ILE I 232 9.63 -65.58 40.99
C ILE I 232 8.37 -65.51 40.14
N SER I 233 8.12 -64.33 39.56
CA SER I 233 6.94 -64.11 38.74
C SER I 233 7.07 -64.80 37.39
N GLY I 234 5.92 -65.12 36.79
CA GLY I 234 5.92 -65.72 35.48
C GLY I 234 6.46 -64.78 34.42
N MET I 235 6.16 -63.49 34.53
CA MET I 235 6.65 -62.50 33.58
C MET I 235 8.11 -62.13 33.79
N ARG I 236 8.68 -62.44 34.94
CA ARG I 236 10.08 -62.04 35.23
C ARG I 236 11.05 -62.97 34.48
N LYS I 237 10.72 -64.25 34.27
CA LYS I 237 11.57 -65.15 33.49
C LYS I 237 11.52 -64.83 32.00
N THR I 238 10.37 -64.38 31.50
CA THR I 238 10.25 -64.04 30.07
C THR I 238 11.22 -62.94 29.67
N ILE I 239 11.50 -61.99 30.57
CA ILE I 239 12.50 -60.95 30.31
C ILE I 239 13.90 -61.38 30.71
N ALA I 240 14.03 -62.21 31.75
CA ALA I 240 15.36 -62.68 32.17
C ALA I 240 16.01 -63.50 31.06
N ALA I 241 15.27 -64.44 30.49
CA ALA I 241 15.79 -65.27 29.40
C ALA I 241 16.19 -64.42 28.21
N ARG I 242 15.35 -63.43 27.87
CA ARG I 242 15.59 -62.55 26.70
C ARG I 242 16.87 -61.74 26.93
N LEU I 243 17.00 -61.09 28.09
CA LEU I 243 18.22 -60.34 28.43
C LEU I 243 19.45 -61.24 28.41
N LYS I 244 19.31 -62.48 28.89
CA LYS I 244 20.45 -63.38 28.92
C LYS I 244 20.82 -63.84 27.52
N GLU I 245 19.84 -63.87 26.61
CA GLU I 245 20.10 -64.25 25.22
C GLU I 245 20.77 -63.11 24.46
N SER I 246 20.40 -61.86 24.77
CA SER I 246 20.95 -60.73 24.03
C SER I 246 22.45 -60.59 24.22
N VAL I 247 22.93 -60.71 25.47
CA VAL I 247 24.34 -60.51 25.76
C VAL I 247 25.20 -61.57 25.07
N THR I 248 24.76 -62.83 25.10
CA THR I 248 25.51 -63.92 24.49
C THR I 248 25.34 -64.01 22.98
N GLU I 249 24.48 -63.19 22.37
CA GLU I 249 24.21 -63.22 20.94
C GLU I 249 24.70 -61.97 20.21
N ASN I 250 24.86 -60.86 20.90
CA ASN I 250 25.25 -59.58 20.29
C ASN I 250 26.46 -59.00 21.01
N PRO I 251 27.66 -59.00 20.43
CA PRO I 251 28.76 -58.22 21.01
C PRO I 251 28.40 -56.75 21.02
N HIS I 252 28.86 -56.04 22.05
CA HIS I 252 28.48 -54.65 22.30
C HIS I 252 29.71 -53.76 22.22
N PHE I 253 29.54 -52.58 21.62
CA PHE I 253 30.54 -51.51 21.76
C PHE I 253 29.82 -50.16 21.80
N PHE I 254 30.35 -49.28 22.64
CA PHE I 254 29.70 -48.02 22.99
C PHE I 254 30.40 -46.83 22.34
N VAL I 255 29.64 -45.75 22.20
CA VAL I 255 30.14 -44.46 21.72
C VAL I 255 29.41 -43.37 22.50
N SER I 256 30.13 -42.30 22.86
CA SER I 256 29.58 -41.23 23.67
C SER I 256 29.84 -39.89 22.99
N THR I 257 28.97 -38.93 23.28
CA THR I 257 29.12 -37.58 22.75
C THR I 257 28.41 -36.60 23.66
N ASN I 258 28.75 -35.32 23.48
CA ASN I 258 28.12 -34.22 24.21
C ASN I 258 27.46 -33.27 23.22
N LEU I 259 26.22 -32.88 23.52
CA LEU I 259 25.41 -32.03 22.65
C LEU I 259 25.02 -30.77 23.40
N SER I 260 25.10 -29.63 22.72
CA SER I 260 24.60 -28.36 23.23
C SER I 260 23.18 -28.15 22.74
N VAL I 261 22.28 -27.79 23.66
CA VAL I 261 20.84 -27.77 23.40
C VAL I 261 20.21 -26.45 23.78
N SER I 262 21.01 -25.37 23.82
CA SER I 262 20.45 -24.06 24.14
C SER I 262 19.52 -23.58 23.04
N LYS I 263 19.97 -23.68 21.79
CA LYS I 263 19.17 -23.24 20.65
C LYS I 263 17.88 -24.03 20.54
N LEU I 264 17.95 -25.34 20.81
CA LEU I 264 16.76 -26.18 20.78
C LEU I 264 15.74 -25.73 21.83
N LEU I 265 16.22 -25.39 23.04
CA LEU I 265 15.32 -24.88 24.06
C LEU I 265 14.69 -23.56 23.64
N LYS I 266 15.47 -22.66 23.04
CA LYS I 266 14.92 -21.40 22.56
C LYS I 266 13.84 -21.65 21.51
N LEU I 267 14.13 -22.57 20.59
CA LEU I 267 13.14 -22.90 19.52
C LEU I 267 11.86 -23.41 20.19
N ARG I 268 12.00 -24.39 21.08
CA ARG I 268 10.83 -24.97 21.75
C ARG I 268 10.01 -23.89 22.46
N GLN I 269 10.69 -22.97 23.15
CA GLN I 269 9.96 -21.88 23.83
C GLN I 269 9.25 -21.00 22.81
N ALA I 270 9.87 -20.78 21.65
CA ALA I 270 9.25 -19.95 20.62
C ALA I 270 8.01 -20.63 20.05
N LEU I 271 8.04 -21.96 19.93
CA LEU I 271 6.95 -22.71 19.31
C LEU I 271 5.89 -23.19 20.30
N ASN I 272 6.14 -23.09 21.60
CA ASN I 272 5.16 -23.47 22.63
C ASN I 272 4.39 -22.27 23.18
N SER I 273 4.64 -21.05 22.66
CA SER I 273 3.91 -19.86 23.05
C SER I 273 3.03 -19.29 21.95
N SER I 274 3.30 -19.61 20.69
CA SER I 274 2.44 -19.19 19.58
C SER I 274 1.23 -20.08 19.40
N ALA I 275 1.00 -21.05 20.28
CA ALA I 275 -0.15 -21.95 20.24
C ALA I 275 -1.20 -21.51 21.25
N ASP I 276 -2.42 -22.00 21.05
CA ASP I 276 -3.58 -21.65 21.88
C ASP I 276 -4.02 -22.79 22.79
N GLY I 277 -3.34 -23.94 22.75
CA GLY I 277 -3.73 -25.11 23.51
C GLY I 277 -3.78 -26.39 22.68
N ARG I 278 -3.48 -26.29 21.39
CA ARG I 278 -3.56 -27.45 20.50
C ARG I 278 -2.56 -28.53 20.90
N TYR I 279 -1.33 -28.13 21.26
CA TYR I 279 -0.25 -29.08 21.47
C TYR I 279 0.71 -28.55 22.53
N LYS I 280 1.70 -29.37 22.84
CA LYS I 280 2.82 -28.97 23.70
C LYS I 280 3.96 -29.96 23.46
N LEU I 281 5.14 -29.43 23.16
CA LEU I 281 6.26 -30.21 22.67
C LEU I 281 7.25 -30.55 23.79
N SER I 282 8.24 -31.36 23.44
CA SER I 282 9.28 -31.78 24.39
C SER I 282 10.53 -32.14 23.59
N VAL I 283 11.62 -32.36 24.32
CA VAL I 283 12.92 -32.61 23.69
C VAL I 283 12.91 -33.95 22.97
N ASN I 284 12.22 -34.94 23.53
CA ASN I 284 12.24 -36.31 22.99
C ASN I 284 11.77 -36.34 21.54
N ASP I 285 10.75 -35.54 21.20
CA ASP I 285 10.27 -35.51 19.83
C ASP I 285 11.35 -35.00 18.88
N PHE I 286 12.05 -33.93 19.28
CA PHE I 286 13.15 -33.41 18.48
C PHE I 286 14.22 -34.48 18.27
N LEU I 287 14.58 -35.19 19.34
CA LEU I 287 15.60 -36.22 19.24
C LEU I 287 15.14 -37.36 18.33
N ILE I 288 13.86 -37.73 18.42
CA ILE I 288 13.31 -38.78 17.56
C ILE I 288 13.40 -38.39 16.09
N LYS I 289 12.99 -37.16 15.76
CA LYS I 289 13.05 -36.71 14.37
C LYS I 289 14.48 -36.65 13.87
N ALA I 290 15.40 -36.10 14.68
CA ALA I 290 16.80 -36.03 14.29
C ALA I 290 17.37 -37.44 14.10
N MET I 291 16.94 -38.36 14.96
CA MET I 291 17.39 -39.76 14.81
C MET I 291 16.94 -40.24 13.42
N GLY I 292 15.67 -40.04 13.09
CA GLY I 292 15.17 -40.47 11.79
C GLY I 292 16.00 -39.94 10.63
N ILE I 293 16.34 -38.65 10.68
CA ILE I 293 17.13 -38.04 9.61
C ILE I 293 18.51 -38.69 9.55
N ALA I 294 19.16 -38.85 10.71
CA ALA I 294 20.49 -39.46 10.75
C ALA I 294 20.44 -40.90 10.24
N SER I 295 19.40 -41.64 10.60
CA SER I 295 19.20 -42.98 10.05
C SER I 295 19.10 -42.94 8.53
N LYS I 296 18.40 -41.94 8.00
CA LYS I 296 18.24 -41.85 6.55
C LYS I 296 19.58 -41.60 5.87
N ARG I 297 20.41 -40.73 6.46
CA ARG I 297 21.69 -40.42 5.84
C ARG I 297 22.64 -41.61 5.87
N VAL I 298 22.65 -42.35 6.97
CA VAL I 298 23.48 -43.55 7.14
C VAL I 298 22.54 -44.75 7.31
N PRO I 299 22.22 -45.47 6.23
CA PRO I 299 21.22 -46.55 6.35
C PRO I 299 21.74 -47.86 6.92
N THR I 300 23.07 -48.02 7.07
CA THR I 300 23.61 -49.29 7.55
C THR I 300 23.16 -49.61 8.98
N VAL I 301 22.75 -48.62 9.76
CA VAL I 301 22.29 -48.89 11.12
C VAL I 301 20.82 -49.32 11.12
N ASN I 302 20.06 -48.92 10.10
CA ASN I 302 18.65 -49.30 9.95
C ASN I 302 18.54 -50.68 9.28
N SER I 303 19.13 -51.68 9.93
CA SER I 303 19.24 -53.03 9.39
C SER I 303 19.01 -54.05 10.50
N SER I 304 19.11 -55.32 10.14
CA SER I 304 18.90 -56.41 11.08
C SER I 304 19.65 -57.65 10.61
N TRP I 305 19.91 -58.55 11.56
CA TRP I 305 20.66 -59.79 11.35
C TRP I 305 19.71 -60.96 11.52
N ARG I 306 19.44 -61.66 10.42
CA ARG I 306 18.56 -62.83 10.39
C ARG I 306 19.44 -64.09 10.34
N ASP I 307 18.80 -65.24 10.12
CA ASP I 307 19.47 -66.55 10.20
C ASP I 307 20.71 -66.62 9.31
N GLY I 308 20.56 -66.28 8.03
CA GLY I 308 21.65 -66.37 7.06
C GLY I 308 21.67 -65.26 6.04
N VAL I 309 21.02 -64.14 6.34
CA VAL I 309 20.93 -63.02 5.40
C VAL I 309 20.73 -61.74 6.19
N ILE I 310 21.19 -60.62 5.62
CA ILE I 310 21.06 -59.31 6.23
C ILE I 310 19.79 -58.68 5.71
N ARG I 311 19.07 -57.97 6.59
CA ARG I 311 17.82 -57.28 6.25
C ARG I 311 18.07 -55.78 6.31
N GLN I 312 17.75 -55.10 5.21
CA GLN I 312 17.90 -53.64 5.10
C GLN I 312 16.54 -53.03 4.80
N PHE I 313 16.14 -52.06 5.61
CA PHE I 313 14.84 -51.42 5.53
C PHE I 313 14.95 -50.09 4.78
N GLU I 314 13.79 -49.45 4.59
CA GLU I 314 13.70 -48.12 4.01
C GLU I 314 12.76 -47.19 4.78
N THR I 315 12.11 -47.69 5.84
CA THR I 315 11.22 -46.92 6.69
C THR I 315 11.75 -47.01 8.11
N VAL I 316 11.68 -45.90 8.84
CA VAL I 316 12.25 -45.79 10.18
C VAL I 316 11.12 -45.89 11.19
N ASP I 317 11.20 -46.92 12.04
CA ASP I 317 10.30 -47.11 13.17
C ASP I 317 11.13 -47.09 14.44
N VAL I 318 10.68 -46.31 15.42
CA VAL I 318 11.44 -46.03 16.64
C VAL I 318 10.67 -46.61 17.81
N SER I 319 11.39 -47.24 18.74
CA SER I 319 10.82 -47.83 19.94
C SER I 319 11.15 -46.96 21.14
N VAL I 320 10.11 -46.50 21.84
CA VAL I 320 10.23 -45.67 23.03
C VAL I 320 9.91 -46.55 24.24
N ALA I 321 10.58 -46.27 25.34
CA ALA I 321 10.45 -47.05 26.57
C ALA I 321 9.58 -46.30 27.57
N VAL I 322 8.56 -46.98 28.10
CA VAL I 322 7.66 -46.43 29.10
C VAL I 322 7.71 -47.33 30.33
N ALA I 323 7.95 -46.72 31.48
CA ALA I 323 8.09 -47.44 32.75
C ALA I 323 6.78 -47.36 33.53
N THR I 324 6.34 -48.50 34.05
CA THR I 324 5.12 -48.63 34.83
C THR I 324 5.44 -49.57 35.99
N PRO I 325 4.66 -49.52 37.07
CA PRO I 325 4.95 -50.45 38.20
C PRO I 325 4.88 -51.92 37.80
N ASN I 326 4.05 -52.26 36.82
CA ASN I 326 3.97 -53.64 36.38
C ASN I 326 5.18 -54.06 35.55
N GLY I 327 5.97 -53.11 35.05
CA GLY I 327 7.16 -53.44 34.29
C GLY I 327 7.45 -52.36 33.26
N LEU I 328 8.27 -52.73 32.28
CA LEU I 328 8.73 -51.85 31.22
C LEU I 328 8.06 -52.27 29.91
N ILE I 329 7.44 -51.33 29.21
CA ILE I 329 6.72 -51.66 27.95
C ILE I 329 7.64 -51.22 26.81
N THR I 330 7.14 -51.18 25.58
CA THR I 330 7.93 -50.79 24.38
C THR I 330 6.99 -50.27 23.30
N PRO I 331 6.22 -49.19 23.53
CA PRO I 331 5.38 -48.61 22.49
C PRO I 331 6.19 -48.35 21.21
N ILE I 332 5.54 -48.15 20.07
CA ILE I 332 6.20 -47.97 18.77
C ILE I 332 5.58 -46.75 18.08
N VAL I 333 6.40 -46.06 17.30
CA VAL I 333 5.99 -44.95 16.44
C VAL I 333 6.42 -45.27 15.03
N LYS I 334 5.53 -45.08 14.06
CA LYS I 334 5.72 -45.45 12.67
C LYS I 334 5.72 -44.23 11.77
N GLY I 335 6.46 -44.33 10.67
CA GLY I 335 6.49 -43.25 9.69
C GLY I 335 7.05 -41.96 10.23
N VAL I 336 8.14 -42.04 11.00
CA VAL I 336 8.74 -40.84 11.58
C VAL I 336 9.36 -39.93 10.52
N GLU I 337 10.01 -40.52 9.53
CA GLU I 337 10.71 -39.74 8.46
C GLU I 337 9.72 -38.74 7.86
N GLY I 338 8.55 -39.20 7.44
CA GLY I 338 7.52 -38.37 6.83
C GLY I 338 6.45 -37.93 7.82
N LYS I 339 6.84 -37.15 8.83
CA LYS I 339 5.93 -36.79 9.91
C LYS I 339 6.42 -35.49 10.54
N GLY I 340 5.54 -34.89 11.35
CA GLY I 340 5.83 -33.68 12.08
C GLY I 340 5.82 -33.94 13.58
N LEU I 341 6.20 -32.90 14.32
CA LEU I 341 6.36 -33.01 15.76
C LEU I 341 5.03 -33.28 16.46
N GLU I 342 3.96 -32.61 16.00
CA GLU I 342 2.66 -32.72 16.64
C GLU I 342 2.15 -34.16 16.63
N SER I 343 2.20 -34.82 15.47
CA SER I 343 1.73 -36.20 15.36
C SER I 343 2.56 -37.13 16.24
N ILE I 344 3.88 -36.93 16.26
CA ILE I 344 4.76 -37.76 17.07
C ILE I 344 4.40 -37.63 18.54
N SER I 345 4.18 -36.40 19.00
CA SER I 345 3.82 -36.18 20.41
C SER I 345 2.48 -36.81 20.73
N ALA I 346 1.49 -36.62 19.86
CA ALA I 346 0.16 -37.18 20.10
C ALA I 346 0.20 -38.70 20.16
N ALA I 347 0.95 -39.32 19.24
CA ALA I 347 1.07 -40.78 19.26
C ALA I 347 1.78 -41.26 20.52
N VAL I 348 2.90 -40.63 20.88
CA VAL I 348 3.67 -41.04 22.05
C VAL I 348 2.83 -40.90 23.32
N LYS I 349 1.89 -39.96 23.35
CA LYS I 349 1.12 -39.74 24.58
C LYS I 349 -0.09 -40.65 24.63
N GLU I 350 -0.77 -40.86 23.50
CA GLU I 350 -1.84 -41.84 23.44
C GLU I 350 -1.33 -43.22 23.82
N LEU I 351 -0.19 -43.63 23.24
CA LEU I 351 0.37 -44.94 23.54
C LEU I 351 0.83 -45.02 24.99
N ALA I 352 1.41 -43.94 25.53
CA ALA I 352 1.82 -43.97 26.93
C ALA I 352 0.61 -44.16 27.84
N LYS I 353 -0.49 -43.46 27.54
CA LYS I 353 -1.71 -43.61 28.34
C LYS I 353 -2.23 -45.05 28.27
N LYS I 354 -2.32 -45.62 27.07
CA LYS I 354 -2.82 -46.99 26.95
C LYS I 354 -1.87 -47.99 27.62
N ALA I 355 -0.56 -47.75 27.54
CA ALA I 355 0.39 -48.62 28.24
C ALA I 355 0.18 -48.55 29.75
N ARG I 356 -0.05 -47.35 30.28
CA ARG I 356 -0.27 -47.22 31.71
C ARG I 356 -1.59 -47.87 32.12
N ASP I 357 -2.61 -47.81 31.27
CA ASP I 357 -3.91 -48.36 31.58
C ASP I 357 -4.04 -49.84 31.23
N GLY I 358 -2.99 -50.47 30.67
CA GLY I 358 -2.98 -51.90 30.47
C GLY I 358 -4.01 -52.46 29.51
N LYS I 359 -4.17 -51.83 28.34
CA LYS I 359 -5.03 -52.33 27.26
C LYS I 359 -4.30 -52.25 25.93
N LEU I 360 -3.04 -52.69 25.92
CA LEU I 360 -2.18 -52.58 24.76
C LEU I 360 -2.25 -53.87 23.95
N LYS I 361 -2.51 -53.74 22.66
CA LYS I 361 -2.53 -54.86 21.75
C LYS I 361 -1.11 -55.40 21.53
N PRO I 362 -0.95 -56.69 21.21
CA PRO I 362 0.42 -57.20 21.02
C PRO I 362 1.14 -56.66 19.78
N GLU I 363 0.46 -56.55 18.66
CA GLU I 363 1.07 -56.05 17.40
C GLU I 363 1.70 -54.68 17.63
N GLU I 364 1.20 -53.87 18.57
CA GLU I 364 1.67 -52.51 18.76
C GLU I 364 3.06 -52.45 19.40
N TYR I 365 3.56 -53.54 20.04
CA TYR I 365 4.94 -53.55 20.57
C TYR I 365 5.65 -54.85 20.16
N GLN I 366 5.98 -54.98 18.87
CA GLN I 366 6.59 -56.21 18.36
C GLN I 366 7.97 -55.98 17.74
N GLY I 367 8.14 -54.98 16.88
CA GLY I 367 9.41 -54.78 16.22
C GLY I 367 9.62 -53.36 15.73
N GLY I 368 10.88 -52.93 15.74
CA GLY I 368 11.31 -51.65 15.25
C GLY I 368 12.69 -51.79 14.63
N SER I 369 13.36 -50.66 14.43
CA SER I 369 14.74 -50.62 13.92
C SER I 369 15.70 -50.05 14.93
N ILE I 370 15.29 -49.06 15.73
CA ILE I 370 16.12 -48.40 16.71
C ILE I 370 15.26 -48.21 17.97
N SER I 371 15.92 -48.16 19.12
CA SER I 371 15.28 -47.97 20.42
C SER I 371 15.95 -46.80 21.15
N ILE I 372 15.14 -46.05 21.91
CA ILE I 372 15.58 -44.87 22.62
C ILE I 372 15.17 -44.99 24.09
N SER I 373 16.01 -44.45 24.97
CA SER I 373 15.71 -44.36 26.39
C SER I 373 16.17 -42.99 26.89
N ASN I 374 15.34 -42.37 27.73
CA ASN I 374 15.60 -41.05 28.29
C ASN I 374 15.43 -41.12 29.80
N MET I 375 16.31 -40.44 30.53
CA MET I 375 16.22 -40.33 31.99
C MET I 375 16.53 -38.89 32.43
N GLY I 376 16.04 -37.90 31.69
CA GLY I 376 16.23 -36.51 32.06
C GLY I 376 15.34 -36.01 33.18
N MET I 377 14.37 -36.79 33.65
CA MET I 377 13.54 -36.33 34.76
C MET I 377 14.29 -36.35 36.09
N ASN I 378 15.37 -37.12 36.19
CA ASN I 378 16.16 -37.24 37.41
C ASN I 378 17.48 -36.51 37.22
N PRO I 379 17.79 -35.43 37.96
CA PRO I 379 19.05 -34.71 37.72
C PRO I 379 20.30 -35.48 38.14
N ALA I 380 20.17 -36.61 38.84
CA ALA I 380 21.32 -37.33 39.36
C ALA I 380 21.90 -38.36 38.39
N VAL I 381 21.38 -38.44 37.17
CA VAL I 381 21.84 -39.40 36.17
C VAL I 381 22.57 -38.60 35.10
N GLN I 382 23.90 -38.69 35.11
CA GLN I 382 24.71 -37.98 34.12
C GLN I 382 24.84 -38.79 32.84
N SER I 383 25.16 -40.07 32.96
CA SER I 383 25.30 -40.96 31.82
C SER I 383 25.05 -42.38 32.27
N PHE I 384 24.55 -43.21 31.36
CA PHE I 384 24.26 -44.60 31.66
C PHE I 384 24.23 -45.40 30.37
N THR I 385 24.17 -46.72 30.52
CA THR I 385 24.24 -47.67 29.42
C THR I 385 22.90 -48.39 29.33
N ALA I 386 22.65 -49.03 28.17
CA ALA I 386 21.45 -49.81 27.95
C ALA I 386 21.78 -51.03 27.11
N ILE I 387 20.92 -52.05 27.21
CA ILE I 387 21.08 -53.31 26.50
C ILE I 387 20.28 -53.23 25.20
N ILE I 388 20.81 -53.86 24.15
CA ILE I 388 20.17 -53.85 22.83
C ILE I 388 19.09 -54.93 22.81
N ASN I 389 17.98 -54.65 22.11
CA ASN I 389 16.92 -55.62 21.95
C ASN I 389 17.35 -56.73 20.98
N PRO I 390 16.71 -57.89 21.03
CA PRO I 390 17.23 -59.07 20.27
C PRO I 390 17.31 -58.82 18.77
N PRO I 391 16.22 -58.43 18.09
CA PRO I 391 16.30 -58.33 16.63
C PRO I 391 16.93 -57.05 16.12
N GLN I 392 17.18 -56.05 16.99
CA GLN I 392 17.69 -54.75 16.60
C GLN I 392 19.20 -54.72 16.76
N ALA I 393 19.81 -53.67 16.18
CA ALA I 393 21.26 -53.55 16.08
C ALA I 393 21.78 -52.23 16.64
N ALA I 394 20.99 -51.51 17.43
CA ALA I 394 21.44 -50.25 18.01
C ALA I 394 20.45 -49.80 19.06
N ILE I 395 20.95 -49.01 20.02
CA ILE I 395 20.08 -48.37 21.02
C ILE I 395 20.76 -47.09 21.48
N LEU I 396 19.94 -46.09 21.83
CA LEU I 396 20.40 -44.78 22.27
C LEU I 396 19.90 -44.49 23.68
N ALA I 397 20.77 -43.92 24.50
CA ALA I 397 20.49 -43.54 25.88
C ALA I 397 20.81 -42.07 26.05
N VAL I 398 19.87 -41.34 26.65
CA VAL I 398 19.97 -39.89 26.86
C VAL I 398 20.04 -39.64 28.35
N GLY I 399 20.89 -38.71 28.76
CA GLY I 399 21.05 -38.33 30.14
C GLY I 399 20.32 -37.04 30.46
N ALA I 400 20.70 -36.45 31.62
CA ALA I 400 20.09 -35.21 32.12
C ALA I 400 20.98 -34.02 31.78
N PRO I 401 20.43 -32.81 31.66
CA PRO I 401 21.27 -31.66 31.29
C PRO I 401 22.18 -31.23 32.43
N GLN I 402 23.21 -30.47 32.07
CA GLN I 402 24.17 -29.96 33.03
C GLN I 402 24.76 -28.69 32.43
N LYS I 403 25.55 -27.97 33.22
CA LYS I 403 26.14 -26.69 32.80
C LYS I 403 27.66 -26.77 32.83
N VAL I 404 28.30 -26.23 31.79
CA VAL I 404 29.74 -26.22 31.64
C VAL I 404 30.22 -24.87 31.10
N ALA I 405 31.49 -24.56 31.39
CA ALA I 405 32.13 -23.35 30.91
C ALA I 405 32.72 -23.55 29.52
N VAL I 406 32.58 -22.54 28.67
CA VAL I 406 33.11 -22.55 27.31
C VAL I 406 33.80 -21.22 27.03
N PRO I 407 34.76 -21.19 26.09
CA PRO I 407 35.42 -19.92 25.75
C PRO I 407 34.68 -19.12 24.68
N VAL I 408 34.59 -17.82 24.91
CA VAL I 408 33.96 -16.88 23.99
C VAL I 408 34.95 -15.78 23.64
N GLU I 409 35.07 -15.47 22.35
CA GLU I 409 35.98 -14.43 21.86
C GLU I 409 35.24 -13.09 21.91
N ASN I 410 35.40 -12.39 23.03
CA ASN I 410 34.78 -11.08 23.20
C ASN I 410 35.30 -10.11 22.15
N GLU I 411 34.40 -9.23 21.68
CA GLU I 411 34.73 -8.30 20.61
C GLU I 411 35.90 -7.37 20.95
N ASP I 412 36.20 -7.17 22.24
CA ASP I 412 37.33 -6.33 22.64
C ASP I 412 38.67 -6.95 22.28
N GLY I 413 38.72 -8.24 21.93
CA GLY I 413 39.96 -8.90 21.54
C GLY I 413 40.57 -9.74 22.65
N THR I 414 39.74 -10.40 23.44
CA THR I 414 40.18 -11.24 24.56
C THR I 414 39.33 -12.50 24.56
N THR I 415 39.48 -13.30 25.62
CA THR I 415 38.75 -14.55 25.80
C THR I 415 38.04 -14.49 27.15
N GLY I 416 36.75 -14.84 27.14
CA GLY I 416 35.93 -14.84 28.34
C GLY I 416 35.21 -16.15 28.52
N VAL I 417 34.51 -16.25 29.65
CA VAL I 417 33.84 -17.46 30.09
C VAL I 417 32.34 -17.30 29.80
N SER I 418 31.76 -18.29 29.15
CA SER I 418 30.31 -18.38 28.95
C SER I 418 29.84 -19.71 29.50
N TRP I 419 28.57 -19.76 29.89
CA TRP I 419 27.97 -20.93 30.53
C TRP I 419 26.98 -21.56 29.56
N ASP I 420 27.38 -22.70 28.99
CA ASP I 420 26.54 -23.45 28.08
C ASP I 420 25.89 -24.60 28.83
N GLU I 421 24.74 -25.05 28.34
CA GLU I 421 24.04 -26.21 28.87
C GLU I 421 24.18 -27.36 27.88
N GLN I 422 24.56 -28.53 28.40
CA GLN I 422 24.90 -29.70 27.58
C GLN I 422 24.20 -30.94 28.12
N ILE I 423 24.04 -31.93 27.24
CA ILE I 423 23.61 -33.28 27.60
C ILE I 423 24.65 -34.24 27.03
N ILE I 424 24.74 -35.41 27.66
CA ILE I 424 25.66 -36.48 27.26
C ILE I 424 24.82 -37.63 26.74
N VAL I 425 25.09 -38.04 25.50
CA VAL I 425 24.33 -39.06 24.79
C VAL I 425 25.26 -40.26 24.57
N THR I 426 24.76 -41.45 24.90
CA THR I 426 25.48 -42.70 24.71
C THR I 426 24.72 -43.57 23.72
N ALA I 427 25.46 -44.24 22.83
CA ALA I 427 24.89 -45.12 21.82
C ALA I 427 25.61 -46.46 21.90
N SER I 428 24.84 -47.54 21.95
CA SER I 428 25.37 -48.90 21.99
C SER I 428 25.06 -49.57 20.67
N PHE I 429 26.07 -50.21 20.08
CA PHE I 429 26.00 -50.77 18.74
C PHE I 429 26.51 -52.21 18.77
N ASP I 430 25.93 -53.03 17.90
CA ASP I 430 26.43 -54.37 17.62
C ASP I 430 27.51 -54.29 16.55
N HIS I 431 28.51 -55.16 16.68
CA HIS I 431 29.69 -55.15 15.82
C HIS I 431 29.64 -56.17 14.69
N LYS I 432 28.54 -56.90 14.53
CA LYS I 432 28.34 -57.78 13.38
C LYS I 432 27.69 -57.05 12.21
N VAL I 433 26.84 -56.06 12.48
CA VAL I 433 26.15 -55.30 11.45
C VAL I 433 26.74 -53.90 11.27
N VAL I 434 27.47 -53.37 12.26
CA VAL I 434 27.96 -52.00 12.26
C VAL I 434 29.44 -52.06 12.61
N ASP I 435 30.19 -51.04 12.17
CA ASP I 435 31.59 -50.85 12.51
C ASP I 435 31.76 -49.52 13.22
N GLY I 436 32.99 -49.28 13.71
CA GLY I 436 33.26 -48.08 14.48
C GLY I 436 33.06 -46.82 13.67
N ALA I 437 33.55 -46.80 12.42
CA ALA I 437 33.44 -45.61 11.60
C ALA I 437 31.99 -45.28 11.30
N VAL I 438 31.16 -46.30 11.06
CA VAL I 438 29.75 -46.08 10.76
C VAL I 438 29.06 -45.43 11.96
N GLY I 439 29.31 -45.96 13.16
CA GLY I 439 28.74 -45.37 14.36
C GLY I 439 29.22 -43.95 14.60
N ALA I 440 30.51 -43.68 14.34
CA ALA I 440 31.03 -42.33 14.50
C ALA I 440 30.35 -41.37 13.53
N GLU I 441 30.17 -41.79 12.28
CA GLU I 441 29.45 -40.94 11.32
C GLU I 441 28.01 -40.72 11.76
N TRP I 442 27.34 -41.76 12.26
CA TRP I 442 25.97 -41.64 12.76
C TRP I 442 25.90 -40.58 13.86
N ILE I 443 26.84 -40.64 14.81
CA ILE I 443 26.86 -39.66 15.90
C ILE I 443 27.09 -38.27 15.33
N ARG I 444 27.97 -38.15 14.33
CA ARG I 444 28.22 -36.85 13.72
C ARG I 444 26.95 -36.26 13.08
N GLU I 445 26.20 -37.08 12.34
CA GLU I 445 24.97 -36.55 11.71
C GLU I 445 23.97 -36.13 12.78
N LEU I 446 23.78 -36.95 13.82
CA LEU I 446 22.89 -36.59 14.91
C LEU I 446 23.30 -35.26 15.55
N LYS I 447 24.59 -35.11 15.84
CA LYS I 447 25.07 -33.88 16.46
C LYS I 447 24.82 -32.67 15.57
N LYS I 448 25.21 -32.77 14.30
CA LYS I 448 25.00 -31.67 13.35
C LYS I 448 23.52 -31.28 13.28
N VAL I 449 22.62 -32.26 13.28
CA VAL I 449 21.20 -31.94 13.22
C VAL I 449 20.71 -31.28 14.51
N ILE I 450 21.28 -31.66 15.66
CA ILE I 450 20.79 -31.14 16.94
C ILE I 450 21.31 -29.73 17.20
N GLU I 451 22.64 -29.53 17.13
CA GLU I 451 23.22 -28.22 17.41
C GLU I 451 22.65 -27.13 16.50
N ASN I 452 22.47 -27.43 15.21
CA ASN I 452 21.75 -26.54 14.30
C ASN I 452 20.32 -27.05 14.16
N PRO I 453 19.32 -26.43 14.82
CA PRO I 453 17.99 -27.05 14.84
C PRO I 453 17.17 -26.79 13.60
N LEU I 454 17.45 -25.68 12.90
CA LEU I 454 16.67 -25.31 11.70
C LEU I 454 16.77 -26.45 10.68
N GLU I 455 17.92 -27.13 10.62
CA GLU I 455 18.14 -28.21 9.67
C GLU I 455 17.18 -29.39 9.86
N LEU I 456 16.34 -29.35 10.90
CA LEU I 456 15.26 -30.32 11.03
C LEU I 456 14.21 -30.18 9.92
N LEU I 457 14.19 -29.05 9.19
CA LEU I 457 13.20 -28.91 8.13
C LEU I 457 13.52 -29.82 6.95
N LEU I 458 14.66 -29.62 6.31
CA LEU I 458 15.07 -30.49 5.21
C LEU I 458 15.40 -31.89 5.74
#